data_5J5H
#
_entry.id   5J5H
#
_cell.length_a   107.726
_cell.length_b   130.443
_cell.length_c   107.689
_cell.angle_alpha   90.000
_cell.angle_beta   103.320
_cell.angle_gamma   90.000
#
_symmetry.space_group_name_H-M   'P 1 21 1'
#
loop_
_entity.id
_entity.type
_entity.pdbx_description
1 polymer 'Acetylcholine-binding protein'
2 non-polymer 6-(2-methoxyphenyl)-N~4~,N~4~-bis[(pyridin-2-yl)methyl]pyrimidine-2,4-diamine
3 non-polymer 2-acetamido-2-deoxy-beta-D-glucopyranose
4 non-polymer 'PHOSPHATE ION'
5 water water
#
_entity_poly.entity_id   1
_entity_poly.type   'polypeptide(L)'
_entity_poly.pdbx_seq_one_letter_code
;DYKDDDDKLDRADILYNIRQTSRPDVIPTQRDRPVAVSVSLKFINILEVNEITNEVDVVFWQQTTWSDRTLAWNSSHSPD
QVSVPISSLWVPDLAAYNAISKPEVLTPQLARVVSDGEVLYMPSIRQRFSCDVSGVDTESGATCRIKIGSWTHHSREISV
DPTTENSDDSEYFSQYSRFEILDVTQKKNSVTYSCCPEAYEDVEVSLNFRKKGRSEIL
;
_entity_poly.pdbx_strand_id   A,B,C,D,E,F,G,H,I,J
#
loop_
_chem_comp.id
_chem_comp.type
_chem_comp.name
_chem_comp.formula
6GK non-polymer 6-(2-methoxyphenyl)-N~4~,N~4~-bis[(pyridin-2-yl)methyl]pyrimidine-2,4-diamine 'C23 H22 N6 O'
NAG D-saccharide, beta linking 2-acetamido-2-deoxy-beta-D-glucopyranose 'C8 H15 N O6'
PO4 non-polymer 'PHOSPHATE ION' 'O4 P -3'
#
# COMPACT_ATOMS: atom_id res chain seq x y z
N ASP A 5 -24.19 -18.51 -15.91
CA ASP A 5 -25.32 -17.85 -15.27
C ASP A 5 -24.87 -16.46 -14.76
N ASP A 6 -25.83 -15.54 -14.62
CA ASP A 6 -25.53 -14.09 -14.57
C ASP A 6 -25.79 -13.33 -13.25
N ASP A 7 -25.77 -13.97 -12.08
CA ASP A 7 -25.95 -13.16 -10.88
C ASP A 7 -24.61 -12.49 -10.52
N LYS A 8 -24.56 -11.19 -10.77
CA LYS A 8 -23.33 -10.41 -10.78
C LYS A 8 -22.46 -10.62 -9.54
N LEU A 9 -23.14 -10.68 -8.40
CA LEU A 9 -22.49 -10.85 -7.11
C LEU A 9 -21.69 -12.16 -7.04
N ASP A 10 -22.27 -13.23 -7.58
CA ASP A 10 -21.55 -14.49 -7.60
C ASP A 10 -20.28 -14.30 -8.38
N ARG A 11 -20.35 -13.53 -9.46
CA ARG A 11 -19.21 -13.42 -10.35
C ARG A 11 -18.07 -12.63 -9.69
N ALA A 12 -18.41 -11.57 -8.96
CA ALA A 12 -17.37 -10.74 -8.36
C ALA A 12 -16.66 -11.52 -7.28
N ASP A 13 -17.40 -12.42 -6.65
CA ASP A 13 -16.87 -13.26 -5.58
C ASP A 13 -16.03 -14.40 -6.11
N ILE A 14 -16.36 -14.90 -7.30
CA ILE A 14 -15.60 -15.97 -7.89
C ILE A 14 -14.25 -15.41 -8.34
N LEU A 15 -14.26 -14.18 -8.80
CA LEU A 15 -13.04 -13.56 -9.28
C LEU A 15 -12.11 -13.20 -8.10
N TYR A 16 -12.71 -12.80 -6.98
CA TYR A 16 -12.03 -12.62 -5.70
C TYR A 16 -11.42 -13.93 -5.18
N ASN A 17 -12.20 -15.00 -5.23
CA ASN A 17 -11.68 -16.30 -4.91
C ASN A 17 -10.48 -16.67 -5.80
N ILE A 18 -10.60 -16.44 -7.11
CA ILE A 18 -9.52 -16.80 -8.02
C ILE A 18 -8.28 -15.96 -7.69
N ARG A 19 -8.44 -14.67 -7.45
CA ARG A 19 -7.27 -13.85 -7.19
C ARG A 19 -6.60 -14.15 -5.83
N GLN A 20 -7.31 -14.87 -4.95
CA GLN A 20 -6.75 -15.27 -3.68
C GLN A 20 -5.87 -16.52 -3.84
N THR A 21 -6.33 -17.46 -4.66
CA THR A 21 -5.68 -18.75 -4.85
C THR A 21 -4.69 -18.73 -6.00
N SER A 22 -4.93 -17.84 -6.96
CA SER A 22 -4.12 -17.82 -8.17
C SER A 22 -2.69 -17.44 -7.86
N ARG A 23 -1.78 -18.26 -8.33
CA ARG A 23 -0.39 -17.93 -8.25
C ARG A 23 0.08 -17.79 -9.70
N PRO A 24 0.08 -16.55 -10.20
CA PRO A 24 0.31 -16.24 -11.62
C PRO A 24 1.69 -16.60 -12.13
N ASP A 25 2.67 -16.80 -11.23
CA ASP A 25 4.03 -17.16 -11.64
C ASP A 25 4.38 -18.61 -11.34
N VAL A 26 3.50 -19.31 -10.64
CA VAL A 26 3.81 -20.66 -10.22
C VAL A 26 3.00 -21.68 -11.00
N ILE A 27 3.69 -22.72 -11.47
CA ILE A 27 3.00 -23.74 -12.24
C ILE A 27 2.07 -24.52 -11.33
N PRO A 28 0.85 -24.78 -11.82
CA PRO A 28 -0.23 -25.52 -11.16
C PRO A 28 -0.07 -27.02 -11.22
N THR A 29 1.10 -27.50 -10.86
CA THR A 29 1.38 -28.92 -10.87
C THR A 29 0.68 -29.61 -9.73
N GLN A 30 0.24 -30.85 -9.96
CA GLN A 30 -0.52 -31.60 -8.96
C GLN A 30 -0.07 -33.05 -8.88
N ARG A 31 0.17 -33.51 -7.65
CA ARG A 31 0.58 -34.89 -7.37
C ARG A 31 1.96 -35.20 -7.92
N ASP A 32 2.80 -34.17 -7.98
CA ASP A 32 4.08 -34.23 -8.70
C ASP A 32 3.95 -34.76 -10.13
N ARG A 33 2.79 -34.50 -10.72
CA ARG A 33 2.56 -34.72 -12.14
C ARG A 33 2.74 -33.42 -12.90
N PRO A 34 3.21 -33.49 -14.14
CA PRO A 34 3.30 -32.34 -15.02
C PRO A 34 1.97 -31.59 -15.17
N VAL A 35 2.03 -30.37 -15.67
CA VAL A 35 0.82 -29.74 -16.12
C VAL A 35 0.63 -30.13 -17.58
N ALA A 36 -0.56 -30.63 -17.86
CA ALA A 36 -0.96 -31.00 -19.19
C ALA A 36 -1.58 -29.80 -19.87
N VAL A 37 -1.08 -29.48 -21.05
CA VAL A 37 -1.46 -28.29 -21.78
C VAL A 37 -1.84 -28.67 -23.20
N SER A 38 -3.13 -28.81 -23.48
CA SER A 38 -3.51 -29.06 -24.86
C SER A 38 -3.36 -27.79 -25.66
N VAL A 39 -2.73 -27.91 -26.82
CA VAL A 39 -2.66 -26.79 -27.77
C VAL A 39 -3.11 -27.23 -29.15
N SER A 40 -3.96 -26.42 -29.79
CA SER A 40 -4.42 -26.64 -31.18
C SER A 40 -4.57 -25.32 -31.93
N LEU A 41 -3.88 -25.19 -33.05
CA LEU A 41 -3.97 -23.95 -33.83
C LEU A 41 -5.13 -24.06 -34.80
N LYS A 42 -5.88 -22.98 -34.94
CA LYS A 42 -6.93 -22.89 -35.94
C LYS A 42 -6.61 -21.72 -36.86
N PHE A 43 -6.07 -22.04 -38.03
CA PHE A 43 -5.63 -20.99 -38.92
C PHE A 43 -6.78 -20.18 -39.46
N ILE A 44 -6.57 -18.89 -39.59
CA ILE A 44 -7.66 -17.97 -39.93
C ILE A 44 -7.34 -17.23 -41.21
N ASN A 45 -6.06 -17.14 -41.58
CA ASN A 45 -5.65 -16.65 -42.91
C ASN A 45 -4.15 -16.79 -43.08
N ILE A 46 -3.69 -16.77 -44.33
CA ILE A 46 -2.30 -16.84 -44.71
C ILE A 46 -2.10 -15.63 -45.59
N LEU A 47 -1.52 -14.58 -45.03
CA LEU A 47 -1.55 -13.26 -45.63
C LEU A 47 -0.45 -12.99 -46.63
N GLU A 48 0.75 -13.44 -46.31
CA GLU A 48 1.91 -13.19 -47.14
CA GLU A 48 1.92 -13.19 -47.14
C GLU A 48 2.79 -14.43 -47.15
N VAL A 49 3.17 -14.85 -48.33
CA VAL A 49 4.01 -16.01 -48.50
C VAL A 49 5.21 -15.56 -49.31
N ASN A 50 6.41 -15.91 -48.85
CA ASN A 50 7.63 -15.58 -49.61
C ASN A 50 8.44 -16.83 -49.87
N GLU A 51 8.58 -17.17 -51.16
CA GLU A 51 9.15 -18.46 -51.57
C GLU A 51 10.66 -18.39 -51.78
N ILE A 52 11.16 -17.19 -52.00
CA ILE A 52 12.60 -16.98 -52.08
C ILE A 52 13.26 -17.06 -50.70
N THR A 53 12.55 -16.61 -49.66
CA THR A 53 13.12 -16.48 -48.33
C THR A 53 12.61 -17.57 -47.39
N ASN A 54 11.59 -18.28 -47.85
CA ASN A 54 10.95 -19.33 -47.06
C ASN A 54 10.34 -18.81 -45.75
N GLU A 55 9.56 -17.73 -45.86
CA GLU A 55 8.88 -17.13 -44.71
C GLU A 55 7.40 -17.05 -44.98
N VAL A 56 6.61 -17.30 -43.95
CA VAL A 56 5.17 -17.26 -44.11
C VAL A 56 4.56 -16.40 -42.99
N ASP A 57 3.61 -15.58 -43.39
CA ASP A 57 2.94 -14.63 -42.53
C ASP A 57 1.51 -15.09 -42.27
N VAL A 58 1.27 -15.74 -41.14
CA VAL A 58 -0.05 -16.32 -40.88
C VAL A 58 -0.75 -15.79 -39.62
N VAL A 59 -2.07 -15.89 -39.65
CA VAL A 59 -2.93 -15.43 -38.56
C VAL A 59 -3.73 -16.60 -38.05
N PHE A 60 -3.58 -16.93 -36.78
CA PHE A 60 -4.24 -18.12 -36.28
C PHE A 60 -4.78 -17.97 -34.85
N TRP A 61 -5.78 -18.79 -34.53
CA TRP A 61 -6.39 -18.83 -33.22
C TRP A 61 -5.80 -19.95 -32.39
N GLN A 62 -5.16 -19.63 -31.27
CA GLN A 62 -4.47 -20.66 -30.51
C GLN A 62 -5.28 -21.17 -29.32
N GLN A 63 -6.01 -22.26 -29.53
CA GLN A 63 -6.78 -22.89 -28.47
C GLN A 63 -5.84 -23.50 -27.45
N THR A 64 -5.81 -22.91 -26.25
CA THR A 64 -4.94 -23.37 -25.19
C THR A 64 -5.79 -23.70 -23.99
N THR A 65 -5.49 -24.85 -23.37
CA THR A 65 -6.26 -25.31 -22.22
C THR A 65 -5.37 -26.12 -21.31
N TRP A 66 -5.60 -25.96 -20.03
CA TRP A 66 -4.88 -26.70 -19.01
C TRP A 66 -5.73 -26.55 -17.79
N SER A 67 -5.33 -27.16 -16.69
CA SER A 67 -6.11 -27.00 -15.47
C SER A 67 -5.26 -26.69 -14.26
N ASP A 68 -5.85 -25.90 -13.37
CA ASP A 68 -5.39 -25.69 -12.02
C ASP A 68 -6.62 -25.88 -11.15
N ARG A 69 -6.76 -27.04 -10.53
CA ARG A 69 -8.00 -27.36 -9.84
C ARG A 69 -8.02 -26.82 -8.41
N THR A 70 -7.08 -25.94 -8.06
CA THR A 70 -7.22 -25.14 -6.85
C THR A 70 -8.19 -24.01 -7.12
N LEU A 71 -8.30 -23.61 -8.39
CA LEU A 71 -9.15 -22.50 -8.80
C LEU A 71 -10.62 -22.88 -8.83
N ALA A 72 -10.90 -24.13 -8.52
CA ALA A 72 -12.26 -24.67 -8.63
C ALA A 72 -13.22 -24.17 -7.54
N TRP A 73 -14.49 -24.06 -7.92
CA TRP A 73 -15.57 -23.79 -6.96
C TRP A 73 -16.78 -24.71 -7.16
N ASN A 74 -17.78 -24.58 -6.30
CA ASN A 74 -18.96 -25.45 -6.39
C ASN A 74 -20.08 -24.67 -7.09
N SER A 75 -20.23 -24.89 -8.39
CA SER A 75 -21.11 -24.07 -9.21
C SER A 75 -22.58 -24.51 -9.19
N SER A 76 -22.95 -25.31 -8.19
CA SER A 76 -24.31 -25.84 -8.06
C SER A 76 -25.37 -24.73 -8.08
N HIS A 77 -25.01 -23.56 -7.58
CA HIS A 77 -25.89 -22.41 -7.64
C HIS A 77 -25.10 -21.18 -8.01
N SER A 78 -24.11 -21.37 -8.89
CA SER A 78 -23.17 -20.34 -9.28
C SER A 78 -22.80 -20.51 -10.75
N PRO A 79 -22.23 -19.46 -11.37
CA PRO A 79 -21.87 -19.59 -12.79
C PRO A 79 -20.79 -20.62 -12.96
N ASP A 80 -20.82 -21.36 -14.08
CA ASP A 80 -19.88 -22.46 -14.29
C ASP A 80 -18.57 -21.95 -14.82
N GLN A 81 -18.61 -20.84 -15.55
CA GLN A 81 -17.40 -20.23 -16.11
C GLN A 81 -17.40 -18.74 -15.85
N VAL A 82 -16.21 -18.14 -15.79
CA VAL A 82 -16.12 -16.68 -15.85
C VAL A 82 -14.98 -16.26 -16.77
N SER A 83 -15.00 -14.99 -17.18
CA SER A 83 -13.87 -14.42 -17.88
C SER A 83 -12.92 -13.78 -16.88
N VAL A 84 -11.63 -14.05 -17.04
CA VAL A 84 -10.62 -13.58 -16.12
C VAL A 84 -9.42 -13.05 -16.88
N PRO A 85 -9.01 -11.81 -16.61
CA PRO A 85 -7.80 -11.26 -17.27
C PRO A 85 -6.60 -12.15 -16.97
N ILE A 86 -5.77 -12.43 -17.98
CA ILE A 86 -4.69 -13.40 -17.78
C ILE A 86 -3.55 -12.92 -16.88
N SER A 87 -3.50 -11.60 -16.66
CA SER A 87 -2.65 -11.00 -15.63
C SER A 87 -2.84 -11.74 -14.31
N SER A 88 -4.07 -12.15 -14.05
CA SER A 88 -4.45 -12.83 -12.81
C SER A 88 -4.14 -14.32 -12.78
N LEU A 89 -3.77 -14.90 -13.92
CA LEU A 89 -3.56 -16.36 -13.96
C LEU A 89 -2.17 -16.72 -14.40
N TRP A 90 -1.73 -17.90 -13.95
CA TRP A 90 -0.61 -18.56 -14.57
C TRP A 90 -1.02 -18.92 -15.99
N VAL A 91 -0.05 -18.88 -16.89
CA VAL A 91 -0.27 -19.19 -18.30
C VAL A 91 0.95 -19.92 -18.78
N PRO A 92 0.78 -20.99 -19.57
CA PRO A 92 1.98 -21.68 -20.09
C PRO A 92 2.84 -20.75 -20.94
N ASP A 93 4.14 -20.78 -20.71
CA ASP A 93 5.04 -19.89 -21.43
C ASP A 93 5.34 -20.42 -22.82
N LEU A 94 4.28 -20.76 -23.55
CA LEU A 94 4.38 -21.19 -24.94
C LEU A 94 5.23 -20.27 -25.82
N ALA A 95 6.09 -20.87 -26.62
CA ALA A 95 6.78 -20.10 -27.67
C ALA A 95 6.84 -20.90 -28.96
N ALA A 96 6.88 -20.20 -30.08
CA ALA A 96 7.09 -20.87 -31.36
C ALA A 96 8.56 -20.83 -31.70
N TYR A 97 9.19 -22.02 -31.74
CA TYR A 97 10.66 -22.10 -31.84
C TYR A 97 11.22 -21.54 -33.14
N ASN A 98 10.46 -21.61 -34.23
CA ASN A 98 10.94 -21.09 -35.52
C ASN A 98 10.20 -19.85 -35.93
N ALA A 99 9.68 -19.11 -34.94
CA ALA A 99 9.17 -17.77 -35.19
C ALA A 99 10.29 -16.84 -35.67
N ILE A 100 9.89 -15.77 -36.35
CA ILE A 100 10.85 -14.75 -36.75
C ILE A 100 10.23 -13.38 -36.56
N SER A 101 9.08 -13.34 -35.90
CA SER A 101 8.48 -12.09 -35.44
C SER A 101 7.89 -12.32 -34.04
N LYS A 102 7.61 -11.26 -33.27
CA LYS A 102 7.01 -11.48 -31.95
C LYS A 102 5.52 -11.68 -32.18
N PRO A 103 4.90 -12.52 -31.33
CA PRO A 103 3.47 -12.80 -31.52
C PRO A 103 2.62 -11.58 -31.23
N GLU A 104 2.25 -10.84 -32.27
CA GLU A 104 1.25 -9.78 -32.22
C GLU A 104 -0.19 -10.36 -31.89
N VAL A 105 -0.77 -9.90 -30.78
CA VAL A 105 -2.04 -10.45 -30.28
C VAL A 105 -3.22 -9.52 -30.54
N LEU A 106 -4.20 -10.03 -31.30
CA LEU A 106 -5.22 -9.17 -31.89
C LEU A 106 -6.51 -9.10 -31.08
N THR A 107 -6.54 -9.79 -29.95
CA THR A 107 -7.76 -9.99 -29.18
C THR A 107 -7.64 -9.60 -27.73
N PRO A 108 -8.79 -9.32 -27.07
CA PRO A 108 -8.78 -9.09 -25.62
C PRO A 108 -8.06 -10.23 -24.90
N GLN A 109 -7.07 -9.90 -24.07
CA GLN A 109 -6.33 -10.93 -23.37
C GLN A 109 -7.06 -11.41 -22.10
N LEU A 110 -8.17 -12.10 -22.31
CA LEU A 110 -8.91 -12.77 -21.22
C LEU A 110 -8.84 -14.28 -21.41
N ALA A 111 -9.08 -15.01 -20.31
CA ALA A 111 -9.27 -16.46 -20.36
C ALA A 111 -10.59 -16.78 -19.72
N ARG A 112 -11.08 -17.99 -19.99
CA ARG A 112 -12.28 -18.51 -19.33
C ARG A 112 -11.87 -19.51 -18.28
N VAL A 113 -12.22 -19.24 -17.03
CA VAL A 113 -11.95 -20.20 -15.98
C VAL A 113 -13.26 -20.88 -15.63
N VAL A 114 -13.22 -22.21 -15.70
CA VAL A 114 -14.40 -23.06 -15.54
C VAL A 114 -14.40 -23.62 -14.13
N SER A 115 -15.58 -23.82 -13.55
CA SER A 115 -15.74 -24.13 -12.15
C SER A 115 -15.02 -25.41 -11.76
N ASP A 116 -14.72 -26.25 -12.77
CA ASP A 116 -14.00 -27.51 -12.54
C ASP A 116 -12.51 -27.27 -12.45
N GLY A 117 -12.07 -26.08 -12.83
CA GLY A 117 -10.67 -25.70 -12.67
C GLY A 117 -9.91 -25.70 -13.99
N GLU A 118 -10.63 -26.00 -15.06
CA GLU A 118 -10.06 -25.95 -16.39
C GLU A 118 -10.01 -24.49 -16.86
N VAL A 119 -8.98 -24.16 -17.64
CA VAL A 119 -8.77 -22.80 -18.09
C VAL A 119 -8.70 -22.79 -19.61
N LEU A 120 -9.54 -21.96 -20.23
CA LEU A 120 -9.65 -21.95 -21.68
C LEU A 120 -9.12 -20.64 -22.18
N TYR A 121 -8.04 -20.69 -22.93
CA TYR A 121 -7.39 -19.48 -23.40
C TYR A 121 -7.15 -19.59 -24.91
N MET A 122 -7.52 -18.54 -25.64
CA MET A 122 -7.49 -18.60 -27.11
C MET A 122 -7.27 -17.23 -27.77
N PRO A 123 -6.01 -16.78 -27.79
CA PRO A 123 -5.63 -15.53 -28.45
C PRO A 123 -5.48 -15.68 -29.96
N SER A 124 -5.95 -14.68 -30.70
CA SER A 124 -5.69 -14.60 -32.14
C SER A 124 -4.30 -14.00 -32.37
N ILE A 125 -3.44 -14.76 -33.02
CA ILE A 125 -2.04 -14.38 -33.16
C ILE A 125 -1.64 -14.19 -34.62
N ARG A 126 -1.06 -13.04 -34.94
CA ARG A 126 -0.39 -12.89 -36.22
C ARG A 126 1.13 -12.95 -36.02
N GLN A 127 1.77 -13.94 -36.65
CA GLN A 127 3.22 -14.12 -36.48
C GLN A 127 3.92 -14.66 -37.75
N ARG A 128 5.10 -14.11 -38.05
CA ARG A 128 5.89 -14.55 -39.19
CA ARG A 128 5.85 -14.60 -39.20
C ARG A 128 6.74 -15.77 -38.81
N PHE A 129 6.91 -16.73 -39.72
CA PHE A 129 7.69 -17.93 -39.42
C PHE A 129 8.66 -18.28 -40.51
N SER A 130 9.70 -18.98 -40.12
CA SER A 130 10.62 -19.52 -41.09
C SER A 130 10.29 -20.98 -41.33
N CYS A 131 9.57 -21.25 -42.41
CA CYS A 131 9.21 -22.61 -42.74
C CYS A 131 9.31 -22.88 -44.24
N ASP A 132 8.99 -24.12 -44.62
CA ASP A 132 9.14 -24.58 -46.00
C ASP A 132 7.98 -24.13 -46.88
N VAL A 133 8.32 -23.42 -47.96
CA VAL A 133 7.32 -22.88 -48.85
C VAL A 133 7.40 -23.56 -50.22
N SER A 134 8.51 -24.23 -50.49
CA SER A 134 8.70 -24.87 -51.80
C SER A 134 7.48 -25.73 -52.19
N GLY A 135 6.97 -25.49 -53.40
CA GLY A 135 5.86 -26.26 -53.90
C GLY A 135 4.50 -25.66 -53.64
N VAL A 136 4.47 -24.41 -53.18
CA VAL A 136 3.20 -23.74 -52.91
C VAL A 136 2.45 -23.41 -54.22
N ASP A 137 3.18 -23.45 -55.34
CA ASP A 137 2.58 -23.24 -56.63
C ASP A 137 2.35 -24.58 -57.31
N THR A 138 2.21 -25.61 -56.48
CA THR A 138 2.07 -27.00 -56.92
C THR A 138 0.82 -27.59 -56.30
N GLU A 139 0.13 -28.49 -57.01
CA GLU A 139 -1.14 -28.99 -56.50
C GLU A 139 -1.00 -29.78 -55.17
N SER A 140 0.16 -30.39 -54.93
CA SER A 140 0.34 -31.05 -53.63
C SER A 140 0.71 -30.00 -52.56
N GLY A 141 1.04 -28.79 -52.99
CA GLY A 141 1.17 -27.64 -52.10
C GLY A 141 2.44 -27.57 -51.27
N ALA A 142 2.65 -26.42 -50.63
CA ALA A 142 3.73 -26.24 -49.67
C ALA A 142 3.36 -26.91 -48.36
N THR A 143 4.36 -27.36 -47.62
CA THR A 143 4.13 -27.84 -46.27
C THR A 143 4.98 -27.08 -45.26
N CYS A 144 4.32 -26.37 -44.37
CA CYS A 144 5.01 -25.50 -43.43
C CYS A 144 4.77 -25.90 -41.99
N ARG A 145 5.85 -26.20 -41.29
CA ARG A 145 5.81 -26.76 -39.94
C ARG A 145 6.07 -25.68 -38.87
N ILE A 146 5.22 -25.64 -37.86
CA ILE A 146 5.45 -24.73 -36.75
C ILE A 146 5.56 -25.51 -35.44
N LYS A 147 6.67 -25.27 -34.73
CA LYS A 147 6.98 -26.02 -33.52
C LYS A 147 6.73 -25.12 -32.30
N ILE A 148 5.77 -25.52 -31.49
CA ILE A 148 5.36 -24.78 -30.32
C ILE A 148 5.57 -25.60 -29.06
N GLY A 149 6.25 -25.01 -28.07
CA GLY A 149 6.48 -25.67 -26.79
C GLY A 149 6.61 -24.65 -25.67
N SER A 150 6.79 -25.13 -24.44
CA SER A 150 7.10 -24.24 -23.31
C SER A 150 8.54 -23.75 -23.46
N TRP A 151 8.79 -22.50 -23.09
CA TRP A 151 10.11 -21.92 -23.29
C TRP A 151 11.09 -22.33 -22.18
N THR A 152 10.61 -22.48 -20.95
CA THR A 152 11.52 -22.68 -19.84
C THR A 152 11.23 -23.97 -19.06
N HIS A 153 10.07 -24.57 -19.30
CA HIS A 153 9.72 -25.80 -18.58
C HIS A 153 9.96 -27.08 -19.37
N HIS A 154 10.79 -27.95 -18.83
CA HIS A 154 11.02 -29.24 -19.47
C HIS A 154 9.81 -30.14 -19.27
N SER A 155 9.90 -31.37 -19.79
CA SER A 155 8.77 -32.29 -19.91
C SER A 155 8.18 -32.70 -18.57
N ARG A 156 9.01 -32.80 -17.54
CA ARG A 156 8.53 -33.27 -16.25
C ARG A 156 7.72 -32.20 -15.51
N GLU A 157 7.67 -30.98 -16.05
CA GLU A 157 6.88 -29.88 -15.49
C GLU A 157 5.67 -29.52 -16.35
N ILE A 158 5.87 -29.57 -17.67
CA ILE A 158 4.85 -29.21 -18.64
C ILE A 158 4.79 -30.25 -19.74
N SER A 159 3.62 -30.83 -19.97
CA SER A 159 3.44 -31.62 -21.19
C SER A 159 2.57 -30.88 -22.20
N VAL A 160 2.81 -31.10 -23.47
CA VAL A 160 1.98 -30.46 -24.47
C VAL A 160 1.29 -31.53 -25.29
N ASP A 161 -0.02 -31.63 -25.16
CA ASP A 161 -0.78 -32.63 -25.89
C ASP A 161 -1.08 -32.12 -27.29
N PRO A 162 -1.36 -33.03 -28.25
CA PRO A 162 -1.58 -32.56 -29.62
C PRO A 162 -2.96 -31.97 -29.86
N THR A 163 -4.03 -32.56 -29.30
CA THR A 163 -5.38 -32.11 -29.60
C THR A 163 -6.31 -32.20 -28.39
N ASP A 169 -10.81 -27.64 -39.60
CA ASP A 169 -10.54 -27.86 -41.02
C ASP A 169 -10.22 -26.49 -41.62
N SER A 170 -11.03 -25.52 -41.26
CA SER A 170 -11.22 -24.27 -41.97
C SER A 170 -12.70 -23.98 -41.76
N GLU A 171 -13.17 -24.37 -40.58
CA GLU A 171 -14.38 -23.81 -40.01
C GLU A 171 -14.00 -22.40 -39.58
N TYR A 172 -12.69 -22.17 -39.64
CA TYR A 172 -12.05 -20.99 -39.12
C TYR A 172 -11.32 -20.25 -40.24
N PHE A 173 -10.76 -20.97 -41.19
CA PHE A 173 -9.97 -20.31 -42.22
C PHE A 173 -10.79 -19.37 -43.10
N SER A 174 -10.18 -18.29 -43.54
CA SER A 174 -10.85 -17.28 -44.36
C SER A 174 -11.03 -17.73 -45.79
N GLN A 175 -12.23 -17.53 -46.33
CA GLN A 175 -12.47 -17.83 -47.75
C GLN A 175 -12.05 -16.68 -48.69
N TYR A 176 -11.30 -15.70 -48.20
CA TYR A 176 -10.87 -14.60 -49.06
C TYR A 176 -9.35 -14.52 -49.13
N SER A 177 -8.69 -15.52 -48.56
CA SER A 177 -7.25 -15.66 -48.70
C SER A 177 -6.86 -16.04 -50.12
N ARG A 178 -5.67 -15.62 -50.54
CA ARG A 178 -5.09 -16.07 -51.79
C ARG A 178 -4.76 -17.57 -51.78
N PHE A 179 -4.87 -18.18 -50.60
CA PHE A 179 -4.38 -19.54 -50.39
C PHE A 179 -5.50 -20.42 -49.89
N GLU A 180 -5.32 -21.73 -50.04
CA GLU A 180 -6.33 -22.67 -49.59
C GLU A 180 -5.61 -23.70 -48.74
N ILE A 181 -6.28 -24.19 -47.71
CA ILE A 181 -5.66 -25.14 -46.83
C ILE A 181 -5.92 -26.56 -47.33
N LEU A 182 -4.84 -27.33 -47.46
CA LEU A 182 -4.95 -28.70 -47.93
C LEU A 182 -5.17 -29.62 -46.76
N ASP A 183 -4.38 -29.43 -45.72
CA ASP A 183 -4.51 -30.22 -44.50
C ASP A 183 -3.78 -29.60 -43.32
N VAL A 184 -4.17 -30.01 -42.12
CA VAL A 184 -3.43 -29.63 -40.92
C VAL A 184 -3.28 -30.88 -40.06
N THR A 185 -2.06 -31.14 -39.60
CA THR A 185 -1.83 -32.21 -38.64
C THR A 185 -0.91 -31.73 -37.54
N GLN A 186 -1.27 -32.04 -36.30
CA GLN A 186 -0.48 -31.63 -35.14
C GLN A 186 -0.02 -32.85 -34.37
N LYS A 187 1.27 -33.21 -34.54
CA LYS A 187 1.83 -34.36 -33.84
C LYS A 187 2.72 -33.90 -32.69
N LYS A 188 2.74 -34.68 -31.62
CA LYS A 188 3.52 -34.34 -30.43
C LYS A 188 4.94 -34.87 -30.52
N ASN A 189 5.91 -34.01 -30.80
CA ASN A 189 7.28 -34.50 -30.85
C ASN A 189 8.11 -34.02 -29.65
N SER A 190 9.24 -34.70 -29.43
CA SER A 190 10.12 -34.42 -28.30
C SER A 190 11.45 -33.79 -28.70
N VAL A 191 11.82 -32.71 -28.01
CA VAL A 191 13.05 -32.00 -28.31
C VAL A 191 14.07 -32.09 -27.16
N THR A 192 15.31 -32.45 -27.51
CA THR A 192 16.45 -32.34 -26.59
C THR A 192 17.60 -31.66 -27.31
N TYR A 193 18.64 -31.29 -26.57
CA TYR A 193 19.83 -30.65 -27.16
C TYR A 193 21.14 -31.22 -26.61
N SER A 194 22.22 -31.14 -27.41
CA SER A 194 23.54 -31.63 -27.01
C SER A 194 24.19 -30.65 -26.06
N CYS A 195 23.49 -30.36 -24.98
CA CYS A 195 23.61 -29.10 -24.26
C CYS A 195 23.02 -29.16 -22.87
N CYS A 196 21.77 -29.62 -22.83
CA CYS A 196 20.92 -29.52 -21.66
C CYS A 196 20.24 -30.86 -21.49
N PRO A 197 20.24 -31.36 -20.25
CA PRO A 197 19.87 -32.76 -20.04
C PRO A 197 18.45 -33.09 -20.51
N GLU A 198 17.49 -32.27 -20.12
CA GLU A 198 16.10 -32.68 -20.13
C GLU A 198 15.27 -32.29 -21.35
N ALA A 199 14.43 -33.24 -21.78
CA ALA A 199 13.61 -33.11 -22.97
C ALA A 199 12.53 -32.05 -22.83
N TYR A 200 12.23 -31.40 -23.95
CA TYR A 200 11.12 -30.44 -24.00
C TYR A 200 9.99 -30.92 -24.90
N GLU A 201 8.78 -30.88 -24.37
CA GLU A 201 7.60 -31.35 -25.09
C GLU A 201 6.99 -30.22 -25.90
N ASP A 202 6.76 -30.56 -27.16
CA ASP A 202 6.54 -29.60 -28.23
C ASP A 202 5.46 -30.18 -29.12
N VAL A 203 4.61 -29.34 -29.67
CA VAL A 203 3.66 -29.81 -30.67
C VAL A 203 4.00 -29.28 -32.07
N GLU A 204 4.46 -30.17 -32.93
CA GLU A 204 4.78 -29.78 -34.29
C GLU A 204 3.50 -29.75 -35.12
N VAL A 205 3.18 -28.56 -35.63
CA VAL A 205 1.97 -28.37 -36.42
C VAL A 205 2.29 -28.27 -37.90
N SER A 206 1.65 -29.13 -38.68
CA SER A 206 1.94 -29.26 -40.10
C SER A 206 0.85 -28.58 -40.90
N LEU A 207 1.21 -27.49 -41.55
CA LEU A 207 0.28 -26.76 -42.39
C LEU A 207 0.60 -26.97 -43.85
N ASN A 208 -0.20 -27.81 -44.51
CA ASN A 208 -0.04 -28.03 -45.93
C ASN A 208 -1.11 -27.25 -46.70
N PHE A 209 -0.64 -26.36 -47.56
CA PHE A 209 -1.47 -25.33 -48.18
C PHE A 209 -0.88 -24.96 -49.54
N ARG A 210 -1.70 -24.36 -50.39
CA ARG A 210 -1.20 -23.86 -51.68
C ARG A 210 -2.02 -22.68 -52.17
N LYS A 211 -1.49 -22.01 -53.20
CA LYS A 211 -2.20 -20.95 -53.90
C LYS A 211 -3.22 -21.55 -54.85
N LYS A 212 -4.17 -20.75 -55.33
CA LYS A 212 -5.42 -21.26 -55.88
C LYS A 212 -5.41 -21.69 -57.37
N GLY A 213 -5.40 -20.71 -58.29
CA GLY A 213 -5.14 -20.90 -59.72
C GLY A 213 -5.40 -22.27 -60.34
N TYR B 2 14.51 -32.15 -6.97
CA TYR B 2 14.54 -33.50 -7.54
C TYR B 2 13.53 -34.38 -6.81
N LYS B 3 13.19 -35.53 -7.40
CA LYS B 3 12.11 -36.40 -6.90
C LYS B 3 10.80 -35.63 -6.83
N ASP B 4 10.60 -34.98 -5.69
CA ASP B 4 9.42 -34.15 -5.42
C ASP B 4 9.57 -32.77 -6.07
N ASP B 5 9.68 -32.76 -7.40
CA ASP B 5 9.94 -31.54 -8.17
C ASP B 5 8.62 -30.82 -8.50
N ASP B 6 7.59 -31.55 -8.94
CA ASP B 6 6.32 -30.90 -9.22
C ASP B 6 5.54 -30.74 -7.92
N ASP B 7 6.17 -30.07 -6.96
CA ASP B 7 5.52 -29.71 -5.71
C ASP B 7 5.14 -28.22 -5.75
N LYS B 8 3.87 -27.92 -5.99
CA LYS B 8 3.41 -26.55 -6.17
C LYS B 8 3.64 -25.66 -4.95
N LEU B 9 3.57 -26.24 -3.75
CA LEU B 9 3.76 -25.45 -2.55
C LEU B 9 5.23 -25.12 -2.40
N ASP B 10 6.07 -26.13 -2.61
CA ASP B 10 7.51 -25.92 -2.64
C ASP B 10 7.86 -24.80 -3.61
N ARG B 11 7.26 -24.82 -4.79
CA ARG B 11 7.62 -23.88 -5.84
C ARG B 11 7.21 -22.48 -5.43
N ALA B 12 5.99 -22.34 -4.92
CA ALA B 12 5.54 -21.05 -4.41
C ALA B 12 6.53 -20.45 -3.42
N ASP B 13 7.02 -21.30 -2.51
CA ASP B 13 7.88 -20.88 -1.40
C ASP B 13 9.26 -20.48 -1.86
N ILE B 14 9.85 -21.29 -2.75
CA ILE B 14 11.11 -20.95 -3.40
C ILE B 14 11.01 -19.56 -4.04
N LEU B 15 9.91 -19.32 -4.74
CA LEU B 15 9.73 -18.06 -5.43
C LEU B 15 9.57 -16.91 -4.44
N TYR B 16 8.81 -17.17 -3.38
CA TYR B 16 8.67 -16.21 -2.29
C TYR B 16 10.04 -15.88 -1.74
N ASN B 17 10.82 -16.93 -1.50
CA ASN B 17 12.19 -16.79 -1.02
C ASN B 17 13.08 -16.02 -1.98
N ILE B 18 13.08 -16.40 -3.25
CA ILE B 18 13.85 -15.66 -4.23
C ILE B 18 13.45 -14.18 -4.25
N ARG B 19 12.21 -13.86 -3.93
CA ARG B 19 11.84 -12.45 -3.95
C ARG B 19 12.23 -11.71 -2.67
N GLN B 20 12.26 -12.43 -1.55
CA GLN B 20 12.71 -11.87 -0.27
C GLN B 20 14.20 -11.51 -0.30
N THR B 21 14.89 -12.04 -1.31
CA THR B 21 16.33 -12.15 -1.31
C THR B 21 16.91 -11.44 -2.51
N SER B 22 16.27 -11.62 -3.66
CA SER B 22 16.76 -11.00 -4.88
C SER B 22 16.61 -9.49 -4.83
N ARG B 23 17.63 -8.82 -5.32
CA ARG B 23 17.56 -7.39 -5.49
C ARG B 23 17.91 -7.14 -6.95
N PRO B 24 16.89 -6.74 -7.73
CA PRO B 24 16.99 -6.77 -9.18
C PRO B 24 17.79 -5.62 -9.73
N ASP B 25 17.99 -4.55 -8.95
CA ASP B 25 18.73 -3.40 -9.45
C ASP B 25 20.18 -3.40 -8.99
N VAL B 26 20.57 -4.41 -8.22
CA VAL B 26 21.92 -4.48 -7.69
C VAL B 26 22.69 -5.67 -8.26
N ILE B 27 23.93 -5.43 -8.69
CA ILE B 27 24.73 -6.55 -9.19
C ILE B 27 25.09 -7.47 -8.04
N PRO B 28 24.94 -8.78 -8.25
CA PRO B 28 25.17 -9.78 -7.22
C PRO B 28 26.65 -10.10 -7.12
N THR B 29 27.48 -9.08 -6.97
CA THR B 29 28.90 -9.30 -6.77
C THR B 29 29.03 -10.15 -5.55
N GLN B 30 29.47 -11.39 -5.73
CA GLN B 30 29.76 -12.12 -4.54
C GLN B 30 31.19 -11.56 -4.25
N ARG B 31 31.42 -10.92 -3.09
CA ARG B 31 32.81 -10.58 -2.56
C ARG B 31 33.48 -9.39 -3.26
N ASP B 32 33.91 -9.59 -4.48
CA ASP B 32 34.75 -8.49 -4.93
C ASP B 32 35.01 -8.65 -6.33
N ARG B 33 34.95 -9.92 -6.68
CA ARG B 33 35.21 -10.41 -8.03
C ARG B 33 34.06 -9.85 -8.89
N PRO B 34 34.34 -9.58 -10.16
CA PRO B 34 33.33 -9.33 -11.17
C PRO B 34 32.39 -10.52 -11.18
N VAL B 35 31.11 -10.25 -11.42
CA VAL B 35 30.15 -11.31 -11.70
C VAL B 35 30.51 -11.93 -13.06
N ALA B 36 30.76 -13.22 -13.04
CA ALA B 36 31.18 -13.88 -14.25
C ALA B 36 29.95 -14.13 -15.09
N VAL B 37 29.78 -13.35 -16.14
CA VAL B 37 28.62 -13.47 -17.00
C VAL B 37 28.95 -14.21 -18.29
N SER B 38 28.47 -15.43 -18.40
CA SER B 38 28.79 -16.33 -19.48
C SER B 38 27.79 -16.19 -20.66
N VAL B 39 28.27 -15.77 -21.83
CA VAL B 39 27.36 -15.46 -22.95
C VAL B 39 27.65 -16.20 -24.27
N SER B 40 26.62 -16.82 -24.85
CA SER B 40 26.78 -17.62 -26.07
C SER B 40 25.58 -17.51 -27.04
N LEU B 41 25.85 -17.08 -28.26
CA LEU B 41 24.77 -16.93 -29.22
C LEU B 41 24.64 -18.19 -30.07
N LYS B 42 23.41 -18.63 -30.26
CA LYS B 42 23.13 -19.75 -31.13
C LYS B 42 22.15 -19.26 -32.18
N PHE B 43 22.66 -19.07 -33.39
CA PHE B 43 21.85 -18.39 -34.39
C PHE B 43 20.75 -19.32 -34.90
N ILE B 44 19.64 -18.70 -35.31
CA ILE B 44 18.54 -19.48 -35.81
C ILE B 44 18.37 -19.17 -37.30
N ASN B 45 18.55 -17.91 -37.65
CA ASN B 45 18.30 -17.49 -39.01
C ASN B 45 19.02 -16.22 -39.36
N ILE B 46 19.32 -16.10 -40.65
CA ILE B 46 19.84 -14.90 -41.24
C ILE B 46 18.76 -14.47 -42.22
N LEU B 47 18.12 -13.34 -41.94
CA LEU B 47 16.86 -13.00 -42.61
C LEU B 47 17.07 -12.09 -43.78
N GLU B 48 17.84 -11.03 -43.56
CA GLU B 48 18.00 -9.97 -44.55
C GLU B 48 19.44 -9.56 -44.54
N VAL B 49 19.97 -9.33 -45.72
CA VAL B 49 21.39 -9.06 -45.86
C VAL B 49 21.53 -8.04 -46.96
N ASN B 50 22.29 -7.00 -46.67
CA ASN B 50 22.50 -5.93 -47.62
C ASN B 50 23.98 -5.85 -47.96
N GLU B 51 24.31 -6.08 -49.23
CA GLU B 51 25.70 -6.02 -49.64
C GLU B 51 26.12 -4.58 -49.60
N ILE B 52 25.18 -3.71 -49.95
CA ILE B 52 25.45 -2.30 -50.13
C ILE B 52 25.58 -1.53 -48.80
N THR B 53 24.64 -1.76 -47.89
CA THR B 53 24.58 -0.97 -46.66
C THR B 53 25.30 -1.64 -45.48
N ASN B 54 25.87 -2.81 -45.73
CA ASN B 54 26.54 -3.61 -44.70
C ASN B 54 25.67 -3.82 -43.47
N GLU B 55 24.47 -4.33 -43.68
CA GLU B 55 23.54 -4.57 -42.59
C GLU B 55 22.95 -5.95 -42.68
N VAL B 56 22.96 -6.67 -41.56
CA VAL B 56 22.27 -7.95 -41.48
C VAL B 56 21.13 -7.93 -40.48
N ASP B 57 20.06 -8.62 -40.86
CA ASP B 57 18.98 -8.93 -39.95
C ASP B 57 19.10 -10.39 -39.54
N VAL B 58 19.30 -10.68 -38.24
CA VAL B 58 19.38 -12.08 -37.80
C VAL B 58 18.54 -12.39 -36.56
N VAL B 59 18.39 -13.67 -36.26
CA VAL B 59 17.62 -14.13 -35.12
C VAL B 59 18.45 -15.16 -34.33
N PHE B 60 18.84 -14.82 -33.11
CA PHE B 60 19.66 -15.74 -32.32
C PHE B 60 19.14 -15.99 -30.91
N TRP B 61 19.45 -17.16 -30.37
CA TRP B 61 19.17 -17.46 -28.99
C TRP B 61 20.39 -17.11 -28.16
N GLN B 62 20.25 -16.10 -27.30
CA GLN B 62 21.33 -15.61 -26.45
C GLN B 62 21.44 -16.38 -25.13
N GLN B 63 22.07 -17.55 -25.17
CA GLN B 63 22.42 -18.32 -23.98
C GLN B 63 23.30 -17.57 -22.96
N THR B 64 22.71 -17.23 -21.81
CA THR B 64 23.30 -16.30 -20.86
C THR B 64 23.28 -16.90 -19.49
N THR B 65 24.39 -16.87 -18.78
CA THR B 65 24.33 -17.36 -17.41
C THR B 65 25.30 -16.69 -16.46
N TRP B 66 24.96 -16.79 -15.19
CA TRP B 66 25.68 -16.12 -14.12
C TRP B 66 25.20 -16.72 -12.81
N SER B 67 25.85 -16.36 -11.72
CA SER B 67 25.47 -16.87 -10.41
C SER B 67 25.12 -15.74 -9.46
N ASP B 68 24.08 -15.97 -8.67
CA ASP B 68 23.72 -15.13 -7.53
C ASP B 68 23.40 -16.11 -6.40
N ARG B 69 24.38 -16.43 -5.58
CA ARG B 69 24.20 -17.55 -4.66
C ARG B 69 23.40 -17.17 -3.42
N THR B 70 23.04 -15.89 -3.32
CA THR B 70 22.09 -15.47 -2.29
C THR B 70 20.74 -16.10 -2.57
N LEU B 71 20.50 -16.39 -3.85
CA LEU B 71 19.28 -17.05 -4.32
C LEU B 71 19.22 -18.52 -3.97
N ALA B 72 20.35 -19.08 -3.56
CA ALA B 72 20.45 -20.53 -3.46
C ALA B 72 19.57 -21.14 -2.35
N TRP B 73 19.33 -22.44 -2.46
CA TRP B 73 18.53 -23.16 -1.49
C TRP B 73 18.83 -24.66 -1.51
N ASN B 74 18.69 -25.30 -0.36
CA ASN B 74 18.85 -26.73 -0.22
C ASN B 74 17.75 -27.46 -0.99
N SER B 75 18.09 -28.10 -2.11
CA SER B 75 17.08 -28.79 -2.92
C SER B 75 17.04 -30.29 -2.62
N SER B 76 17.32 -30.63 -1.37
CA SER B 76 17.21 -32.00 -0.88
C SER B 76 15.83 -32.60 -1.16
N HIS B 77 14.77 -31.90 -0.76
CA HIS B 77 13.41 -32.39 -0.98
C HIS B 77 12.53 -31.28 -1.59
N SER B 78 13.20 -30.27 -2.12
CA SER B 78 12.58 -29.23 -2.93
C SER B 78 12.95 -29.49 -4.39
N PRO B 79 12.30 -28.78 -5.33
CA PRO B 79 12.69 -28.91 -6.74
C PRO B 79 14.07 -28.33 -7.04
N ASP B 80 14.63 -28.70 -8.19
CA ASP B 80 15.99 -28.36 -8.55
C ASP B 80 16.09 -26.98 -9.15
N GLN B 81 15.07 -26.62 -9.92
CA GLN B 81 15.02 -25.33 -10.59
C GLN B 81 13.60 -24.82 -10.58
N VAL B 82 13.48 -23.50 -10.74
CA VAL B 82 12.20 -22.90 -11.02
C VAL B 82 12.36 -21.85 -12.09
N SER B 83 11.23 -21.48 -12.69
CA SER B 83 11.15 -20.39 -13.65
C SER B 83 10.68 -19.10 -12.97
N VAL B 84 11.34 -18.00 -13.29
CA VAL B 84 11.09 -16.74 -12.63
C VAL B 84 11.09 -15.63 -13.66
N PRO B 85 10.06 -14.76 -13.62
CA PRO B 85 10.07 -13.62 -14.52
C PRO B 85 11.31 -12.80 -14.28
N ILE B 86 12.01 -12.37 -15.33
CA ILE B 86 13.26 -11.64 -15.13
C ILE B 86 13.10 -10.30 -14.38
N SER B 87 11.90 -9.73 -14.39
CA SER B 87 11.66 -8.53 -13.61
C SER B 87 11.87 -8.76 -12.11
N SER B 88 11.93 -10.02 -11.70
CA SER B 88 12.17 -10.31 -10.30
C SER B 88 13.65 -10.39 -10.00
N LEU B 89 14.41 -10.88 -10.98
CA LEU B 89 15.83 -11.13 -10.79
C LEU B 89 16.67 -9.97 -11.27
N TRP B 90 17.92 -9.93 -10.80
CA TRP B 90 18.92 -9.10 -11.46
C TRP B 90 19.36 -9.78 -12.77
N VAL B 91 19.64 -8.95 -13.76
CA VAL B 91 19.92 -9.40 -15.11
C VAL B 91 21.06 -8.55 -15.67
N PRO B 92 22.11 -9.18 -16.20
CA PRO B 92 23.21 -8.42 -16.80
C PRO B 92 22.70 -7.43 -17.85
N ASP B 93 23.17 -6.20 -17.81
CA ASP B 93 22.66 -5.17 -18.68
C ASP B 93 23.36 -5.28 -20.04
N LEU B 94 23.29 -6.47 -20.63
CA LEU B 94 23.98 -6.73 -21.88
C LEU B 94 23.43 -5.88 -23.05
N ALA B 95 24.33 -5.51 -23.96
CA ALA B 95 23.94 -4.76 -25.14
C ALA B 95 24.93 -5.00 -26.25
N ALA B 96 24.48 -4.81 -27.48
CA ALA B 96 25.32 -4.94 -28.67
C ALA B 96 25.77 -3.56 -29.10
N TYR B 97 27.07 -3.37 -29.21
CA TYR B 97 27.63 -2.04 -29.42
C TYR B 97 27.46 -1.63 -30.89
N ASN B 98 27.29 -2.59 -31.78
CA ASN B 98 27.09 -2.26 -33.19
C ASN B 98 25.67 -2.59 -33.61
N ALA B 99 24.77 -2.64 -32.63
CA ALA B 99 23.35 -2.84 -32.93
C ALA B 99 22.79 -1.63 -33.64
N ILE B 100 21.96 -1.84 -34.65
CA ILE B 100 21.32 -0.69 -35.28
C ILE B 100 19.81 -0.74 -35.19
N SER B 101 19.30 -1.58 -34.29
CA SER B 101 17.87 -1.64 -34.02
C SER B 101 17.69 -2.22 -32.62
N LYS B 102 16.52 -2.04 -32.01
CA LYS B 102 16.27 -2.55 -30.66
C LYS B 102 16.37 -4.09 -30.61
N PRO B 103 16.93 -4.63 -29.53
CA PRO B 103 16.86 -6.08 -29.40
C PRO B 103 15.39 -6.50 -29.23
N GLU B 104 14.84 -7.22 -30.21
CA GLU B 104 13.44 -7.68 -30.15
C GLU B 104 13.33 -9.07 -29.55
N VAL B 105 12.76 -9.17 -28.36
CA VAL B 105 12.65 -10.47 -27.69
C VAL B 105 11.37 -11.17 -28.16
N LEU B 106 11.49 -12.41 -28.63
CA LEU B 106 10.35 -13.11 -29.21
C LEU B 106 9.84 -14.21 -28.28
N THR B 107 10.43 -14.26 -27.10
CA THR B 107 10.17 -15.34 -26.17
C THR B 107 9.68 -14.79 -24.83
N PRO B 108 9.04 -15.63 -24.03
CA PRO B 108 8.66 -15.16 -22.70
C PRO B 108 9.88 -14.73 -21.90
N GLN B 109 9.76 -13.63 -21.19
CA GLN B 109 10.89 -13.11 -20.46
C GLN B 109 11.01 -13.77 -19.08
N LEU B 110 11.20 -15.09 -19.10
CA LEU B 110 11.46 -15.87 -17.91
C LEU B 110 12.94 -16.26 -17.85
N ALA B 111 13.37 -16.74 -16.68
CA ALA B 111 14.71 -17.27 -16.51
C ALA B 111 14.64 -18.48 -15.59
N ARG B 112 15.58 -19.41 -15.67
CA ARG B 112 15.58 -20.48 -14.69
C ARG B 112 16.57 -20.12 -13.57
N VAL B 113 16.15 -20.31 -12.33
CA VAL B 113 17.07 -20.21 -11.22
C VAL B 113 17.38 -21.60 -10.72
N VAL B 114 18.65 -21.93 -10.60
CA VAL B 114 18.98 -23.27 -10.12
C VAL B 114 19.23 -23.18 -8.62
N SER B 115 19.03 -24.28 -7.91
CA SER B 115 19.06 -24.25 -6.45
C SER B 115 20.44 -23.87 -5.92
N ASP B 116 21.42 -23.86 -6.82
CA ASP B 116 22.79 -23.51 -6.48
C ASP B 116 23.04 -22.02 -6.68
N GLY B 117 22.03 -21.32 -7.19
CA GLY B 117 22.13 -19.88 -7.38
C GLY B 117 22.52 -19.46 -8.79
N GLU B 118 22.63 -20.41 -9.69
CA GLU B 118 22.91 -19.98 -11.05
C GLU B 118 21.61 -19.58 -11.74
N VAL B 119 21.70 -18.62 -12.64
CA VAL B 119 20.55 -18.27 -13.46
C VAL B 119 20.84 -18.55 -14.95
N LEU B 120 19.93 -19.28 -15.58
CA LEU B 120 19.97 -19.46 -17.02
C LEU B 120 18.94 -18.52 -17.66
N TYR B 121 19.44 -17.65 -18.52
CA TYR B 121 18.58 -16.75 -19.27
C TYR B 121 18.88 -16.96 -20.76
N MET B 122 17.88 -17.38 -21.53
CA MET B 122 18.04 -17.58 -22.97
C MET B 122 16.93 -16.92 -23.78
N PRO B 123 17.07 -15.63 -24.06
CA PRO B 123 16.01 -15.02 -24.88
C PRO B 123 16.27 -15.26 -26.37
N SER B 124 15.19 -15.43 -27.11
CA SER B 124 15.28 -15.41 -28.57
C SER B 124 15.21 -13.94 -29.06
N ILE B 125 16.25 -13.53 -29.76
CA ILE B 125 16.35 -12.13 -30.15
C ILE B 125 16.42 -11.98 -31.66
N ARG B 126 15.73 -10.98 -32.18
CA ARG B 126 15.88 -10.57 -33.57
C ARG B 126 16.42 -9.15 -33.60
N GLN B 127 17.45 -8.91 -34.42
CA GLN B 127 18.10 -7.61 -34.40
C GLN B 127 18.92 -7.33 -35.66
N ARG B 128 19.13 -6.05 -35.97
CA ARG B 128 19.97 -5.63 -37.09
C ARG B 128 21.33 -5.13 -36.61
N PHE B 129 22.36 -5.40 -37.39
CA PHE B 129 23.70 -4.96 -37.05
C PHE B 129 24.39 -4.34 -38.26
N SER B 130 25.44 -3.58 -37.98
CA SER B 130 26.31 -3.06 -39.04
C SER B 130 27.63 -3.79 -38.97
N CYS B 131 27.89 -4.63 -39.95
CA CYS B 131 29.09 -5.47 -39.94
C CYS B 131 29.47 -5.89 -41.36
N ASP B 132 30.66 -6.46 -41.52
CA ASP B 132 31.20 -6.75 -42.85
C ASP B 132 30.43 -7.85 -43.57
N VAL B 133 29.72 -7.45 -44.63
CA VAL B 133 28.88 -8.38 -45.37
C VAL B 133 29.61 -8.72 -46.66
N SER B 134 30.79 -8.17 -46.82
CA SER B 134 31.61 -8.43 -48.01
C SER B 134 31.85 -9.93 -48.22
N GLY B 135 31.65 -10.36 -49.47
CA GLY B 135 31.96 -11.72 -49.87
C GLY B 135 30.94 -12.75 -49.44
N VAL B 136 29.71 -12.31 -49.23
CA VAL B 136 28.63 -13.16 -48.74
C VAL B 136 28.25 -14.20 -49.79
N ASP B 137 28.68 -13.96 -51.04
CA ASP B 137 28.41 -14.90 -52.12
C ASP B 137 29.65 -15.67 -52.59
N THR B 138 30.84 -15.26 -52.15
CA THR B 138 32.03 -16.12 -52.26
C THR B 138 31.83 -17.38 -51.43
N GLU B 139 32.75 -18.32 -51.50
CA GLU B 139 32.56 -19.54 -50.73
C GLU B 139 33.52 -19.62 -49.54
N SER B 140 34.36 -18.62 -49.37
CA SER B 140 35.02 -18.41 -48.09
C SER B 140 34.03 -17.66 -47.18
N GLY B 141 33.04 -17.03 -47.81
CA GLY B 141 31.88 -16.47 -47.14
C GLY B 141 32.11 -15.14 -46.44
N ALA B 142 31.02 -14.49 -46.04
CA ALA B 142 31.13 -13.24 -45.29
C ALA B 142 31.40 -13.52 -43.82
N THR B 143 32.02 -12.55 -43.13
CA THR B 143 32.20 -12.64 -41.70
C THR B 143 31.70 -11.37 -41.01
N CYS B 144 30.58 -11.53 -40.30
CA CYS B 144 29.92 -10.45 -39.61
C CYS B 144 30.22 -10.54 -38.12
N ARG B 145 30.84 -9.48 -37.58
CA ARG B 145 31.28 -9.47 -36.19
C ARG B 145 30.32 -8.67 -35.30
N ILE B 146 29.70 -9.37 -34.33
CA ILE B 146 28.77 -8.78 -33.36
C ILE B 146 29.39 -8.61 -31.98
N LYS B 147 29.53 -7.38 -31.51
CA LYS B 147 30.11 -7.13 -30.18
C LYS B 147 29.08 -6.97 -29.05
N ILE B 148 29.15 -7.83 -28.04
CA ILE B 148 28.24 -7.76 -26.89
C ILE B 148 28.95 -7.77 -25.55
N GLY B 149 28.62 -6.79 -24.70
CA GLY B 149 29.05 -6.76 -23.31
C GLY B 149 28.10 -5.90 -22.48
N SER B 150 28.45 -5.66 -21.22
CA SER B 150 27.68 -4.78 -20.34
C SER B 150 27.76 -3.33 -20.78
N TRP B 151 26.62 -2.66 -20.74
CA TRP B 151 26.53 -1.26 -21.11
C TRP B 151 27.10 -0.29 -20.06
N THR B 152 26.99 -0.63 -18.77
CA THR B 152 27.39 0.28 -17.70
C THR B 152 28.35 -0.30 -16.67
N HIS B 153 28.58 -1.61 -16.70
CA HIS B 153 29.46 -2.24 -15.69
C HIS B 153 30.83 -2.62 -16.24
N HIS B 154 31.89 -1.96 -15.75
CA HIS B 154 33.24 -2.25 -16.23
C HIS B 154 33.73 -3.64 -15.78
N SER B 155 34.96 -3.97 -16.14
CA SER B 155 35.50 -5.33 -15.97
C SER B 155 35.62 -5.82 -14.54
N ARG B 156 35.89 -4.94 -13.59
CA ARG B 156 35.97 -5.39 -12.20
C ARG B 156 34.58 -5.66 -11.62
N GLU B 157 33.55 -5.23 -12.34
CA GLU B 157 32.16 -5.45 -11.95
C GLU B 157 31.50 -6.63 -12.69
N ILE B 158 31.71 -6.69 -14.01
CA ILE B 158 31.22 -7.79 -14.85
C ILE B 158 32.29 -8.30 -15.81
N SER B 159 32.42 -9.62 -15.90
CA SER B 159 33.32 -10.21 -16.87
C SER B 159 32.56 -11.17 -17.77
N VAL B 160 32.93 -11.19 -19.04
CA VAL B 160 32.25 -12.05 -20.00
C VAL B 160 33.06 -13.31 -20.33
N ASP B 161 32.42 -14.46 -20.18
CA ASP B 161 32.97 -15.77 -20.53
C ASP B 161 32.39 -16.14 -21.89
N PRO B 162 33.25 -16.40 -22.87
CA PRO B 162 32.73 -16.70 -24.21
C PRO B 162 32.77 -18.17 -24.54
N THR B 163 32.65 -19.05 -23.54
CA THR B 163 32.75 -20.47 -23.83
C THR B 163 31.60 -20.90 -24.72
N THR B 164 31.96 -21.49 -25.85
CA THR B 164 30.96 -21.89 -26.84
C THR B 164 31.48 -23.00 -27.74
N GLU B 165 30.55 -23.82 -28.24
CA GLU B 165 30.83 -24.92 -29.14
C GLU B 165 30.13 -24.70 -30.50
N ASN B 166 30.84 -24.99 -31.59
CA ASN B 166 30.25 -24.84 -32.93
C ASN B 166 29.85 -26.16 -33.56
N SER B 167 29.88 -27.20 -32.74
CA SER B 167 29.51 -28.54 -33.16
C SER B 167 28.00 -28.70 -33.29
N ASP B 168 27.27 -28.24 -32.27
CA ASP B 168 25.81 -28.41 -32.24
C ASP B 168 25.09 -27.35 -33.06
N ASP B 169 25.85 -26.54 -33.80
CA ASP B 169 25.34 -25.30 -34.41
C ASP B 169 24.12 -25.43 -35.31
N SER B 170 24.03 -26.52 -36.06
CA SER B 170 22.86 -26.66 -36.91
C SER B 170 21.76 -27.46 -36.21
N GLU B 171 21.89 -27.63 -34.89
CA GLU B 171 20.76 -28.08 -34.08
C GLU B 171 19.82 -26.89 -33.86
N TYR B 172 20.31 -25.71 -34.22
CA TYR B 172 19.60 -24.48 -33.96
C TYR B 172 19.19 -23.75 -35.24
N PHE B 173 20.07 -23.77 -36.23
CA PHE B 173 19.91 -22.96 -37.44
C PHE B 173 18.84 -23.52 -38.34
N SER B 174 18.18 -22.63 -39.07
CA SER B 174 17.03 -23.05 -39.87
C SER B 174 17.43 -23.70 -41.19
N GLN B 175 16.99 -24.94 -41.34
CA GLN B 175 17.09 -25.67 -42.59
C GLN B 175 16.64 -24.85 -43.81
N TYR B 176 15.70 -23.92 -43.58
CA TYR B 176 15.07 -23.20 -44.67
C TYR B 176 15.62 -21.80 -44.89
N SER B 177 16.79 -21.51 -44.39
CA SER B 177 17.36 -20.20 -44.65
C SER B 177 17.85 -20.08 -46.09
N ARG B 178 17.80 -18.88 -46.63
CA ARG B 178 18.46 -18.58 -47.90
C ARG B 178 19.97 -18.73 -47.71
N PHE B 179 20.41 -18.79 -46.46
CA PHE B 179 21.83 -18.86 -46.13
C PHE B 179 22.17 -20.14 -45.41
N GLU B 180 23.46 -20.34 -45.17
CA GLU B 180 23.96 -21.48 -44.42
C GLU B 180 25.10 -20.99 -43.56
N ILE B 181 25.28 -21.60 -42.39
CA ILE B 181 26.33 -21.18 -41.47
C ILE B 181 27.66 -21.88 -41.77
N LEU B 182 28.77 -21.13 -41.70
CA LEU B 182 30.07 -21.70 -41.94
C LEU B 182 30.75 -21.93 -40.62
N ASP B 183 30.85 -20.88 -39.83
CA ASP B 183 31.44 -20.97 -38.51
C ASP B 183 30.96 -19.82 -37.64
N VAL B 184 30.88 -20.06 -36.33
CA VAL B 184 30.62 -19.02 -35.36
C VAL B 184 31.78 -18.93 -34.37
N THR B 185 32.43 -17.78 -34.28
CA THR B 185 33.60 -17.67 -33.41
C THR B 185 33.37 -16.62 -32.33
N GLN B 186 33.39 -17.08 -31.07
CA GLN B 186 33.25 -16.17 -29.93
C GLN B 186 34.58 -16.04 -29.21
N LYS B 187 35.12 -14.83 -29.26
CA LYS B 187 36.36 -14.50 -28.59
C LYS B 187 36.09 -13.42 -27.57
N LYS B 188 36.59 -13.62 -26.35
CA LYS B 188 36.56 -12.59 -25.31
C LYS B 188 37.59 -11.51 -25.56
N ASN B 189 37.19 -10.24 -25.47
CA ASN B 189 38.19 -9.19 -25.40
C ASN B 189 37.69 -7.99 -24.60
N SER B 190 38.53 -6.98 -24.51
CA SER B 190 38.27 -5.87 -23.62
C SER B 190 38.47 -4.59 -24.40
N VAL B 191 37.62 -3.60 -24.13
CA VAL B 191 37.65 -2.36 -24.86
C VAL B 191 37.75 -1.18 -23.92
N THR B 192 38.73 -0.31 -24.15
CA THR B 192 38.85 0.93 -23.38
C THR B 192 38.52 2.13 -24.23
N TYR B 193 38.43 3.28 -23.58
CA TYR B 193 37.89 4.46 -24.23
C TYR B 193 38.60 5.69 -23.71
N SER B 194 39.01 6.56 -24.63
CA SER B 194 39.92 7.64 -24.29
C SER B 194 39.37 8.52 -23.18
N CYS B 195 38.08 8.80 -23.25
CA CYS B 195 37.38 9.67 -22.29
C CYS B 195 37.34 9.14 -20.86
N CYS B 196 37.56 7.84 -20.70
CA CYS B 196 37.04 7.11 -19.55
C CYS B 196 37.97 6.04 -19.06
N PRO B 197 38.12 5.94 -17.73
CA PRO B 197 38.90 4.84 -17.17
C PRO B 197 38.08 3.56 -17.23
N GLU B 198 38.74 2.43 -16.97
CA GLU B 198 38.12 1.12 -16.83
C GLU B 198 37.81 0.47 -18.18
N ALA B 199 38.19 -0.80 -18.26
CA ALA B 199 37.99 -1.66 -19.43
C ALA B 199 36.69 -2.46 -19.32
N TYR B 200 35.97 -2.58 -20.42
CA TYR B 200 34.70 -3.31 -20.36
C TYR B 200 34.87 -4.60 -21.13
N GLU B 201 34.55 -5.71 -20.47
CA GLU B 201 34.66 -7.00 -21.12
C GLU B 201 33.53 -7.17 -22.13
N ASP B 202 33.85 -7.72 -23.29
CA ASP B 202 32.81 -8.15 -24.21
C ASP B 202 33.19 -9.46 -24.87
N VAL B 203 32.18 -10.13 -25.40
CA VAL B 203 32.41 -11.22 -26.33
C VAL B 203 32.22 -10.71 -27.77
N GLU B 204 33.18 -11.05 -28.62
CA GLU B 204 33.10 -10.79 -30.05
C GLU B 204 32.59 -12.04 -30.74
N VAL B 205 31.39 -11.97 -31.29
CA VAL B 205 30.84 -13.16 -31.96
C VAL B 205 31.02 -13.00 -33.47
N SER B 206 31.88 -13.83 -34.04
CA SER B 206 32.18 -13.73 -35.46
C SER B 206 31.35 -14.76 -36.23
N LEU B 207 30.46 -14.22 -37.05
CA LEU B 207 29.53 -15.05 -37.77
C LEU B 207 30.01 -15.23 -39.19
N ASN B 208 30.44 -16.43 -39.51
CA ASN B 208 30.81 -16.72 -40.89
C ASN B 208 29.64 -17.40 -41.60
N PHE B 209 29.19 -16.82 -42.68
CA PHE B 209 28.06 -17.42 -43.39
C PHE B 209 28.06 -17.18 -44.91
N ARG B 210 27.18 -17.90 -45.59
CA ARG B 210 27.13 -17.94 -47.04
C ARG B 210 25.73 -18.09 -47.57
N LYS B 211 25.43 -17.37 -48.65
CA LYS B 211 24.22 -17.64 -49.43
C LYS B 211 24.34 -19.04 -50.03
N LYS B 212 23.29 -19.85 -49.88
CA LYS B 212 23.27 -21.19 -50.47
C LYS B 212 23.36 -21.13 -51.99
N ASP C 7 31.73 -5.01 -2.48
CA ASP C 7 30.70 -6.05 -2.38
C ASP C 7 29.32 -5.39 -2.34
N LYS C 8 28.28 -6.22 -2.43
CA LYS C 8 26.95 -5.75 -2.81
C LYS C 8 26.04 -5.21 -1.70
N LEU C 9 26.42 -5.34 -0.42
CA LEU C 9 25.55 -4.75 0.58
C LEU C 9 25.88 -3.28 0.65
N ASP C 10 27.11 -2.94 0.29
CA ASP C 10 27.42 -1.54 0.14
C ASP C 10 26.62 -0.95 -1.01
N ARG C 11 26.75 -1.54 -2.19
CA ARG C 11 26.03 -1.10 -3.39
C ARG C 11 24.51 -1.07 -3.15
N ALA C 12 23.96 -2.12 -2.54
CA ALA C 12 22.56 -2.11 -2.15
C ALA C 12 22.22 -0.86 -1.32
N ASP C 13 23.00 -0.59 -0.28
CA ASP C 13 22.72 0.52 0.63
C ASP C 13 22.92 1.88 -0.06
N ILE C 14 23.80 1.93 -1.06
CA ILE C 14 24.02 3.15 -1.80
C ILE C 14 22.80 3.41 -2.65
N LEU C 15 22.19 2.33 -3.12
CA LEU C 15 20.97 2.43 -3.91
C LEU C 15 19.78 2.87 -3.06
N TYR C 16 19.77 2.43 -1.81
CA TYR C 16 18.75 2.87 -0.88
C TYR C 16 18.86 4.38 -0.66
N ASN C 17 20.09 4.87 -0.44
CA ASN C 17 20.31 6.31 -0.25
C ASN C 17 19.92 7.15 -1.45
N ILE C 18 20.29 6.68 -2.61
CA ILE C 18 19.86 7.34 -3.83
C ILE C 18 18.33 7.43 -3.88
N ARG C 19 17.62 6.37 -3.50
CA ARG C 19 16.16 6.41 -3.61
C ARG C 19 15.55 7.31 -2.56
N GLN C 20 16.10 7.30 -1.35
CA GLN C 20 15.73 8.27 -0.30
C GLN C 20 15.81 9.72 -0.78
N THR C 21 17.00 10.11 -1.22
CA THR C 21 17.26 11.51 -1.50
C THR C 21 16.70 12.00 -2.85
N SER C 22 16.69 11.10 -3.84
CA SER C 22 16.45 11.49 -5.22
C SER C 22 15.05 11.93 -5.44
N ARG C 23 14.91 12.95 -6.27
CA ARG C 23 13.62 13.47 -6.66
C ARG C 23 13.52 13.50 -8.16
N PRO C 24 13.02 12.41 -8.75
CA PRO C 24 13.13 12.16 -10.20
C PRO C 24 12.38 13.17 -11.05
N ASP C 25 11.55 14.00 -10.42
CA ASP C 25 10.70 14.95 -11.13
C ASP C 25 11.09 16.41 -10.85
N VAL C 26 11.90 16.63 -9.82
CA VAL C 26 12.36 17.99 -9.49
C VAL C 26 13.80 18.22 -9.96
N ILE C 27 14.08 19.40 -10.54
CA ILE C 27 15.43 19.68 -11.03
C ILE C 27 16.37 20.08 -9.88
N PRO C 28 17.55 19.43 -9.85
CA PRO C 28 18.49 19.62 -8.75
C PRO C 28 19.25 20.94 -8.84
N THR C 29 18.57 22.04 -8.51
CA THR C 29 19.24 23.33 -8.49
C THR C 29 19.98 23.61 -7.19
N GLN C 30 21.30 23.66 -7.35
CA GLN C 30 22.27 24.27 -6.45
C GLN C 30 22.06 25.77 -6.32
N ARG C 31 22.06 26.30 -5.10
CA ARG C 31 21.90 27.73 -4.86
C ARG C 31 20.72 28.25 -5.66
N ASP C 32 20.99 29.11 -6.64
CA ASP C 32 19.98 29.48 -7.61
C ASP C 32 20.56 29.36 -9.02
N ARG C 33 21.69 28.67 -9.13
CA ARG C 33 22.30 28.36 -10.42
C ARG C 33 21.48 27.39 -11.28
N PRO C 34 21.57 27.54 -12.62
CA PRO C 34 21.11 26.55 -13.60
C PRO C 34 21.70 25.20 -13.35
N VAL C 35 21.05 24.12 -13.77
CA VAL C 35 21.71 22.83 -13.75
C VAL C 35 22.49 22.67 -15.04
N ALA C 36 23.77 22.36 -14.90
CA ALA C 36 24.67 22.35 -16.05
C ALA C 36 24.65 20.98 -16.65
N VAL C 37 24.27 20.90 -17.91
CA VAL C 37 24.19 19.58 -18.56
C VAL C 37 25.20 19.52 -19.71
N SER C 38 26.04 18.50 -19.69
CA SER C 38 27.00 18.28 -20.79
C SER C 38 26.44 17.27 -21.78
N VAL C 39 26.23 17.68 -23.01
CA VAL C 39 25.80 16.72 -24.00
C VAL C 39 26.87 16.66 -25.06
N SER C 40 27.15 15.44 -25.48
CA SER C 40 28.22 15.19 -26.42
C SER C 40 27.85 13.97 -27.22
N LEU C 41 27.53 14.16 -28.50
CA LEU C 41 27.16 13.01 -29.33
C LEU C 41 28.38 12.40 -29.96
N LYS C 42 28.50 11.08 -29.83
CA LYS C 42 29.51 10.34 -30.56
C LYS C 42 28.77 9.38 -31.48
N PHE C 43 28.88 9.61 -32.78
CA PHE C 43 28.10 8.84 -33.75
C PHE C 43 28.68 7.45 -33.99
N ILE C 44 27.80 6.49 -34.29
CA ILE C 44 28.20 5.12 -34.53
C ILE C 44 27.84 4.71 -35.95
N ASN C 45 26.66 5.11 -36.38
CA ASN C 45 26.20 4.78 -37.72
C ASN C 45 25.40 5.88 -38.38
N ILE C 46 25.40 5.87 -39.71
CA ILE C 46 24.55 6.71 -40.53
C ILE C 46 23.83 5.76 -41.45
N LEU C 47 22.63 5.36 -41.05
CA LEU C 47 21.95 4.21 -41.67
C LEU C 47 21.26 4.54 -42.98
N GLU C 48 20.65 5.71 -43.03
CA GLU C 48 19.91 6.15 -44.21
C GLU C 48 20.10 7.63 -44.42
N VAL C 49 20.05 8.03 -45.67
CA VAL C 49 20.24 9.43 -46.06
C VAL C 49 19.41 9.65 -47.30
N ASN C 50 18.57 10.68 -47.27
CA ASN C 50 17.77 11.07 -48.43
C ASN C 50 18.15 12.50 -48.83
N GLU C 51 18.41 12.73 -50.11
CA GLU C 51 18.84 14.08 -50.49
C GLU C 51 17.66 14.82 -51.08
N ILE C 52 16.71 14.06 -51.61
CA ILE C 52 15.45 14.60 -52.08
C ILE C 52 14.56 15.10 -50.92
N THR C 53 14.57 14.42 -49.78
CA THR C 53 13.71 14.86 -48.68
C THR C 53 14.46 15.62 -47.60
N ASN C 54 15.78 15.62 -47.70
CA ASN C 54 16.63 16.21 -46.67
C ASN C 54 16.41 15.54 -45.31
N GLU C 55 16.53 14.21 -45.26
CA GLU C 55 16.37 13.44 -44.02
C GLU C 55 17.50 12.44 -43.79
N VAL C 56 17.83 12.22 -42.52
CA VAL C 56 18.92 11.30 -42.16
C VAL C 56 18.53 10.37 -41.00
N ASP C 57 19.03 9.16 -41.05
CA ASP C 57 18.75 8.16 -40.03
C ASP C 57 20.07 7.73 -39.41
N VAL C 58 20.34 8.22 -38.21
CA VAL C 58 21.61 7.95 -37.53
C VAL C 58 21.46 7.27 -36.18
N VAL C 59 22.55 6.64 -35.77
CA VAL C 59 22.68 6.05 -34.48
C VAL C 59 23.85 6.72 -33.80
N PHE C 60 23.68 7.12 -32.55
CA PHE C 60 24.72 7.87 -31.85
C PHE C 60 24.62 7.66 -30.35
N TRP C 61 25.77 7.70 -29.70
CA TRP C 61 25.81 7.64 -28.26
C TRP C 61 25.69 9.06 -27.73
N GLN C 62 24.67 9.29 -26.91
CA GLN C 62 24.45 10.64 -26.38
C GLN C 62 25.09 10.78 -25.02
N GLN C 63 26.35 11.17 -25.01
CA GLN C 63 27.11 11.28 -23.78
C GLN C 63 26.57 12.43 -22.96
N THR C 64 26.10 12.15 -21.76
CA THR C 64 25.40 13.18 -20.98
C THR C 64 25.83 13.14 -19.51
N THR C 65 26.07 14.34 -18.96
CA THR C 65 26.46 14.48 -17.55
C THR C 65 25.88 15.73 -16.94
N TRP C 66 25.57 15.61 -15.66
CA TRP C 66 25.19 16.72 -14.79
C TRP C 66 25.47 16.23 -13.37
N SER C 67 25.20 17.05 -12.38
CA SER C 67 25.39 16.56 -11.02
C SER C 67 24.20 16.87 -10.16
N ASP C 68 24.05 16.04 -9.13
CA ASP C 68 23.15 16.30 -8.01
C ASP C 68 23.92 15.93 -6.76
N ARG C 69 24.41 16.94 -6.03
CA ARG C 69 25.29 16.68 -4.87
C ARG C 69 24.57 16.03 -3.72
N THR C 70 23.26 16.18 -3.66
CA THR C 70 22.47 15.47 -2.67
C THR C 70 22.60 13.95 -2.85
N LEU C 71 22.93 13.47 -4.05
CA LEU C 71 23.10 12.03 -4.24
C LEU C 71 24.48 11.56 -3.76
N ALA C 72 25.39 12.50 -3.51
CA ALA C 72 26.77 12.21 -3.05
C ALA C 72 26.88 11.43 -1.74
N TRP C 73 27.96 10.66 -1.65
CA TRP C 73 28.31 9.92 -0.43
C TRP C 73 29.84 9.81 -0.26
N ASN C 74 30.26 9.54 0.97
CA ASN C 74 31.67 9.34 1.30
C ASN C 74 32.05 7.90 0.94
N SER C 75 32.80 7.74 -0.14
CA SER C 75 33.19 6.41 -0.59
C SER C 75 34.61 6.01 -0.18
N SER C 76 34.97 6.30 1.07
CA SER C 76 36.27 5.90 1.61
C SER C 76 36.33 4.38 1.57
N HIS C 77 35.27 3.76 2.06
CA HIS C 77 35.21 2.31 2.12
C HIS C 77 33.89 1.79 1.57
N SER C 78 33.52 2.30 0.40
CA SER C 78 32.33 1.87 -0.31
C SER C 78 32.58 2.17 -1.79
N PRO C 79 31.80 1.56 -2.71
CA PRO C 79 32.08 1.71 -4.14
C PRO C 79 32.05 3.17 -4.61
N ASP C 80 32.66 3.43 -5.75
CA ASP C 80 32.88 4.80 -6.17
C ASP C 80 31.70 5.27 -6.99
N GLN C 81 31.23 4.36 -7.83
CA GLN C 81 30.02 4.57 -8.62
C GLN C 81 29.12 3.38 -8.50
N VAL C 82 27.90 3.56 -8.97
CA VAL C 82 26.96 2.45 -9.06
C VAL C 82 26.11 2.66 -10.30
N SER C 83 25.69 1.56 -10.91
CA SER C 83 24.66 1.60 -11.94
C SER C 83 23.31 1.77 -11.26
N VAL C 84 22.50 2.67 -11.81
CA VAL C 84 21.17 2.98 -11.27
C VAL C 84 20.17 3.13 -12.43
N PRO C 85 18.95 2.53 -12.32
CA PRO C 85 17.86 2.67 -13.30
C PRO C 85 17.43 4.14 -13.45
N ILE C 86 17.40 4.73 -14.66
CA ILE C 86 17.14 6.17 -14.69
C ILE C 86 15.75 6.58 -14.13
N SER C 87 14.78 5.67 -14.09
CA SER C 87 13.51 6.01 -13.46
C SER C 87 13.67 6.43 -11.99
N SER C 88 14.81 6.11 -11.38
CA SER C 88 15.03 6.54 -10.00
C SER C 88 15.66 7.94 -9.89
N LEU C 89 16.05 8.53 -11.03
CA LEU C 89 16.76 9.79 -10.98
C LEU C 89 16.09 10.85 -11.80
N TRP C 90 16.36 12.09 -11.44
CA TRP C 90 16.11 13.17 -12.35
C TRP C 90 17.00 13.01 -13.61
N VAL C 91 16.42 13.25 -14.78
CA VAL C 91 17.18 13.34 -16.01
C VAL C 91 16.79 14.63 -16.72
N PRO C 92 17.75 15.27 -17.41
CA PRO C 92 17.38 16.42 -18.23
C PRO C 92 16.35 15.99 -19.27
N ASP C 93 15.33 16.82 -19.51
CA ASP C 93 14.28 16.52 -20.46
C ASP C 93 14.70 16.99 -21.86
N LEU C 94 15.72 16.35 -22.41
CA LEU C 94 16.33 16.86 -23.64
C LEU C 94 15.53 16.44 -24.88
N ALA C 95 15.57 17.26 -25.92
CA ALA C 95 14.91 16.91 -27.19
C ALA C 95 15.68 17.46 -28.37
N ALA C 96 15.78 16.66 -29.41
CA ALA C 96 16.29 17.17 -30.66
C ALA C 96 15.18 17.96 -31.38
N TYR C 97 15.32 19.29 -31.39
CA TYR C 97 14.30 20.21 -31.93
C TYR C 97 13.95 19.90 -33.37
N ASN C 98 14.84 19.27 -34.11
CA ASN C 98 14.54 19.04 -35.53
C ASN C 98 14.46 17.54 -35.82
N ALA C 99 14.00 16.79 -34.82
CA ALA C 99 13.79 15.36 -34.99
C ALA C 99 12.49 15.11 -35.72
N ILE C 100 12.36 13.95 -36.37
CA ILE C 100 11.13 13.59 -37.07
C ILE C 100 10.69 12.16 -36.78
N SER C 101 11.37 11.52 -35.81
CA SER C 101 10.96 10.21 -35.30
C SER C 101 11.17 10.24 -33.80
N LYS C 102 10.55 9.33 -33.05
CA LYS C 102 10.86 9.25 -31.62
C LYS C 102 12.29 8.78 -31.46
N PRO C 103 12.96 9.19 -30.36
CA PRO C 103 14.30 8.63 -30.18
C PRO C 103 14.18 7.20 -29.69
N GLU C 104 14.58 6.23 -30.50
CA GLU C 104 14.56 4.86 -30.04
C GLU C 104 15.89 4.55 -29.34
N VAL C 105 15.80 4.25 -28.05
CA VAL C 105 16.92 3.90 -27.21
C VAL C 105 17.24 2.42 -27.34
N LEU C 106 18.50 2.11 -27.61
CA LEU C 106 18.90 0.75 -27.94
C LEU C 106 19.51 0.02 -26.75
N THR C 107 19.70 0.75 -25.65
CA THR C 107 20.51 0.24 -24.57
C THR C 107 19.72 0.18 -23.28
N PRO C 108 20.20 -0.62 -22.31
CA PRO C 108 19.54 -0.60 -21.01
C PRO C 108 19.56 0.81 -20.44
N GLN C 109 18.41 1.25 -19.94
CA GLN C 109 18.28 2.61 -19.43
C GLN C 109 18.84 2.70 -18.00
N LEU C 110 20.16 2.62 -17.93
CA LEU C 110 20.86 2.68 -16.67
C LEU C 110 21.74 3.91 -16.65
N ALA C 111 21.85 4.54 -15.50
CA ALA C 111 22.82 5.62 -15.33
C ALA C 111 23.93 5.17 -14.38
N ARG C 112 25.06 5.85 -14.41
CA ARG C 112 26.11 5.61 -13.43
C ARG C 112 26.07 6.78 -12.48
N VAL C 113 25.94 6.52 -11.20
CA VAL C 113 26.02 7.59 -10.24
C VAL C 113 27.38 7.54 -9.55
N VAL C 114 28.16 8.61 -9.70
CA VAL C 114 29.47 8.69 -9.06
C VAL C 114 29.31 9.17 -7.62
N SER C 115 30.29 8.83 -6.78
CA SER C 115 30.37 9.21 -5.36
C SER C 115 30.27 10.70 -5.10
N ASP C 116 30.77 11.51 -6.01
CA ASP C 116 30.72 12.96 -5.81
C ASP C 116 29.35 13.60 -6.13
N GLY C 117 28.42 12.83 -6.68
CA GLY C 117 27.16 13.35 -7.18
C GLY C 117 27.12 13.56 -8.70
N GLU C 118 28.19 13.22 -9.40
CA GLU C 118 28.11 13.25 -10.85
C GLU C 118 27.23 12.09 -11.27
N VAL C 119 26.43 12.34 -12.31
CA VAL C 119 25.64 11.31 -12.92
C VAL C 119 26.05 11.19 -14.37
N LEU C 120 26.41 9.96 -14.77
CA LEU C 120 26.78 9.65 -16.16
C LEU C 120 25.69 8.82 -16.88
N TYR C 121 25.13 9.40 -17.94
CA TYR C 121 24.10 8.74 -18.71
C TYR C 121 24.41 8.85 -20.20
N MET C 122 24.34 7.72 -20.91
CA MET C 122 24.69 7.71 -22.33
C MET C 122 23.88 6.66 -23.08
N PRO C 123 22.64 7.01 -23.43
CA PRO C 123 21.87 6.12 -24.32
C PRO C 123 22.45 6.10 -25.73
N SER C 124 22.51 4.90 -26.29
CA SER C 124 22.61 4.73 -27.73
C SER C 124 21.25 5.03 -28.39
N ILE C 125 21.19 6.05 -29.23
CA ILE C 125 19.91 6.46 -29.82
C ILE C 125 19.81 6.26 -31.35
N ARG C 126 18.73 5.64 -31.81
CA ARG C 126 18.38 5.66 -33.23
C ARG C 126 17.23 6.64 -33.44
N GLN C 127 17.39 7.57 -34.37
CA GLN C 127 16.42 8.66 -34.54
C GLN C 127 16.60 9.32 -35.92
N ARG C 128 15.52 9.87 -36.49
CA ARG C 128 15.60 10.50 -37.82
C ARG C 128 15.50 12.01 -37.77
N PHE C 129 16.26 12.71 -38.60
CA PHE C 129 16.34 14.17 -38.55
C PHE C 129 16.14 14.81 -39.89
N SER C 130 15.52 15.99 -39.88
CA SER C 130 15.46 16.82 -41.09
C SER C 130 16.54 17.91 -41.04
N CYS C 131 17.49 17.81 -41.97
CA CYS C 131 18.60 18.74 -42.02
C CYS C 131 19.25 18.76 -43.38
N ASP C 132 20.23 19.65 -43.55
CA ASP C 132 20.87 19.88 -44.84
C ASP C 132 21.70 18.69 -45.24
N VAL C 133 21.31 18.04 -46.34
CA VAL C 133 22.05 16.91 -46.88
C VAL C 133 22.73 17.28 -48.19
N SER C 134 22.68 18.57 -48.54
CA SER C 134 23.24 18.97 -49.82
C SER C 134 24.74 18.68 -49.83
N GLY C 135 25.15 17.89 -50.81
CA GLY C 135 26.55 17.62 -51.06
C GLY C 135 27.09 16.39 -50.35
N VAL C 136 26.25 15.39 -50.14
CA VAL C 136 26.66 14.17 -49.48
C VAL C 136 27.56 13.35 -50.42
N ASP C 137 27.28 13.42 -51.71
CA ASP C 137 28.01 12.63 -52.68
C ASP C 137 29.30 13.34 -53.07
N THR C 138 29.55 14.50 -52.46
CA THR C 138 30.71 15.32 -52.76
C THR C 138 31.85 15.05 -51.77
N GLU C 139 33.09 15.19 -52.24
CA GLU C 139 34.25 15.04 -51.36
C GLU C 139 34.20 15.98 -50.13
N SER C 140 33.65 17.18 -50.29
CA SER C 140 33.60 18.14 -49.20
C SER C 140 32.44 17.81 -48.25
N GLY C 141 31.57 16.92 -48.69
CA GLY C 141 30.51 16.37 -47.87
C GLY C 141 29.35 17.30 -47.53
N ALA C 142 28.24 16.69 -47.12
CA ALA C 142 27.11 17.42 -46.55
C ALA C 142 27.33 17.76 -45.07
N THR C 143 26.67 18.78 -44.57
CA THR C 143 26.74 19.07 -43.14
C THR C 143 25.34 19.19 -42.52
N CYS C 144 25.09 18.29 -41.59
CA CYS C 144 23.80 18.16 -40.96
C CYS C 144 23.89 18.57 -39.50
N ARG C 145 23.11 19.59 -39.13
CA ARG C 145 23.13 20.07 -37.75
C ARG C 145 21.95 19.55 -36.94
N ILE C 146 22.24 19.01 -35.77
CA ILE C 146 21.18 18.53 -34.90
C ILE C 146 21.15 19.41 -33.67
N LYS C 147 19.96 19.94 -33.39
CA LYS C 147 19.75 20.90 -32.32
C LYS C 147 19.21 20.19 -31.07
N ILE C 148 20.02 20.07 -30.02
CA ILE C 148 19.52 19.38 -28.82
C ILE C 148 19.48 20.31 -27.62
N GLY C 149 18.31 20.43 -27.03
CA GLY C 149 18.15 21.22 -25.83
C GLY C 149 17.06 20.67 -24.93
N SER C 150 16.77 21.42 -23.88
CA SER C 150 15.73 21.09 -22.93
C SER C 150 14.40 21.46 -23.54
N TRP C 151 13.36 20.68 -23.22
CA TRP C 151 12.08 20.96 -23.80
C TRP C 151 11.23 21.90 -22.94
N THR C 152 11.41 21.84 -21.63
CA THR C 152 10.61 22.67 -20.73
C THR C 152 11.41 23.67 -19.89
N HIS C 153 12.72 23.47 -19.74
CA HIS C 153 13.51 24.39 -18.91
C HIS C 153 14.32 25.42 -19.70
N HIS C 154 14.02 26.69 -19.47
CA HIS C 154 14.80 27.81 -20.01
C HIS C 154 16.18 27.91 -19.35
N SER C 155 16.99 28.81 -19.88
CA SER C 155 18.42 28.86 -19.58
C SER C 155 18.78 29.10 -18.10
N ARG C 156 17.90 29.76 -17.35
CA ARG C 156 18.23 29.97 -15.95
C ARG C 156 17.96 28.73 -15.07
N GLU C 157 17.30 27.72 -15.64
CA GLU C 157 17.03 26.47 -14.93
C GLU C 157 17.98 25.39 -15.42
N ILE C 158 18.25 25.38 -16.72
CA ILE C 158 19.20 24.44 -17.29
C ILE C 158 20.16 25.10 -18.29
N SER C 159 21.46 24.89 -18.11
CA SER C 159 22.40 25.32 -19.14
C SER C 159 23.04 24.12 -19.82
N VAL C 160 23.11 24.20 -21.14
CA VAL C 160 23.64 23.11 -21.92
C VAL C 160 25.00 23.51 -22.41
N ASP C 161 26.01 22.79 -21.96
CA ASP C 161 27.39 23.09 -22.30
C ASP C 161 27.98 21.94 -23.11
N PRO C 162 28.49 22.25 -24.31
CA PRO C 162 29.10 21.21 -25.14
C PRO C 162 30.53 20.92 -24.70
N THR C 163 31.20 20.00 -25.40
CA THR C 163 32.51 19.51 -25.00
C THR C 163 33.30 19.00 -26.20
N THR C 164 33.46 17.67 -26.27
CA THR C 164 34.17 17.01 -27.35
C THR C 164 33.21 16.37 -28.36
N ASP C 168 39.29 11.48 -32.55
CA ASP C 168 38.31 11.61 -31.48
C ASP C 168 36.99 10.87 -31.81
N ASP C 169 36.57 10.96 -33.07
CA ASP C 169 35.33 10.34 -33.57
C ASP C 169 35.58 8.97 -34.20
N SER C 170 36.86 8.69 -34.44
CA SER C 170 37.32 7.50 -35.13
C SER C 170 37.13 6.24 -34.30
N GLU C 171 36.95 6.42 -33.01
CA GLU C 171 36.92 5.31 -32.07
C GLU C 171 35.52 4.73 -31.89
N TYR C 172 34.52 5.36 -32.50
CA TYR C 172 33.14 4.97 -32.33
C TYR C 172 32.44 4.59 -33.65
N PHE C 173 32.70 5.36 -34.69
CA PHE C 173 31.97 5.20 -35.94
C PHE C 173 32.33 3.91 -36.68
N SER C 174 31.34 3.29 -37.28
CA SER C 174 31.49 1.98 -37.89
C SER C 174 32.39 2.03 -39.11
N GLN C 175 33.40 1.18 -39.16
CA GLN C 175 34.20 1.04 -40.37
C GLN C 175 33.34 0.61 -41.53
N TYR C 176 32.34 -0.22 -41.23
CA TYR C 176 31.52 -0.84 -42.26
C TYR C 176 30.40 0.05 -42.73
N SER C 177 30.33 1.28 -42.23
CA SER C 177 29.31 2.20 -42.68
C SER C 177 29.39 2.45 -44.17
N ARG C 178 28.27 2.88 -44.74
CA ARG C 178 28.19 3.29 -46.12
C ARG C 178 28.83 4.66 -46.32
N PHE C 179 29.11 5.33 -45.19
CA PHE C 179 29.58 6.71 -45.19
C PHE C 179 30.83 6.79 -44.32
N GLU C 180 31.53 7.94 -44.40
CA GLU C 180 32.59 8.24 -43.46
C GLU C 180 32.36 9.59 -42.81
N ILE C 181 33.05 9.81 -41.70
CA ILE C 181 32.92 11.05 -40.95
C ILE C 181 34.13 11.94 -41.22
N LEU C 182 33.87 13.15 -41.69
CA LEU C 182 34.94 14.09 -41.94
C LEU C 182 35.23 14.86 -40.67
N ASP C 183 34.16 15.34 -40.02
CA ASP C 183 34.33 16.13 -38.80
C ASP C 183 33.04 16.20 -37.97
N VAL C 184 33.17 16.24 -36.64
CA VAL C 184 32.03 16.51 -35.78
C VAL C 184 32.34 17.64 -34.80
N THR C 185 31.62 18.75 -34.94
CA THR C 185 31.83 19.91 -34.09
C THR C 185 30.54 20.34 -33.39
N GLN C 186 30.68 20.78 -32.15
CA GLN C 186 29.54 21.16 -31.31
C GLN C 186 29.70 22.59 -30.85
N LYS C 187 28.58 23.32 -30.77
CA LYS C 187 28.62 24.66 -30.21
C LYS C 187 27.35 24.99 -29.39
N LYS C 188 27.54 25.70 -28.28
CA LYS C 188 26.43 26.19 -27.48
C LYS C 188 25.65 27.24 -28.27
N ASN C 189 24.34 27.13 -28.22
CA ASN C 189 23.46 28.01 -28.97
C ASN C 189 22.32 28.42 -28.06
N SER C 190 21.62 29.49 -28.41
CA SER C 190 20.44 29.82 -27.62
C SER C 190 19.22 29.98 -28.52
N VAL C 191 18.07 29.72 -27.92
CA VAL C 191 16.80 29.71 -28.63
C VAL C 191 15.81 30.67 -27.98
N THR C 192 15.29 31.60 -28.75
CA THR C 192 14.17 32.43 -28.29
C THR C 192 13.01 32.37 -29.29
N TYR C 193 11.88 32.95 -28.91
CA TYR C 193 10.69 32.93 -29.76
C TYR C 193 9.91 34.23 -29.61
N SER C 194 9.29 34.65 -30.70
CA SER C 194 8.44 35.84 -30.70
C SER C 194 7.48 35.80 -29.54
N CYS C 195 6.87 34.63 -29.37
CA CYS C 195 5.73 34.43 -28.50
C CYS C 195 6.17 34.39 -27.06
N CYS C 196 7.42 34.03 -26.86
CA CYS C 196 7.82 33.49 -25.59
C CYS C 196 9.03 34.17 -25.02
N PRO C 197 8.84 34.73 -23.83
CA PRO C 197 9.95 35.26 -23.03
C PRO C 197 10.80 34.08 -22.61
N GLU C 198 12.07 34.34 -22.34
CA GLU C 198 13.04 33.38 -21.80
C GLU C 198 13.79 32.74 -22.96
N ALA C 199 15.07 32.44 -22.71
CA ALA C 199 15.92 31.79 -23.71
C ALA C 199 16.16 30.34 -23.33
N TYR C 200 16.35 29.49 -24.33
CA TYR C 200 16.60 28.08 -24.05
C TYR C 200 17.95 27.74 -24.62
N GLU C 201 18.83 27.23 -23.78
CA GLU C 201 20.11 26.73 -24.25
C GLU C 201 19.92 25.43 -25.02
N ASP C 202 20.74 25.26 -26.06
CA ASP C 202 20.81 24.01 -26.79
C ASP C 202 22.18 23.88 -27.40
N VAL C 203 22.66 22.65 -27.56
CA VAL C 203 23.90 22.41 -28.27
C VAL C 203 23.61 22.09 -29.74
N GLU C 204 24.28 22.79 -30.66
CA GLU C 204 24.18 22.51 -32.10
C GLU C 204 25.28 21.56 -32.52
N VAL C 205 24.95 20.30 -32.72
CA VAL C 205 25.92 19.33 -33.21
C VAL C 205 25.93 19.36 -34.74
N SER C 206 27.10 19.62 -35.34
CA SER C 206 27.20 19.65 -36.80
C SER C 206 27.92 18.41 -37.32
N LEU C 207 27.18 17.49 -37.92
CA LEU C 207 27.79 16.29 -38.50
C LEU C 207 28.19 16.49 -39.97
N ASN C 208 29.48 16.68 -40.21
CA ASN C 208 30.06 16.74 -41.55
C ASN C 208 30.43 15.33 -42.04
N PHE C 209 29.86 14.91 -43.16
CA PHE C 209 30.06 13.52 -43.64
C PHE C 209 29.83 13.34 -45.16
N ARG C 210 30.25 12.19 -45.67
CA ARG C 210 30.17 11.88 -47.10
C ARG C 210 30.15 10.37 -47.33
N LYS C 211 29.78 9.95 -48.55
CA LYS C 211 29.87 8.54 -48.92
C LYS C 211 31.32 8.11 -49.08
N LYS C 212 31.62 6.90 -48.64
CA LYS C 212 32.96 6.34 -48.78
C LYS C 212 33.49 6.37 -50.21
N ASP D 6 14.93 29.87 -8.76
CA ASP D 6 15.37 28.54 -8.32
C ASP D 6 15.44 28.45 -6.80
N ASP D 7 15.94 27.30 -6.31
CA ASP D 7 15.94 26.82 -4.92
C ASP D 7 15.19 25.48 -4.97
N LYS D 8 15.91 24.38 -4.75
CA LYS D 8 15.35 23.06 -5.03
C LYS D 8 14.12 22.72 -4.17
N LEU D 9 14.18 22.96 -2.86
CA LEU D 9 13.10 22.51 -1.99
C LEU D 9 11.85 23.35 -2.17
N ASP D 10 12.01 24.60 -2.59
CA ASP D 10 10.85 25.35 -3.06
C ASP D 10 10.18 24.57 -4.20
N ARG D 11 10.97 24.18 -5.21
CA ARG D 11 10.45 23.47 -6.36
C ARG D 11 9.83 22.11 -5.98
N ALA D 12 10.44 21.39 -5.05
CA ALA D 12 9.91 20.12 -4.56
C ALA D 12 8.54 20.32 -3.95
N ASP D 13 8.46 21.35 -3.10
CA ASP D 13 7.27 21.63 -2.33
C ASP D 13 6.09 22.03 -3.22
N ILE D 14 6.38 22.82 -4.25
CA ILE D 14 5.36 23.19 -5.22
C ILE D 14 4.83 21.92 -5.96
N LEU D 15 5.69 20.94 -6.13
CA LEU D 15 5.29 19.73 -6.82
C LEU D 15 4.34 18.93 -5.95
N TYR D 16 4.68 18.88 -4.67
CA TYR D 16 3.90 18.21 -3.66
C TYR D 16 2.50 18.81 -3.60
N ASN D 17 2.45 20.14 -3.64
CA ASN D 17 1.22 20.88 -3.57
C ASN D 17 0.30 20.62 -4.76
N ILE D 18 0.90 20.62 -5.95
CA ILE D 18 0.18 20.28 -7.16
C ILE D 18 -0.37 18.86 -7.08
N ARG D 19 0.41 17.93 -6.57
CA ARG D 19 -0.06 16.56 -6.55
C ARG D 19 -1.10 16.27 -5.47
N GLN D 20 -1.29 17.22 -4.55
CA GLN D 20 -2.35 17.14 -3.54
C GLN D 20 -3.70 17.59 -4.14
N THR D 21 -3.67 18.74 -4.80
CA THR D 21 -4.84 19.43 -5.34
C THR D 21 -5.29 18.93 -6.71
N SER D 22 -4.32 18.47 -7.50
CA SER D 22 -4.56 18.18 -8.90
C SER D 22 -5.33 16.90 -9.07
N ARG D 23 -6.46 16.99 -9.76
CA ARG D 23 -7.23 15.80 -10.08
C ARG D 23 -7.12 15.52 -11.59
N PRO D 24 -6.18 14.63 -11.96
CA PRO D 24 -5.81 14.27 -13.35
C PRO D 24 -6.96 13.72 -14.20
N ASP D 25 -8.10 13.40 -13.60
CA ASP D 25 -9.19 12.74 -14.31
C ASP D 25 -10.47 13.56 -14.35
N VAL D 26 -10.45 14.73 -13.73
CA VAL D 26 -11.64 15.57 -13.62
C VAL D 26 -11.39 16.93 -14.27
N ILE D 27 -12.38 17.47 -14.98
CA ILE D 27 -12.13 18.71 -15.70
C ILE D 27 -12.06 19.85 -14.72
N PRO D 28 -11.17 20.81 -14.98
CA PRO D 28 -10.98 21.91 -14.02
C PRO D 28 -11.96 23.06 -14.27
N THR D 29 -13.23 22.81 -13.99
CA THR D 29 -14.28 23.80 -14.27
C THR D 29 -14.44 24.69 -13.07
N GLN D 30 -13.95 25.90 -13.18
CA GLN D 30 -14.16 26.90 -12.14
C GLN D 30 -15.43 27.68 -12.43
N ARG D 31 -16.04 28.18 -11.37
CA ARG D 31 -17.25 29.02 -11.40
C ARG D 31 -18.31 28.56 -12.44
N ASP D 32 -18.34 27.25 -12.67
CA ASP D 32 -19.35 26.62 -13.50
C ASP D 32 -19.57 27.13 -14.95
N ARG D 33 -18.49 27.31 -15.70
CA ARG D 33 -18.60 27.46 -17.15
C ARG D 33 -17.40 26.74 -17.82
N PRO D 34 -17.38 26.67 -19.16
CA PRO D 34 -16.41 25.67 -19.62
C PRO D 34 -14.95 26.05 -19.44
N VAL D 35 -14.11 25.03 -19.33
CA VAL D 35 -12.67 25.23 -19.45
C VAL D 35 -12.31 25.76 -20.83
N ALA D 36 -11.72 26.93 -20.88
CA ALA D 36 -11.20 27.43 -22.15
C ALA D 36 -9.90 26.70 -22.43
N VAL D 37 -9.79 26.11 -23.61
CA VAL D 37 -8.52 25.54 -24.03
C VAL D 37 -8.03 26.29 -25.26
N SER D 38 -6.82 26.83 -25.20
CA SER D 38 -6.23 27.38 -26.42
C SER D 38 -5.44 26.30 -27.15
N VAL D 39 -5.53 26.28 -28.46
CA VAL D 39 -4.79 25.32 -29.26
C VAL D 39 -4.17 26.10 -30.39
N SER D 40 -2.86 25.97 -30.53
CA SER D 40 -2.12 26.55 -31.66
C SER D 40 -1.22 25.47 -32.19
N LEU D 41 -1.32 25.20 -33.48
CA LEU D 41 -0.37 24.32 -34.12
C LEU D 41 0.71 25.17 -34.79
N LYS D 42 1.96 24.78 -34.62
CA LYS D 42 3.05 25.43 -35.33
C LYS D 42 3.83 24.35 -36.06
N PHE D 43 3.57 24.27 -37.36
CA PHE D 43 4.18 23.24 -38.16
C PHE D 43 5.67 23.40 -38.30
N ILE D 44 6.34 22.26 -38.15
CA ILE D 44 7.78 22.19 -38.24
C ILE D 44 8.23 21.62 -39.58
N ASN D 45 7.48 20.66 -40.11
CA ASN D 45 7.81 20.09 -41.42
C ASN D 45 6.65 19.36 -42.06
N ILE D 46 6.66 19.32 -43.39
CA ILE D 46 5.76 18.45 -44.13
C ILE D 46 6.55 17.35 -44.83
N LEU D 47 6.43 16.14 -44.34
CA LEU D 47 7.39 15.08 -44.66
C LEU D 47 7.02 14.30 -45.91
N GLU D 48 5.73 14.17 -46.14
CA GLU D 48 5.27 13.35 -47.24
C GLU D 48 3.85 13.75 -47.59
N VAL D 49 3.61 13.90 -48.89
CA VAL D 49 2.26 14.12 -49.36
C VAL D 49 2.00 13.10 -50.45
N ASN D 50 0.81 12.53 -50.44
CA ASN D 50 0.38 11.68 -51.54
C ASN D 50 -0.77 12.37 -52.23
N GLU D 51 -0.57 12.74 -53.48
CA GLU D 51 -1.58 13.52 -54.15
C GLU D 51 -2.78 12.69 -54.61
N ILE D 52 -2.57 11.43 -54.97
CA ILE D 52 -3.74 10.67 -55.38
C ILE D 52 -4.51 10.10 -54.16
N THR D 53 -3.80 9.60 -53.14
CA THR D 53 -4.49 9.05 -51.98
C THR D 53 -4.96 10.09 -50.95
N ASN D 54 -4.69 11.36 -51.20
CA ASN D 54 -5.14 12.46 -50.34
C ASN D 54 -4.72 12.30 -48.86
N GLU D 55 -3.44 12.04 -48.65
CA GLU D 55 -2.92 11.92 -47.30
C GLU D 55 -1.61 12.65 -47.14
N VAL D 56 -1.49 13.40 -46.05
CA VAL D 56 -0.23 14.03 -45.69
C VAL D 56 0.28 13.53 -44.33
N ASP D 57 1.60 13.39 -44.26
CA ASP D 57 2.32 13.07 -43.04
C ASP D 57 3.12 14.29 -42.55
N VAL D 58 2.78 14.86 -41.40
CA VAL D 58 3.48 16.06 -40.95
C VAL D 58 3.96 16.06 -39.47
N VAL D 59 4.79 17.05 -39.15
CA VAL D 59 5.31 17.28 -37.79
C VAL D 59 4.87 18.64 -37.28
N PHE D 60 4.27 18.68 -36.08
CA PHE D 60 3.91 19.98 -35.52
C PHE D 60 4.05 20.14 -34.01
N TRP D 61 4.12 21.38 -33.54
CA TRP D 61 4.15 21.69 -32.11
C TRP D 61 2.75 22.09 -31.62
N GLN D 62 2.08 21.22 -30.88
CA GLN D 62 0.72 21.53 -30.43
C GLN D 62 0.73 22.45 -29.23
N GLN D 63 0.84 23.76 -29.49
CA GLN D 63 0.74 24.72 -28.40
C GLN D 63 -0.62 24.69 -27.72
N THR D 64 -0.62 24.21 -26.48
CA THR D 64 -1.85 24.05 -25.73
C THR D 64 -1.76 24.73 -24.40
N THR D 65 -2.81 25.48 -24.08
CA THR D 65 -2.85 26.14 -22.79
C THR D 65 -4.26 26.20 -22.27
N TRP D 66 -4.35 26.06 -20.96
CA TRP D 66 -5.61 26.17 -20.28
C TRP D 66 -5.27 26.55 -18.86
N SER D 67 -6.28 26.82 -18.04
CA SER D 67 -6.07 27.29 -16.70
C SER D 67 -6.63 26.32 -15.68
N ASP D 68 -6.01 26.23 -14.50
CA ASP D 68 -6.55 25.45 -13.38
C ASP D 68 -6.15 26.17 -12.10
N ARG D 69 -7.02 27.05 -11.60
CA ARG D 69 -6.66 28.01 -10.54
C ARG D 69 -6.52 27.39 -9.16
N THR D 70 -7.10 26.21 -8.97
CA THR D 70 -6.89 25.45 -7.76
C THR D 70 -5.41 25.09 -7.65
N LEU D 71 -4.68 25.17 -8.77
CA LEU D 71 -3.26 24.82 -8.78
C LEU D 71 -2.35 25.97 -8.36
N ALA D 72 -2.92 27.16 -8.15
CA ALA D 72 -2.10 28.37 -7.96
C ALA D 72 -1.41 28.50 -6.60
N TRP D 73 -0.27 29.19 -6.62
CA TRP D 73 0.47 29.54 -5.40
C TRP D 73 0.99 30.97 -5.51
N ASN D 74 1.27 31.57 -4.34
CA ASN D 74 1.89 32.89 -4.27
C ASN D 74 3.38 32.79 -4.59
N SER D 75 3.81 33.42 -5.67
CA SER D 75 5.18 33.27 -6.16
C SER D 75 6.15 34.42 -5.77
N SER D 76 5.89 35.06 -4.65
CA SER D 76 6.72 36.19 -4.20
C SER D 76 8.16 35.76 -3.89
N HIS D 77 8.30 34.71 -3.08
CA HIS D 77 9.61 34.17 -2.74
C HIS D 77 9.67 32.68 -3.03
N SER D 78 9.32 32.35 -4.27
CA SER D 78 9.37 30.99 -4.79
C SER D 78 9.34 31.09 -6.31
N PRO D 79 9.67 29.98 -7.01
CA PRO D 79 9.63 30.01 -8.48
C PRO D 79 8.26 30.39 -9.06
N ASP D 80 8.26 30.90 -10.29
CA ASP D 80 7.04 31.32 -10.96
C ASP D 80 6.34 30.16 -11.70
N GLN D 81 7.13 29.27 -12.29
CA GLN D 81 6.62 28.05 -12.89
C GLN D 81 7.50 26.89 -12.50
N VAL D 82 7.02 25.69 -12.80
CA VAL D 82 7.83 24.49 -12.67
C VAL D 82 7.52 23.57 -13.84
N SER D 83 8.23 22.47 -13.95
CA SER D 83 7.89 21.47 -14.93
C SER D 83 7.22 20.32 -14.23
N VAL D 84 6.14 19.82 -14.83
CA VAL D 84 5.33 18.76 -14.23
C VAL D 84 5.01 17.73 -15.26
N PRO D 85 5.27 16.45 -14.93
CA PRO D 85 4.83 15.32 -15.80
C PRO D 85 3.32 15.35 -15.99
N ILE D 86 2.86 15.30 -17.23
CA ILE D 86 1.44 15.53 -17.50
C ILE D 86 0.54 14.49 -16.90
N SER D 87 1.05 13.31 -16.61
CA SER D 87 0.26 12.32 -15.86
C SER D 87 -0.11 12.77 -14.43
N SER D 88 0.54 13.81 -13.91
CA SER D 88 0.17 14.39 -12.63
C SER D 88 -0.88 15.48 -12.78
N LEU D 89 -1.25 15.78 -14.02
CA LEU D 89 -2.18 16.86 -14.33
C LEU D 89 -3.34 16.39 -15.17
N TRP D 90 -4.45 17.11 -15.07
CA TRP D 90 -5.50 17.06 -16.06
C TRP D 90 -5.04 17.66 -17.40
N VAL D 91 -5.30 16.94 -18.48
CA VAL D 91 -4.97 17.42 -19.81
C VAL D 91 -6.26 17.40 -20.62
N PRO D 92 -6.45 18.34 -21.55
CA PRO D 92 -7.64 18.16 -22.42
C PRO D 92 -7.54 16.88 -23.28
N ASP D 93 -8.68 16.25 -23.56
CA ASP D 93 -8.69 15.02 -24.38
C ASP D 93 -8.80 15.37 -25.88
N LEU D 94 -7.85 16.15 -26.37
CA LEU D 94 -7.84 16.58 -27.76
C LEU D 94 -7.64 15.42 -28.76
N ALA D 95 -8.40 15.44 -29.85
CA ALA D 95 -8.23 14.46 -30.92
C ALA D 95 -8.37 15.11 -32.31
N ALA D 96 -7.63 14.57 -33.28
CA ALA D 96 -7.77 14.99 -34.66
C ALA D 96 -8.70 14.02 -35.41
N TYR D 97 -9.88 14.51 -35.76
CA TYR D 97 -10.97 13.69 -36.32
C TYR D 97 -10.59 13.08 -37.67
N ASN D 98 -9.76 13.76 -38.43
CA ASN D 98 -9.35 13.22 -39.72
C ASN D 98 -7.95 12.60 -39.65
N ALA D 99 -7.46 12.34 -38.44
CA ALA D 99 -6.20 11.61 -38.27
C ALA D 99 -6.37 10.17 -38.68
N ILE D 100 -5.38 9.61 -39.34
CA ILE D 100 -5.45 8.24 -39.81
C ILE D 100 -4.29 7.43 -39.22
N SER D 101 -3.62 8.03 -38.24
CA SER D 101 -2.58 7.34 -37.49
C SER D 101 -2.53 7.93 -36.08
N LYS D 102 -2.11 7.13 -35.10
CA LYS D 102 -1.86 7.63 -33.74
C LYS D 102 -0.97 8.88 -33.74
N PRO D 103 -1.19 9.81 -32.80
CA PRO D 103 -0.23 10.91 -32.63
C PRO D 103 1.06 10.36 -32.05
N GLU D 104 2.19 10.55 -32.72
CA GLU D 104 3.46 10.12 -32.18
C GLU D 104 4.15 11.30 -31.50
N VAL D 105 4.12 11.32 -30.17
CA VAL D 105 4.74 12.40 -29.42
C VAL D 105 6.25 12.21 -29.36
N LEU D 106 6.99 13.19 -29.85
CA LEU D 106 8.43 13.04 -30.05
C LEU D 106 9.25 13.67 -28.92
N THR D 107 8.56 14.35 -28.01
CA THR D 107 9.18 15.14 -26.95
C THR D 107 8.74 14.67 -25.56
N PRO D 108 9.53 15.02 -24.52
CA PRO D 108 9.17 14.71 -23.12
C PRO D 108 7.75 15.09 -22.79
N GLN D 109 7.00 14.20 -22.14
CA GLN D 109 5.64 14.55 -21.83
C GLN D 109 5.56 15.34 -20.51
N LEU D 110 6.07 16.57 -20.55
CA LEU D 110 6.02 17.47 -19.41
C LEU D 110 5.29 18.73 -19.76
N ALA D 111 4.76 19.37 -18.73
CA ALA D 111 4.08 20.64 -18.90
C ALA D 111 4.67 21.67 -17.94
N ARG D 112 4.29 22.93 -18.15
CA ARG D 112 4.69 24.00 -17.25
C ARG D 112 3.45 24.53 -16.56
N VAL D 113 3.47 24.44 -15.25
CA VAL D 113 2.43 25.03 -14.44
C VAL D 113 2.89 26.40 -13.98
N VAL D 114 2.16 27.43 -14.38
CA VAL D 114 2.50 28.78 -13.96
C VAL D 114 1.76 29.06 -12.62
N SER D 115 2.27 30.02 -11.86
CA SER D 115 1.84 30.23 -10.46
C SER D 115 0.44 30.81 -10.35
N ASP D 116 -0.06 31.35 -11.46
CA ASP D 116 -1.45 31.76 -11.55
C ASP D 116 -2.35 30.60 -11.99
N GLY D 117 -1.77 29.40 -12.05
CA GLY D 117 -2.52 28.21 -12.37
C GLY D 117 -2.72 27.93 -13.85
N GLU D 118 -1.90 28.55 -14.67
CA GLU D 118 -2.01 28.34 -16.10
C GLU D 118 -1.18 27.13 -16.41
N VAL D 119 -1.69 26.27 -17.28
CA VAL D 119 -0.87 25.17 -17.74
C VAL D 119 -0.43 25.40 -19.19
N LEU D 120 0.84 25.12 -19.42
CA LEU D 120 1.49 25.32 -20.68
C LEU D 120 2.03 24.00 -21.20
N TYR D 121 1.41 23.46 -22.25
CA TYR D 121 1.78 22.14 -22.74
C TYR D 121 1.90 22.15 -24.25
N MET D 122 3.01 21.63 -24.75
CA MET D 122 3.33 21.77 -26.18
C MET D 122 4.05 20.53 -26.66
N PRO D 123 3.28 19.51 -27.03
CA PRO D 123 4.01 18.33 -27.48
C PRO D 123 4.39 18.49 -28.95
N SER D 124 5.52 17.94 -29.33
CA SER D 124 5.82 17.83 -30.74
C SER D 124 5.20 16.52 -31.20
N ILE D 125 4.48 16.57 -32.32
CA ILE D 125 3.67 15.47 -32.82
C ILE D 125 3.91 15.14 -34.32
N ARG D 126 4.12 13.87 -34.63
CA ARG D 126 4.04 13.41 -36.03
C ARG D 126 2.76 12.56 -36.24
N GLN D 127 1.92 12.99 -37.18
CA GLN D 127 0.67 12.30 -37.45
C GLN D 127 0.29 12.31 -38.97
N ARG D 128 -0.50 11.31 -39.40
CA ARG D 128 -0.98 11.26 -40.78
CA ARG D 128 -0.98 11.22 -40.78
C ARG D 128 -2.45 11.62 -40.89
N PHE D 129 -2.78 12.49 -41.83
CA PHE D 129 -4.15 12.95 -42.01
C PHE D 129 -4.65 12.70 -43.41
N SER D 130 -5.95 12.44 -43.53
CA SER D 130 -6.61 12.54 -44.80
C SER D 130 -7.06 13.98 -44.95
N CYS D 131 -6.59 14.62 -46.01
CA CYS D 131 -7.06 15.96 -46.32
C CYS D 131 -6.85 16.25 -47.80
N ASP D 132 -7.15 17.49 -48.18
CA ASP D 132 -7.02 17.90 -49.57
C ASP D 132 -5.58 18.28 -49.87
N VAL D 133 -4.96 17.50 -50.75
CA VAL D 133 -3.58 17.72 -51.16
C VAL D 133 -3.58 18.09 -52.67
N SER D 134 -4.75 18.40 -53.20
CA SER D 134 -4.88 18.79 -54.60
C SER D 134 -4.24 20.16 -54.81
N GLY D 135 -3.42 20.27 -55.85
CA GLY D 135 -2.76 21.53 -56.14
C GLY D 135 -1.50 21.77 -55.31
N VAL D 136 -0.90 20.69 -54.83
CA VAL D 136 0.30 20.82 -54.04
C VAL D 136 1.46 21.18 -54.97
N ASP D 137 1.32 20.88 -56.25
CA ASP D 137 2.43 21.13 -57.18
C ASP D 137 2.18 22.43 -57.96
N THR D 138 1.04 23.07 -57.71
CA THR D 138 0.78 24.40 -58.25
C THR D 138 1.22 25.45 -57.24
N GLU D 139 0.68 26.66 -57.32
CA GLU D 139 1.13 27.71 -56.40
C GLU D 139 0.03 28.60 -55.80
N SER D 140 -1.22 28.28 -56.08
CA SER D 140 -2.25 28.68 -55.12
C SER D 140 -2.09 27.70 -53.95
N GLY D 141 -1.64 26.49 -54.30
CA GLY D 141 -1.20 25.48 -53.36
C GLY D 141 -2.31 24.53 -52.92
N ALA D 142 -1.92 23.47 -52.21
CA ALA D 142 -2.87 22.61 -51.55
C ALA D 142 -3.22 23.22 -50.20
N THR D 143 -4.48 23.13 -49.79
CA THR D 143 -4.86 23.51 -48.43
C THR D 143 -5.38 22.28 -47.67
N CYS D 144 -4.61 21.87 -46.67
CA CYS D 144 -4.93 20.69 -45.89
C CYS D 144 -5.59 21.03 -44.56
N ARG D 145 -6.88 20.80 -44.44
CA ARG D 145 -7.62 21.14 -43.23
C ARG D 145 -7.53 20.05 -42.15
N ILE D 146 -7.05 20.44 -40.97
CA ILE D 146 -6.99 19.54 -39.82
C ILE D 146 -8.00 19.94 -38.77
N LYS D 147 -8.78 18.99 -38.27
CA LYS D 147 -9.81 19.34 -37.31
C LYS D 147 -9.50 18.72 -35.93
N ILE D 148 -9.37 19.58 -34.92
CA ILE D 148 -9.04 19.14 -33.57
C ILE D 148 -10.02 19.67 -32.53
N GLY D 149 -10.47 18.78 -31.65
CA GLY D 149 -11.27 19.17 -30.51
C GLY D 149 -11.32 18.05 -29.49
N SER D 150 -12.13 18.27 -28.46
CA SER D 150 -12.30 17.32 -27.38
C SER D 150 -13.05 16.10 -27.87
N TRP D 151 -12.73 14.96 -27.29
CA TRP D 151 -13.30 13.74 -27.81
C TRP D 151 -14.55 13.39 -27.04
N THR D 152 -14.71 13.89 -25.82
CA THR D 152 -15.85 13.47 -25.00
C THR D 152 -16.54 14.60 -24.24
N HIS D 153 -16.09 15.84 -24.45
CA HIS D 153 -16.65 16.97 -23.69
C HIS D 153 -17.37 17.96 -24.58
N HIS D 154 -18.61 18.29 -24.21
CA HIS D 154 -19.42 19.35 -24.85
C HIS D 154 -18.75 20.68 -24.77
N SER D 155 -19.16 21.59 -25.66
CA SER D 155 -18.80 23.01 -25.59
C SER D 155 -19.08 23.62 -24.22
N ARG D 156 -20.04 23.04 -23.50
CA ARG D 156 -20.39 23.50 -22.16
C ARG D 156 -19.36 23.06 -21.12
N GLU D 157 -18.54 22.07 -21.48
CA GLU D 157 -17.56 21.52 -20.57
C GLU D 157 -16.17 21.95 -21.00
N ILE D 158 -15.89 21.82 -22.30
CA ILE D 158 -14.61 22.27 -22.84
C ILE D 158 -14.86 23.21 -24.00
N SER D 159 -14.21 24.36 -23.95
CA SER D 159 -14.29 25.34 -25.03
C SER D 159 -12.91 25.51 -25.68
N VAL D 160 -12.87 25.76 -26.98
CA VAL D 160 -11.60 25.78 -27.72
C VAL D 160 -11.21 27.14 -28.32
N ASP D 161 -10.29 27.85 -27.65
CA ASP D 161 -9.72 29.09 -28.16
C ASP D 161 -8.74 28.84 -29.33
N PRO D 162 -9.05 29.37 -30.54
CA PRO D 162 -8.14 29.27 -31.68
C PRO D 162 -7.16 30.43 -31.88
N THR D 163 -7.16 31.48 -31.06
CA THR D 163 -6.29 32.65 -31.28
C THR D 163 -4.89 32.25 -31.74
N THR D 164 -4.44 32.84 -32.84
CA THR D 164 -3.22 32.37 -33.48
C THR D 164 -2.60 33.36 -34.49
N GLU D 165 -1.35 33.71 -34.26
CA GLU D 165 -0.57 34.48 -35.23
C GLU D 165 0.12 33.53 -36.20
N ASN D 166 0.64 34.04 -37.32
CA ASN D 166 1.50 33.21 -38.15
C ASN D 166 2.66 33.97 -38.77
N SER D 167 2.83 35.22 -38.33
CA SER D 167 3.97 36.04 -38.76
C SER D 167 5.29 35.37 -38.39
N ASP D 168 5.24 34.45 -37.42
CA ASP D 168 6.43 33.79 -36.92
C ASP D 168 6.57 32.35 -37.38
N ASP D 169 5.77 31.96 -38.39
CA ASP D 169 5.88 30.62 -38.99
C ASP D 169 7.31 30.20 -39.28
N SER D 170 8.10 31.16 -39.76
CA SER D 170 9.48 30.93 -40.16
C SER D 170 10.35 30.48 -39.00
N GLU D 171 9.95 30.83 -37.78
CA GLU D 171 10.70 30.45 -36.59
C GLU D 171 10.61 28.95 -36.28
N TYR D 172 9.64 28.29 -36.91
CA TYR D 172 9.32 26.92 -36.56
C TYR D 172 9.57 25.98 -37.70
N PHE D 173 9.28 26.43 -38.91
CA PHE D 173 9.26 25.52 -40.05
C PHE D 173 10.67 25.21 -40.51
N SER D 174 10.86 23.96 -40.95
CA SER D 174 12.14 23.50 -41.45
C SER D 174 12.48 24.21 -42.74
N GLN D 175 13.65 24.85 -42.79
CA GLN D 175 14.13 25.46 -44.01
C GLN D 175 14.44 24.37 -45.05
N TYR D 176 14.69 23.15 -44.57
CA TYR D 176 15.11 22.07 -45.44
C TYR D 176 13.95 21.16 -45.86
N SER D 177 12.73 21.64 -45.70
CA SER D 177 11.57 20.87 -46.12
C SER D 177 11.45 20.98 -47.61
N ARG D 178 10.87 19.97 -48.23
CA ARG D 178 10.71 19.99 -49.69
C ARG D 178 9.45 20.74 -50.05
N PHE D 179 8.83 21.31 -49.04
CA PHE D 179 7.64 22.08 -49.23
C PHE D 179 7.87 23.41 -48.59
N GLU D 180 7.02 24.37 -48.90
CA GLU D 180 7.04 25.63 -48.20
C GLU D 180 5.61 25.94 -47.81
N ILE D 181 5.48 26.59 -46.65
CA ILE D 181 4.18 26.94 -46.12
C ILE D 181 3.81 28.25 -46.76
N LEU D 182 2.52 28.42 -47.05
CA LEU D 182 2.03 29.68 -47.59
C LEU D 182 1.24 30.40 -46.52
N ASP D 183 0.45 29.64 -45.77
CA ASP D 183 -0.39 30.22 -44.73
C ASP D 183 -1.00 29.14 -43.84
N VAL D 184 -1.36 29.54 -42.62
CA VAL D 184 -2.04 28.68 -41.66
C VAL D 184 -3.09 29.49 -40.90
N THR D 185 -4.35 29.20 -41.11
CA THR D 185 -5.37 29.95 -40.40
C THR D 185 -6.23 28.99 -39.59
N GLN D 186 -6.61 29.43 -38.40
CA GLN D 186 -7.35 28.59 -37.48
C GLN D 186 -8.65 29.26 -37.13
N LYS D 187 -9.73 28.51 -37.31
CA LYS D 187 -11.08 29.05 -37.13
C LYS D 187 -11.84 28.19 -36.12
N LYS D 188 -12.48 28.80 -35.13
CA LYS D 188 -13.28 28.01 -34.21
C LYS D 188 -14.49 27.45 -35.00
N ASN D 189 -15.16 26.44 -34.48
CA ASN D 189 -16.22 25.77 -35.21
C ASN D 189 -16.95 24.80 -34.30
N SER D 190 -18.27 24.91 -34.23
CA SER D 190 -19.02 24.11 -33.27
C SER D 190 -19.89 23.10 -33.99
N VAL D 191 -19.75 21.84 -33.63
CA VAL D 191 -20.43 20.78 -34.36
C VAL D 191 -21.46 20.02 -33.51
N THR D 192 -22.65 19.83 -34.08
CA THR D 192 -23.72 19.05 -33.45
C THR D 192 -23.78 17.60 -33.98
N TYR D 193 -24.39 16.71 -33.22
CA TYR D 193 -24.45 15.29 -33.57
C TYR D 193 -25.76 14.64 -33.16
N SER D 194 -26.41 13.97 -34.13
CA SER D 194 -27.72 13.32 -33.96
C SER D 194 -27.78 12.53 -32.66
N CYS D 195 -26.78 11.68 -32.47
CA CYS D 195 -26.43 11.14 -31.16
C CYS D 195 -26.85 11.98 -29.95
N CYS D 196 -26.34 13.21 -29.90
CA CYS D 196 -26.26 13.96 -28.66
C CYS D 196 -26.96 15.31 -28.73
N PRO D 197 -27.57 15.71 -27.62
CA PRO D 197 -28.17 17.02 -27.50
C PRO D 197 -27.18 18.11 -27.87
N GLU D 198 -26.03 18.06 -27.21
CA GLU D 198 -25.07 19.16 -27.18
C GLU D 198 -24.08 19.22 -28.33
N ALA D 199 -23.55 20.40 -28.56
CA ALA D 199 -22.53 20.62 -29.60
C ALA D 199 -21.09 20.57 -29.06
N TYR D 200 -20.16 20.09 -29.90
CA TYR D 200 -18.77 19.93 -29.50
C TYR D 200 -17.88 20.85 -30.34
N GLU D 201 -17.18 21.76 -29.70
CA GLU D 201 -16.30 22.68 -30.41
C GLU D 201 -15.00 22.03 -30.85
N ASP D 202 -14.51 22.47 -31.98
CA ASP D 202 -13.21 22.09 -32.49
C ASP D 202 -12.47 23.30 -33.04
N VAL D 203 -11.37 23.05 -33.73
CA VAL D 203 -10.68 24.09 -34.46
C VAL D 203 -10.25 23.51 -35.80
N GLU D 204 -10.62 24.19 -36.88
CA GLU D 204 -10.07 23.80 -38.16
C GLU D 204 -8.77 24.55 -38.27
N VAL D 205 -7.70 23.80 -38.56
CA VAL D 205 -6.42 24.37 -38.93
C VAL D 205 -6.28 24.16 -40.41
N SER D 206 -5.98 25.22 -41.15
CA SER D 206 -5.86 25.11 -42.60
C SER D 206 -4.42 25.30 -43.08
N LEU D 207 -3.82 24.23 -43.56
CA LEU D 207 -2.40 24.28 -43.92
C LEU D 207 -2.17 24.49 -45.43
N ASN D 208 -2.31 25.74 -45.87
CA ASN D 208 -2.01 26.11 -47.25
C ASN D 208 -0.51 25.97 -47.60
N PHE D 209 -0.17 24.99 -48.40
CA PHE D 209 1.24 24.74 -48.73
C PHE D 209 1.47 24.23 -50.17
N ARG D 210 2.73 24.13 -50.56
CA ARG D 210 3.14 23.73 -51.91
C ARG D 210 4.61 23.38 -51.90
N LYS D 211 5.10 22.71 -52.94
CA LYS D 211 6.54 22.45 -53.08
C LYS D 211 7.28 23.69 -53.56
N LYS D 212 8.61 23.61 -53.55
CA LYS D 212 9.43 24.78 -53.83
C LYS D 212 9.91 24.80 -55.27
N LYS E 3 -27.88 22.97 -15.83
CA LYS E 3 -26.95 24.07 -15.65
C LYS E 3 -26.04 23.85 -14.43
N ASP E 4 -26.09 22.65 -13.87
CA ASP E 4 -25.21 22.27 -12.77
C ASP E 4 -24.20 21.23 -13.25
N ASP E 5 -23.97 21.24 -14.56
CA ASP E 5 -23.08 20.34 -15.28
C ASP E 5 -21.61 20.66 -14.92
N ASP E 6 -21.41 21.82 -14.29
CA ASP E 6 -20.06 22.33 -14.09
C ASP E 6 -19.56 22.42 -12.63
N ASP E 7 -20.28 21.86 -11.68
CA ASP E 7 -19.75 21.87 -10.32
C ASP E 7 -18.63 20.81 -10.28
N LYS E 8 -17.40 21.29 -10.38
CA LYS E 8 -16.21 20.43 -10.48
C LYS E 8 -16.11 19.48 -9.31
N LEU E 9 -16.41 19.96 -8.11
CA LEU E 9 -16.47 19.07 -6.95
C LEU E 9 -17.54 17.97 -7.15
N ASP E 10 -18.68 18.33 -7.72
CA ASP E 10 -19.72 17.34 -8.01
C ASP E 10 -19.19 16.25 -8.92
N ARG E 11 -18.35 16.64 -9.88
CA ARG E 11 -17.78 15.70 -10.83
C ARG E 11 -16.73 14.82 -10.14
N ALA E 12 -15.97 15.43 -9.24
CA ALA E 12 -15.03 14.68 -8.42
C ALA E 12 -15.73 13.56 -7.65
N ASP E 13 -16.86 13.88 -7.02
CA ASP E 13 -17.59 12.92 -6.22
C ASP E 13 -18.24 11.83 -7.08
N ILE E 14 -18.76 12.20 -8.25
CA ILE E 14 -19.37 11.22 -9.12
C ILE E 14 -18.29 10.21 -9.51
N LEU E 15 -17.14 10.75 -9.87
CA LEU E 15 -15.99 9.94 -10.26
C LEU E 15 -15.54 9.06 -9.11
N TYR E 16 -15.56 9.65 -7.92
CA TYR E 16 -15.29 8.89 -6.70
C TYR E 16 -16.33 7.78 -6.54
N ASN E 17 -17.61 8.12 -6.69
CA ASN E 17 -18.67 7.11 -6.60
C ASN E 17 -18.49 6.01 -7.62
N ILE E 18 -18.15 6.39 -8.85
CA ILE E 18 -18.04 5.42 -9.92
C ILE E 18 -16.98 4.37 -9.58
N ARG E 19 -15.78 4.80 -9.21
CA ARG E 19 -14.71 3.87 -8.88
C ARG E 19 -15.00 2.98 -7.67
N GLN E 20 -15.79 3.46 -6.72
N GLN E 20 -15.83 3.45 -6.76
CA GLN E 20 -16.21 2.64 -5.59
CA GLN E 20 -16.23 2.67 -5.58
C GLN E 20 -17.10 1.49 -6.04
C GLN E 20 -17.17 1.54 -5.96
N THR E 21 -18.05 1.79 -6.93
CA THR E 21 -19.04 0.81 -7.35
C THR E 21 -18.57 -0.01 -8.55
N SER E 22 -17.74 0.59 -9.40
CA SER E 22 -17.35 -0.07 -10.65
C SER E 22 -16.55 -1.33 -10.41
N ARG E 23 -16.75 -2.31 -11.28
CA ARG E 23 -16.01 -3.57 -11.24
C ARG E 23 -15.47 -3.87 -12.62
N PRO E 24 -14.26 -3.41 -12.91
CA PRO E 24 -13.73 -3.37 -14.28
C PRO E 24 -13.58 -4.72 -14.96
N ASP E 25 -13.57 -5.80 -14.18
CA ASP E 25 -13.38 -7.16 -14.67
C ASP E 25 -14.58 -8.06 -14.39
N VAL E 26 -15.74 -7.46 -14.17
CA VAL E 26 -16.95 -8.23 -13.89
C VAL E 26 -18.06 -7.75 -14.81
N ILE E 27 -18.70 -8.68 -15.53
CA ILE E 27 -19.80 -8.26 -16.39
C ILE E 27 -20.92 -7.77 -15.50
N PRO E 28 -21.45 -6.59 -15.82
CA PRO E 28 -22.51 -5.90 -15.08
C PRO E 28 -23.90 -6.44 -15.44
N THR E 29 -24.11 -7.73 -15.21
CA THR E 29 -25.40 -8.37 -15.43
C THR E 29 -26.39 -8.07 -14.30
N GLN E 30 -27.34 -7.22 -14.65
CA GLN E 30 -28.61 -6.96 -14.00
C GLN E 30 -29.59 -8.15 -14.07
N ARG E 31 -30.38 -8.41 -13.03
CA ARG E 31 -31.63 -9.19 -13.18
C ARG E 31 -31.46 -10.55 -13.87
N ASP E 32 -30.23 -11.07 -13.85
CA ASP E 32 -29.84 -12.20 -14.70
C ASP E 32 -30.18 -11.98 -16.18
N ARG E 33 -30.11 -10.73 -16.62
CA ARG E 33 -30.18 -10.40 -18.04
C ARG E 33 -28.81 -10.69 -18.60
N PRO E 34 -28.72 -11.06 -19.89
CA PRO E 34 -27.39 -10.81 -20.49
C PRO E 34 -27.17 -9.30 -20.59
N VAL E 35 -25.92 -8.88 -20.59
CA VAL E 35 -25.66 -7.46 -20.76
C VAL E 35 -25.87 -7.13 -22.23
N ALA E 36 -26.72 -6.15 -22.47
CA ALA E 36 -27.01 -5.75 -23.83
C ALA E 36 -25.96 -4.74 -24.28
N VAL E 37 -25.20 -5.10 -25.31
CA VAL E 37 -24.23 -4.20 -25.88
C VAL E 37 -24.62 -3.78 -27.29
N SER E 38 -24.88 -2.50 -27.48
CA SER E 38 -25.10 -1.98 -28.82
C SER E 38 -23.76 -1.62 -29.44
N VAL E 39 -23.55 -2.04 -30.68
CA VAL E 39 -22.34 -1.71 -31.40
C VAL E 39 -22.76 -1.17 -32.75
N SER E 40 -22.06 -0.15 -33.23
CA SER E 40 -22.48 0.53 -34.44
C SER E 40 -21.24 1.18 -35.00
N LEU E 41 -20.96 0.95 -36.28
CA LEU E 41 -19.75 1.50 -36.87
C LEU E 41 -20.06 2.66 -37.79
N LYS E 42 -19.37 3.77 -37.60
CA LYS E 42 -19.48 4.85 -38.56
C LYS E 42 -18.14 5.04 -39.23
N PHE E 43 -17.96 4.39 -40.38
CA PHE E 43 -16.73 4.49 -41.16
C PHE E 43 -16.29 5.92 -41.41
N ILE E 44 -14.96 6.11 -41.49
CA ILE E 44 -14.39 7.43 -41.68
C ILE E 44 -13.54 7.47 -42.91
N ASN E 45 -12.98 6.32 -43.30
CA ASN E 45 -12.01 6.27 -44.39
C ASN E 45 -11.68 4.86 -44.83
N ILE E 46 -11.16 4.75 -46.05
CA ILE E 46 -10.72 3.46 -46.58
C ILE E 46 -9.43 3.73 -47.31
N LEU E 47 -8.34 3.17 -46.84
CA LEU E 47 -7.06 3.78 -47.19
C LEU E 47 -6.22 2.94 -48.11
N GLU E 48 -6.04 1.69 -47.76
CA GLU E 48 -5.21 0.82 -48.57
C GLU E 48 -5.98 -0.44 -48.89
N VAL E 49 -6.82 -0.35 -49.91
CA VAL E 49 -7.45 -1.50 -50.52
C VAL E 49 -6.41 -2.20 -51.36
N ASN E 50 -6.18 -3.49 -51.11
CA ASN E 50 -5.33 -4.26 -51.99
C ASN E 50 -6.14 -5.29 -52.75
N GLU E 51 -6.09 -5.20 -54.08
CA GLU E 51 -6.97 -6.00 -54.92
C GLU E 51 -6.59 -7.47 -54.97
N ILE E 52 -5.31 -7.78 -54.74
CA ILE E 52 -4.87 -9.15 -54.85
C ILE E 52 -4.88 -9.90 -53.51
N THR E 53 -4.33 -9.28 -52.45
CA THR E 53 -4.30 -9.92 -51.13
C THR E 53 -5.71 -10.04 -50.55
N ASN E 54 -6.61 -9.21 -51.06
CA ASN E 54 -8.01 -9.19 -50.63
C ASN E 54 -8.13 -8.62 -49.21
N GLU E 55 -7.42 -7.53 -48.98
CA GLU E 55 -7.41 -6.87 -47.68
C GLU E 55 -7.69 -5.39 -47.82
N VAL E 56 -8.39 -4.87 -46.83
CA VAL E 56 -8.68 -3.45 -46.82
C VAL E 56 -8.25 -2.89 -45.48
N ASP E 57 -7.92 -1.61 -45.50
CA ASP E 57 -7.51 -0.88 -44.32
C ASP E 57 -8.54 0.19 -44.02
N VAL E 58 -9.25 0.07 -42.90
CA VAL E 58 -10.29 1.05 -42.59
C VAL E 58 -10.06 1.85 -41.30
N VAL E 59 -10.63 3.04 -41.26
CA VAL E 59 -10.79 3.83 -40.06
C VAL E 59 -12.26 3.91 -39.72
N PHE E 60 -12.64 3.57 -38.51
CA PHE E 60 -14.06 3.67 -38.15
C PHE E 60 -14.29 3.99 -36.67
N TRP E 61 -15.37 4.70 -36.42
CA TRP E 61 -15.71 5.00 -35.05
C TRP E 61 -16.61 3.91 -34.57
N GLN E 62 -16.13 3.16 -33.59
CA GLN E 62 -16.94 2.12 -32.99
C GLN E 62 -17.87 2.73 -31.95
N GLN E 63 -19.10 3.02 -32.35
CA GLN E 63 -20.09 3.44 -31.38
C GLN E 63 -20.51 2.26 -30.53
N THR E 64 -20.27 2.35 -29.22
CA THR E 64 -20.45 1.21 -28.33
C THR E 64 -21.17 1.64 -27.08
N THR E 65 -22.23 0.91 -26.69
CA THR E 65 -22.96 1.27 -25.49
C THR E 65 -23.63 0.12 -24.75
N TRP E 66 -23.79 0.35 -23.46
CA TRP E 66 -24.34 -0.64 -22.55
C TRP E 66 -24.66 0.10 -21.31
N SER E 67 -25.25 -0.57 -20.35
CA SER E 67 -25.60 0.12 -19.13
C SER E 67 -25.18 -0.72 -17.93
N ASP E 68 -24.95 -0.04 -16.83
CA ASP E 68 -24.62 -0.62 -15.54
C ASP E 68 -25.35 0.23 -14.52
N ARG E 69 -26.50 -0.23 -14.07
CA ARG E 69 -27.36 0.60 -13.23
C ARG E 69 -26.72 0.92 -11.86
N THR E 70 -25.69 0.17 -11.48
CA THR E 70 -25.01 0.44 -10.21
C THR E 70 -24.16 1.73 -10.27
N LEU E 71 -23.82 2.17 -11.48
CA LEU E 71 -23.12 3.45 -11.63
C LEU E 71 -24.04 4.69 -11.57
N ALA E 72 -25.35 4.48 -11.56
CA ALA E 72 -26.33 5.58 -11.60
C ALA E 72 -26.38 6.54 -10.36
N TRP E 73 -26.57 7.82 -10.61
CA TRP E 73 -26.77 8.79 -9.53
C TRP E 73 -27.94 9.75 -9.90
N ASN E 74 -28.56 10.37 -8.89
CA ASN E 74 -29.51 11.48 -9.09
C ASN E 74 -28.94 12.70 -9.81
N SER E 75 -29.17 12.81 -11.10
CA SER E 75 -28.71 13.98 -11.86
C SER E 75 -29.56 15.23 -11.64
N SER E 76 -30.31 15.25 -10.54
CA SER E 76 -31.18 16.37 -10.25
C SER E 76 -30.37 17.67 -10.11
N HIS E 77 -29.38 17.64 -9.22
CA HIS E 77 -28.62 18.85 -8.93
C HIS E 77 -27.14 18.57 -9.08
N SER E 78 -26.82 17.83 -10.14
CA SER E 78 -25.45 17.41 -10.42
C SER E 78 -25.36 17.06 -11.90
N PRO E 79 -24.14 16.94 -12.45
CA PRO E 79 -24.01 16.71 -13.90
C PRO E 79 -24.70 15.46 -14.42
N ASP E 80 -25.12 15.49 -15.69
CA ASP E 80 -25.84 14.36 -16.31
C ASP E 80 -24.90 13.24 -16.68
N GLN E 81 -23.73 13.63 -17.18
CA GLN E 81 -22.69 12.71 -17.60
C GLN E 81 -21.32 13.14 -17.07
N VAL E 82 -20.34 12.25 -17.20
CA VAL E 82 -18.93 12.58 -16.97
C VAL E 82 -18.07 11.77 -17.88
N SER E 83 -16.96 12.35 -18.32
CA SER E 83 -15.90 11.56 -18.93
C SER E 83 -15.26 10.70 -17.85
N VAL E 84 -14.92 9.46 -18.19
CA VAL E 84 -14.26 8.55 -17.25
C VAL E 84 -13.23 7.70 -18.01
N PRO E 85 -12.05 7.42 -17.41
CA PRO E 85 -11.13 6.49 -18.08
C PRO E 85 -11.69 5.07 -18.09
N ILE E 86 -11.47 4.36 -19.19
CA ILE E 86 -12.00 3.00 -19.31
C ILE E 86 -11.28 2.04 -18.38
N SER E 87 -10.06 2.40 -17.98
CA SER E 87 -9.33 1.75 -16.88
C SER E 87 -10.25 1.45 -15.69
N SER E 88 -11.18 2.35 -15.44
CA SER E 88 -12.00 2.30 -14.25
C SER E 88 -13.37 1.66 -14.51
N LEU E 89 -13.68 1.38 -15.78
CA LEU E 89 -14.98 0.79 -16.09
C LEU E 89 -14.83 -0.60 -16.64
N TRP E 90 -15.88 -1.42 -16.53
CA TRP E 90 -15.92 -2.66 -17.31
C TRP E 90 -16.19 -2.26 -18.74
N VAL E 91 -15.61 -2.99 -19.69
CA VAL E 91 -15.87 -2.73 -21.08
C VAL E 91 -16.00 -4.09 -21.75
N PRO E 92 -16.87 -4.18 -22.77
CA PRO E 92 -17.04 -5.45 -23.45
C PRO E 92 -15.76 -5.86 -24.15
N ASP E 93 -15.40 -7.13 -24.04
CA ASP E 93 -14.22 -7.65 -24.73
C ASP E 93 -14.52 -7.87 -26.24
N LEU E 94 -14.86 -6.78 -26.93
CA LEU E 94 -15.16 -6.88 -28.36
C LEU E 94 -13.92 -7.10 -29.24
N ALA E 95 -14.10 -7.92 -30.27
CA ALA E 95 -13.01 -8.21 -31.19
C ALA E 95 -13.55 -8.38 -32.61
N ALA E 96 -12.79 -7.93 -33.60
CA ALA E 96 -13.13 -8.18 -35.00
C ALA E 96 -12.55 -9.52 -35.43
N TYR E 97 -13.43 -10.52 -35.57
CA TYR E 97 -13.00 -11.91 -35.73
C TYR E 97 -12.17 -12.11 -36.98
N ASN E 98 -12.38 -11.29 -38.00
CA ASN E 98 -11.60 -11.42 -39.22
C ASN E 98 -10.63 -10.26 -39.43
N ALA E 99 -10.21 -9.66 -38.31
CA ALA E 99 -9.14 -8.65 -38.36
C ALA E 99 -7.79 -9.33 -38.50
N ILE E 100 -6.91 -8.73 -39.27
CA ILE E 100 -5.61 -9.34 -39.44
C ILE E 100 -4.51 -8.43 -38.90
N SER E 101 -4.94 -7.36 -38.25
CA SER E 101 -4.03 -6.44 -37.57
C SER E 101 -4.63 -6.10 -36.19
N LYS E 102 -3.83 -5.61 -35.24
CA LYS E 102 -4.43 -5.21 -33.96
C LYS E 102 -5.23 -3.93 -34.17
N PRO E 103 -6.32 -3.76 -33.43
CA PRO E 103 -6.99 -2.48 -33.61
C PRO E 103 -6.07 -1.37 -33.11
N GLU E 104 -5.89 -0.29 -33.87
CA GLU E 104 -5.05 0.82 -33.42
C GLU E 104 -5.94 2.01 -33.03
N VAL E 105 -6.15 2.19 -31.72
CA VAL E 105 -7.06 3.22 -31.21
C VAL E 105 -6.44 4.60 -31.38
N LEU E 106 -7.16 5.48 -32.07
CA LEU E 106 -6.57 6.76 -32.46
C LEU E 106 -6.98 7.90 -31.55
N THR E 107 -7.69 7.57 -30.47
CA THR E 107 -8.33 8.59 -29.68
C THR E 107 -8.15 8.37 -28.18
N PRO E 108 -8.38 9.43 -27.38
CA PRO E 108 -8.26 9.22 -25.92
C PRO E 108 -9.21 8.14 -25.47
N GLN E 109 -8.68 7.16 -24.75
CA GLN E 109 -9.46 6.05 -24.25
C GLN E 109 -10.34 6.40 -23.04
N LEU E 110 -11.29 7.30 -23.26
CA LEU E 110 -12.29 7.71 -22.25
C LEU E 110 -13.71 7.27 -22.65
N ALA E 111 -14.61 7.18 -21.67
CA ALA E 111 -16.03 6.96 -21.95
C ALA E 111 -16.90 7.99 -21.22
N ARG E 112 -18.17 8.09 -21.61
CA ARG E 112 -19.11 8.94 -20.87
C ARG E 112 -20.00 8.02 -20.10
N VAL E 113 -20.14 8.33 -18.82
CA VAL E 113 -21.09 7.62 -17.97
C VAL E 113 -22.22 8.60 -17.72
N VAL E 114 -23.42 8.21 -18.16
CA VAL E 114 -24.59 9.04 -18.00
C VAL E 114 -25.19 8.67 -16.63
N SER E 115 -26.00 9.53 -16.03
CA SER E 115 -26.43 9.30 -14.64
C SER E 115 -27.40 8.12 -14.46
N ASP E 116 -27.89 7.55 -15.56
CA ASP E 116 -28.76 6.36 -15.50
C ASP E 116 -27.96 5.06 -15.57
N GLY E 117 -26.67 5.16 -15.86
CA GLY E 117 -25.80 4.01 -15.80
C GLY E 117 -25.44 3.58 -17.19
N GLU E 118 -25.94 4.35 -18.14
CA GLU E 118 -25.61 4.16 -19.54
C GLU E 118 -24.18 4.63 -19.74
N VAL E 119 -23.39 3.79 -20.39
CA VAL E 119 -22.03 4.12 -20.74
C VAL E 119 -21.90 4.26 -22.24
N LEU E 120 -21.41 5.41 -22.67
CA LEU E 120 -21.14 5.66 -24.08
C LEU E 120 -19.65 5.54 -24.34
N TYR E 121 -19.25 4.65 -25.23
CA TYR E 121 -17.83 4.49 -25.51
C TYR E 121 -17.64 4.46 -27.03
N MET E 122 -16.76 5.33 -27.56
CA MET E 122 -16.55 5.41 -29.00
C MET E 122 -15.08 5.63 -29.36
N PRO E 123 -14.33 4.55 -29.47
CA PRO E 123 -12.99 4.69 -30.00
C PRO E 123 -12.99 4.80 -31.52
N SER E 124 -12.25 5.75 -32.06
CA SER E 124 -11.88 5.70 -33.46
C SER E 124 -10.75 4.67 -33.68
N ILE E 125 -10.94 3.77 -34.62
CA ILE E 125 -10.10 2.60 -34.74
C ILE E 125 -9.61 2.50 -36.16
N ARG E 126 -8.41 1.98 -36.34
CA ARG E 126 -7.86 1.77 -37.67
C ARG E 126 -7.27 0.39 -37.70
N GLN E 127 -7.94 -0.49 -38.46
CA GLN E 127 -7.65 -1.90 -38.48
C GLN E 127 -7.58 -2.43 -39.92
N ARG E 128 -6.91 -3.56 -40.09
CA ARG E 128 -6.76 -4.18 -41.40
CA ARG E 128 -6.80 -4.16 -41.40
C ARG E 128 -7.63 -5.44 -41.45
N PHE E 129 -8.35 -5.63 -42.55
CA PHE E 129 -9.24 -6.78 -42.62
C PHE E 129 -8.99 -7.68 -43.82
N SER E 130 -9.20 -8.98 -43.61
CA SER E 130 -9.22 -9.93 -44.70
C SER E 130 -10.65 -10.16 -45.16
N CYS E 131 -11.03 -9.56 -46.28
CA CYS E 131 -12.40 -9.65 -46.74
C CYS E 131 -12.52 -9.50 -48.26
N ASP E 132 -13.70 -9.85 -48.77
CA ASP E 132 -13.97 -9.80 -50.22
C ASP E 132 -13.80 -8.36 -50.75
N VAL E 133 -12.90 -8.21 -51.73
CA VAL E 133 -12.60 -6.93 -52.37
C VAL E 133 -12.76 -7.10 -53.89
N SER E 134 -13.72 -7.93 -54.29
CA SER E 134 -13.89 -8.23 -55.70
C SER E 134 -14.71 -7.14 -56.36
N GLY E 135 -14.17 -6.59 -57.45
CA GLY E 135 -14.83 -5.57 -58.22
C GLY E 135 -14.88 -4.24 -57.48
N VAL E 136 -13.73 -3.80 -56.99
CA VAL E 136 -13.62 -2.53 -56.27
C VAL E 136 -13.70 -1.37 -57.26
N ASP E 137 -13.17 -1.59 -58.47
CA ASP E 137 -13.22 -0.58 -59.52
C ASP E 137 -14.30 -1.00 -60.52
N THR E 138 -15.47 -1.37 -60.00
CA THR E 138 -16.67 -1.51 -60.81
C THR E 138 -17.84 -0.91 -60.05
N GLU E 139 -18.94 -0.72 -60.77
CA GLU E 139 -20.13 -0.06 -60.27
C GLU E 139 -20.86 -0.87 -59.20
N SER E 140 -20.60 -2.17 -59.13
CA SER E 140 -21.20 -2.97 -58.08
C SER E 140 -20.44 -2.76 -56.78
N GLY E 141 -19.14 -2.57 -56.92
CA GLY E 141 -18.28 -2.31 -55.79
C GLY E 141 -17.73 -3.59 -55.22
N ALA E 142 -16.90 -3.45 -54.19
CA ALA E 142 -16.54 -4.57 -53.35
C ALA E 142 -17.52 -4.62 -52.19
N THR E 143 -17.75 -5.80 -51.65
CA THR E 143 -18.61 -5.93 -50.50
C THR E 143 -17.85 -6.67 -49.42
N CYS E 144 -17.27 -5.90 -48.51
CA CYS E 144 -16.46 -6.40 -47.41
C CYS E 144 -17.23 -6.47 -46.07
N ARG E 145 -17.33 -7.66 -45.48
CA ARG E 145 -18.11 -7.82 -44.24
C ARG E 145 -17.21 -7.98 -42.99
N ILE E 146 -17.66 -7.43 -41.86
CA ILE E 146 -16.84 -7.44 -40.66
C ILE E 146 -17.62 -7.98 -39.48
N LYS E 147 -17.08 -9.05 -38.88
CA LYS E 147 -17.63 -9.67 -37.69
C LYS E 147 -17.05 -9.08 -36.40
N ILE E 148 -17.92 -8.52 -35.57
CA ILE E 148 -17.54 -7.96 -34.31
C ILE E 148 -18.39 -8.59 -33.21
N GLY E 149 -17.75 -9.32 -32.30
CA GLY E 149 -18.43 -9.87 -31.14
C GLY E 149 -17.57 -9.90 -29.88
N SER E 150 -18.21 -10.26 -28.78
CA SER E 150 -17.52 -10.56 -27.54
C SER E 150 -16.54 -11.69 -27.80
N TRP E 151 -15.37 -11.61 -27.20
CA TRP E 151 -14.37 -12.62 -27.44
C TRP E 151 -14.49 -13.80 -26.48
N THR E 152 -15.10 -13.59 -25.32
CA THR E 152 -15.05 -14.64 -24.30
C THR E 152 -16.41 -14.86 -23.66
N HIS E 153 -17.35 -13.97 -23.95
CA HIS E 153 -18.69 -14.08 -23.37
C HIS E 153 -19.71 -14.60 -24.37
N HIS E 154 -20.38 -15.69 -24.01
CA HIS E 154 -21.48 -16.18 -24.83
C HIS E 154 -22.77 -15.45 -24.53
N SER E 155 -23.81 -15.86 -25.26
CA SER E 155 -25.06 -15.13 -25.41
C SER E 155 -25.83 -14.86 -24.13
N ARG E 156 -25.76 -15.78 -23.17
CA ARG E 156 -26.42 -15.57 -21.91
C ARG E 156 -25.67 -14.53 -21.08
N GLU E 157 -24.40 -14.31 -21.44
CA GLU E 157 -23.59 -13.29 -20.75
C GLU E 157 -23.62 -11.94 -21.45
N ILE E 158 -23.32 -11.92 -22.75
CA ILE E 158 -23.41 -10.68 -23.51
C ILE E 158 -24.20 -10.91 -24.79
N SER E 159 -25.15 -10.02 -25.04
CA SER E 159 -25.84 -10.04 -26.33
C SER E 159 -25.44 -8.78 -27.08
N VAL E 160 -25.06 -8.95 -28.35
CA VAL E 160 -24.64 -7.82 -29.17
C VAL E 160 -25.70 -7.41 -30.17
N ASP E 161 -26.12 -6.15 -30.08
CA ASP E 161 -27.23 -5.63 -30.89
C ASP E 161 -26.79 -4.59 -31.91
N PRO E 162 -27.41 -4.60 -33.10
CA PRO E 162 -27.13 -3.51 -34.04
C PRO E 162 -28.13 -2.35 -33.95
N THR E 163 -28.12 -1.54 -35.02
CA THR E 163 -28.80 -0.26 -35.07
C THR E 163 -29.92 -0.19 -36.12
N ASP E 169 -25.52 6.18 -42.61
CA ASP E 169 -25.31 6.80 -43.91
C ASP E 169 -23.85 6.74 -44.34
N SER E 170 -23.16 7.83 -44.03
CA SER E 170 -21.94 8.24 -44.70
C SER E 170 -21.65 9.67 -44.24
N GLU E 171 -22.18 10.02 -43.06
CA GLU E 171 -22.09 11.40 -42.60
C GLU E 171 -20.72 11.75 -42.01
N TYR E 172 -19.90 10.74 -41.75
CA TYR E 172 -18.58 10.91 -41.18
C TYR E 172 -17.48 10.38 -42.07
N PHE E 173 -17.82 9.98 -43.30
CA PHE E 173 -16.84 9.38 -44.20
C PHE E 173 -16.08 10.46 -44.95
N SER E 174 -14.77 10.30 -45.05
CA SER E 174 -13.94 11.35 -45.60
C SER E 174 -14.21 11.56 -47.09
N GLN E 175 -14.46 12.81 -47.49
CA GLN E 175 -14.67 13.11 -48.90
C GLN E 175 -13.38 12.98 -49.69
N TYR E 176 -12.22 13.00 -49.04
CA TYR E 176 -10.95 12.91 -49.79
C TYR E 176 -10.53 11.46 -49.98
N SER E 177 -11.31 10.55 -49.40
CA SER E 177 -11.11 9.14 -49.64
C SER E 177 -11.11 8.83 -51.14
N ARG E 178 -10.27 7.89 -51.56
CA ARG E 178 -10.27 7.49 -52.96
C ARG E 178 -11.42 6.55 -53.25
N PHE E 179 -12.32 6.41 -52.30
CA PHE E 179 -13.41 5.47 -52.44
C PHE E 179 -14.66 6.19 -52.02
N GLU E 180 -15.81 5.61 -52.35
CA GLU E 180 -17.06 6.07 -51.81
C GLU E 180 -17.80 4.89 -51.23
N ILE E 181 -18.69 5.20 -50.31
CA ILE E 181 -19.54 4.20 -49.68
C ILE E 181 -20.87 4.11 -50.42
N LEU E 182 -21.22 2.90 -50.87
CA LEU E 182 -22.51 2.67 -51.51
C LEU E 182 -23.59 2.46 -50.45
N ASP E 183 -23.25 1.67 -49.44
CA ASP E 183 -24.21 1.21 -48.47
C ASP E 183 -23.49 0.58 -47.28
N VAL E 184 -24.08 0.65 -46.09
CA VAL E 184 -23.56 -0.07 -44.95
C VAL E 184 -24.74 -0.70 -44.21
N THR E 185 -24.71 -2.01 -44.03
CA THR E 185 -25.78 -2.71 -43.31
C THR E 185 -25.18 -3.49 -42.14
N GLN E 186 -25.96 -3.64 -41.09
CA GLN E 186 -25.48 -4.24 -39.86
C GLN E 186 -26.53 -5.22 -39.37
N LYS E 187 -26.20 -6.50 -39.36
CA LYS E 187 -27.16 -7.51 -38.95
C LYS E 187 -26.73 -8.30 -37.72
N LYS E 188 -27.67 -8.48 -36.81
CA LYS E 188 -27.55 -9.45 -35.73
C LYS E 188 -27.13 -10.82 -36.30
N ASN E 189 -26.57 -11.66 -35.45
CA ASN E 189 -26.06 -12.94 -35.89
C ASN E 189 -25.71 -13.73 -34.66
N SER E 190 -25.63 -15.05 -34.81
CA SER E 190 -25.12 -15.91 -33.76
C SER E 190 -23.85 -16.51 -34.29
N VAL E 191 -23.60 -17.75 -33.89
CA VAL E 191 -22.42 -18.49 -34.30
C VAL E 191 -22.39 -19.70 -33.38
N THR E 192 -21.83 -20.80 -33.85
CA THR E 192 -21.76 -21.97 -33.01
C THR E 192 -20.69 -22.87 -33.56
N TYR E 193 -19.65 -23.13 -32.76
CA TYR E 193 -18.52 -23.90 -33.24
C TYR E 193 -18.57 -25.36 -32.82
N SER E 194 -18.21 -26.23 -33.76
CA SER E 194 -17.92 -27.62 -33.44
C SER E 194 -16.66 -27.64 -32.58
N CYS E 195 -16.87 -27.33 -31.30
CA CYS E 195 -15.78 -27.20 -30.34
C CYS E 195 -16.41 -27.02 -28.97
N CYS E 196 -17.31 -26.04 -28.87
CA CYS E 196 -17.90 -25.62 -27.60
C CYS E 196 -19.41 -25.64 -27.68
N PRO E 197 -20.09 -25.76 -26.52
CA PRO E 197 -21.55 -25.91 -26.60
C PRO E 197 -22.22 -24.65 -27.16
N GLU E 198 -22.37 -23.67 -26.27
CA GLU E 198 -23.03 -22.39 -26.53
C GLU E 198 -22.74 -21.63 -27.83
N ALA E 199 -23.63 -20.68 -28.08
CA ALA E 199 -23.54 -19.75 -29.20
C ALA E 199 -23.08 -18.37 -28.71
N TYR E 200 -22.41 -17.62 -29.58
CA TYR E 200 -21.86 -16.31 -29.21
C TYR E 200 -22.48 -15.24 -30.13
N GLU E 201 -23.07 -14.19 -29.60
CA GLU E 201 -23.71 -13.25 -30.52
C GLU E 201 -22.69 -12.30 -31.13
N ASP E 202 -22.89 -11.94 -32.40
CA ASP E 202 -22.00 -11.00 -33.07
C ASP E 202 -22.77 -10.05 -33.97
N VAL E 203 -22.04 -9.12 -34.59
CA VAL E 203 -22.64 -8.22 -35.56
C VAL E 203 -21.90 -8.24 -36.88
N GLU E 204 -22.64 -8.62 -37.91
CA GLU E 204 -22.22 -8.58 -39.30
C GLU E 204 -22.32 -7.16 -39.79
N VAL E 205 -21.20 -6.52 -40.10
CA VAL E 205 -21.30 -5.18 -40.68
C VAL E 205 -20.86 -5.25 -42.12
N SER E 206 -21.74 -4.84 -43.02
CA SER E 206 -21.49 -5.05 -44.44
C SER E 206 -21.18 -3.74 -45.10
N LEU E 207 -19.93 -3.60 -45.54
CA LEU E 207 -19.47 -2.39 -46.16
C LEU E 207 -19.35 -2.62 -47.66
N ASN E 208 -20.25 -1.98 -48.39
CA ASN E 208 -20.23 -2.05 -49.85
C ASN E 208 -19.70 -0.74 -50.43
N PHE E 209 -18.65 -0.82 -51.23
CA PHE E 209 -17.91 0.39 -51.61
C PHE E 209 -17.16 0.22 -52.93
N ARG E 210 -16.71 1.33 -53.51
CA ARG E 210 -15.99 1.26 -54.78
C ARG E 210 -15.09 2.48 -54.96
N LYS E 211 -14.13 2.33 -55.87
CA LYS E 211 -13.25 3.43 -56.29
C LYS E 211 -14.09 4.49 -57.00
N LYS E 212 -13.55 5.70 -57.08
CA LYS E 212 -14.31 6.87 -57.51
C LYS E 212 -14.09 7.22 -58.96
N GLY E 213 -15.16 7.14 -59.76
CA GLY E 213 -15.08 7.42 -61.19
C GLY E 213 -14.98 6.16 -62.02
N ASP F 1 9.56 -33.29 11.31
CA ASP F 1 10.87 -33.83 11.65
C ASP F 1 11.47 -33.06 12.83
N TYR F 2 12.44 -33.67 13.51
CA TYR F 2 13.15 -33.03 14.63
C TYR F 2 14.56 -32.56 14.17
N LYS F 3 15.16 -33.38 13.31
CA LYS F 3 16.47 -33.17 12.68
C LYS F 3 16.37 -32.06 11.62
N ASP F 4 15.15 -31.54 11.45
CA ASP F 4 14.85 -30.48 10.48
C ASP F 4 13.96 -29.39 11.12
N ASP F 5 13.56 -29.63 12.37
CA ASP F 5 12.68 -28.75 13.14
C ASP F 5 13.25 -27.33 13.28
N ASP F 6 14.56 -27.23 13.46
CA ASP F 6 15.18 -25.92 13.70
C ASP F 6 15.80 -25.29 12.46
N ASP F 7 15.29 -25.64 11.27
CA ASP F 7 15.72 -24.95 10.05
C ASP F 7 14.92 -23.66 9.90
N LYS F 8 15.61 -22.52 9.91
CA LYS F 8 14.94 -21.22 9.95
C LYS F 8 14.11 -20.93 8.70
N LEU F 9 14.66 -21.25 7.53
CA LEU F 9 14.00 -20.92 6.27
C LEU F 9 12.72 -21.72 6.11
N ASP F 10 12.76 -22.98 6.52
CA ASP F 10 11.54 -23.76 6.60
C ASP F 10 10.47 -22.99 7.38
N ARG F 11 10.89 -22.41 8.51
CA ARG F 11 9.95 -21.76 9.42
C ARG F 11 9.35 -20.49 8.82
N ALA F 12 10.18 -19.67 8.17
CA ALA F 12 9.68 -18.48 7.48
C ALA F 12 8.63 -18.87 6.43
N ASP F 13 8.93 -19.90 5.65
CA ASP F 13 8.05 -20.36 4.57
C ASP F 13 6.74 -20.91 5.10
N ILE F 14 6.80 -21.64 6.21
CA ILE F 14 5.58 -22.14 6.85
C ILE F 14 4.73 -20.96 7.27
N LEU F 15 5.37 -19.92 7.82
CA LEU F 15 4.65 -18.77 8.30
C LEU F 15 4.07 -17.95 7.16
N TYR F 16 4.86 -17.82 6.09
CA TYR F 16 4.37 -17.19 4.88
C TYR F 16 3.13 -17.93 4.39
N ASN F 17 3.19 -19.26 4.48
CA ASN F 17 2.09 -20.11 4.07
C ASN F 17 0.88 -20.02 4.97
N ILE F 18 1.12 -20.08 6.28
CA ILE F 18 0.02 -19.92 7.20
C ILE F 18 -0.64 -18.59 6.92
N ARG F 19 0.15 -17.56 6.63
CA ARG F 19 -0.44 -16.25 6.42
C ARG F 19 -1.13 -16.11 5.06
N GLN F 20 -0.67 -16.86 4.08
CA GLN F 20 -1.26 -16.75 2.75
C GLN F 20 -2.58 -17.52 2.67
N THR F 21 -2.84 -18.37 3.67
CA THR F 21 -4.04 -19.18 3.64
C THR F 21 -4.92 -18.94 4.85
N SER F 22 -4.33 -18.49 5.96
CA SER F 22 -5.13 -18.19 7.14
C SER F 22 -6.07 -17.05 6.84
N ARG F 23 -7.17 -17.02 7.56
CA ARG F 23 -8.05 -15.88 7.51
C ARG F 23 -8.69 -15.73 8.89
N PRO F 24 -8.19 -14.75 9.65
CA PRO F 24 -8.42 -14.65 11.09
C PRO F 24 -9.85 -14.27 11.45
N ASP F 25 -10.64 -13.83 10.48
CA ASP F 25 -11.98 -13.35 10.81
C ASP F 25 -13.06 -14.34 10.41
N VAL F 26 -12.65 -15.50 9.93
CA VAL F 26 -13.60 -16.48 9.40
C VAL F 26 -13.46 -17.83 10.09
N ILE F 27 -14.56 -18.34 10.65
CA ILE F 27 -14.46 -19.59 11.38
C ILE F 27 -14.04 -20.63 10.37
N PRO F 28 -13.07 -21.48 10.76
CA PRO F 28 -12.54 -22.52 9.89
C PRO F 28 -13.47 -23.71 9.85
N THR F 29 -14.72 -23.47 9.48
CA THR F 29 -15.68 -24.56 9.47
C THR F 29 -15.36 -25.61 8.41
N GLN F 30 -15.37 -26.88 8.81
CA GLN F 30 -15.10 -28.00 7.90
C GLN F 30 -16.33 -28.90 7.70
N ARG F 31 -16.61 -29.25 6.44
CA ARG F 31 -17.66 -30.21 6.06
C ARG F 31 -19.06 -29.71 6.46
N ASP F 32 -19.12 -28.49 6.97
CA ASP F 32 -20.34 -27.91 7.51
C ASP F 32 -20.73 -28.56 8.84
N ARG F 33 -19.74 -29.17 9.49
CA ARG F 33 -19.83 -29.50 10.90
C ARG F 33 -19.42 -28.27 11.72
N PRO F 34 -19.81 -28.23 12.99
CA PRO F 34 -19.25 -27.14 13.78
C PRO F 34 -17.77 -27.37 14.10
N VAL F 35 -17.07 -26.27 14.36
CA VAL F 35 -15.68 -26.33 14.78
C VAL F 35 -15.60 -26.83 16.23
N ALA F 36 -14.91 -27.93 16.41
CA ALA F 36 -14.75 -28.50 17.71
C ALA F 36 -13.66 -27.76 18.48
N VAL F 37 -14.05 -26.94 19.44
CA VAL F 37 -13.08 -26.24 20.28
C VAL F 37 -12.93 -26.89 21.65
N SER F 38 -11.78 -27.52 21.92
CA SER F 38 -11.46 -28.01 23.25
C SER F 38 -11.10 -26.88 24.21
N VAL F 39 -11.77 -26.79 25.35
CA VAL F 39 -11.35 -25.82 26.36
C VAL F 39 -11.15 -26.50 27.71
N SER F 40 -10.05 -26.19 28.38
CA SER F 40 -9.93 -26.64 29.77
C SER F 40 -8.98 -25.76 30.55
N LEU F 41 -9.45 -25.34 31.72
CA LEU F 41 -8.70 -24.43 32.57
C LEU F 41 -7.83 -25.21 33.51
N LYS F 42 -6.62 -24.74 33.74
CA LYS F 42 -5.77 -25.29 34.81
C LYS F 42 -5.45 -24.13 35.72
N PHE F 43 -6.04 -24.14 36.91
CA PHE F 43 -5.94 -22.96 37.74
C PHE F 43 -4.54 -22.87 38.32
N ILE F 44 -4.10 -21.64 38.54
CA ILE F 44 -2.78 -21.42 39.07
C ILE F 44 -2.89 -20.84 40.46
N ASN F 45 -3.85 -19.94 40.62
CA ASN F 45 -3.99 -19.26 41.89
C ASN F 45 -5.38 -18.71 42.10
N ILE F 46 -5.79 -18.71 43.36
CA ILE F 46 -6.96 -17.98 43.84
C ILE F 46 -6.40 -16.83 44.65
N LEU F 47 -6.66 -15.59 44.24
CA LEU F 47 -5.95 -14.45 44.81
C LEU F 47 -6.73 -13.79 45.93
N GLU F 48 -7.91 -13.28 45.62
CA GLU F 48 -8.71 -12.65 46.63
C GLU F 48 -10.13 -13.17 46.49
N VAL F 49 -10.80 -13.30 47.63
CA VAL F 49 -12.13 -13.88 47.66
C VAL F 49 -12.96 -13.04 48.61
N ASN F 50 -14.26 -12.95 48.33
CA ASN F 50 -15.18 -12.18 49.14
C ASN F 50 -16.45 -13.01 49.31
N GLU F 51 -16.88 -13.29 50.53
CA GLU F 51 -18.10 -14.11 50.63
C GLU F 51 -19.28 -13.18 50.69
N ILE F 52 -19.03 -11.96 51.15
CA ILE F 52 -20.10 -10.98 51.18
C ILE F 52 -20.58 -10.73 49.75
N THR F 53 -19.63 -10.49 48.85
CA THR F 53 -19.94 -10.04 47.50
C THR F 53 -20.00 -11.17 46.47
N ASN F 54 -19.71 -12.39 46.90
CA ASN F 54 -19.66 -13.56 46.02
C ASN F 54 -18.80 -13.29 44.79
N GLU F 55 -17.61 -12.74 45.02
CA GLU F 55 -16.67 -12.47 43.94
C GLU F 55 -15.36 -13.15 44.21
N VAL F 56 -14.82 -13.78 43.17
CA VAL F 56 -13.51 -14.45 43.23
C VAL F 56 -12.54 -13.89 42.17
N ASP F 57 -11.28 -13.71 42.58
CA ASP F 57 -10.21 -13.30 41.70
C ASP F 57 -9.28 -14.50 41.49
N VAL F 58 -9.18 -15.02 40.27
CA VAL F 58 -8.32 -16.18 39.99
C VAL F 58 -7.37 -15.97 38.81
N VAL F 59 -6.36 -16.85 38.73
CA VAL F 59 -5.42 -16.90 37.62
C VAL F 59 -5.37 -18.33 37.07
N PHE F 60 -5.83 -18.53 35.85
CA PHE F 60 -5.83 -19.86 35.24
C PHE F 60 -5.16 -19.92 33.86
N TRP F 61 -4.60 -21.07 33.51
CA TRP F 61 -4.11 -21.26 32.17
C TRP F 61 -5.22 -21.90 31.37
N GLN F 62 -5.72 -21.18 30.35
CA GLN F 62 -6.82 -21.65 29.49
C GLN F 62 -6.32 -22.47 28.28
N GLN F 63 -6.16 -23.78 28.46
CA GLN F 63 -5.84 -24.69 27.36
C GLN F 63 -6.94 -24.78 26.29
N THR F 64 -6.62 -24.36 25.06
CA THR F 64 -7.61 -24.23 23.99
C THR F 64 -7.11 -24.89 22.72
N THR F 65 -7.97 -25.68 22.07
CA THR F 65 -7.56 -26.37 20.84
C THR F 65 -8.68 -26.47 19.83
N TRP F 66 -8.29 -26.38 18.56
CA TRP F 66 -9.21 -26.51 17.46
C TRP F 66 -8.37 -26.85 16.26
N SER F 67 -9.02 -27.30 15.20
CA SER F 67 -8.33 -27.60 13.96
C SER F 67 -8.74 -26.59 12.91
N ASP F 68 -7.79 -26.27 12.03
CA ASP F 68 -8.02 -25.53 10.79
C ASP F 68 -7.10 -26.16 9.75
N ARG F 69 -7.58 -27.19 9.07
CA ARG F 69 -6.69 -28.08 8.32
C ARG F 69 -6.19 -27.40 7.05
N THR F 70 -6.77 -26.24 6.71
CA THR F 70 -6.25 -25.44 5.60
C THR F 70 -4.83 -24.97 5.92
N LEU F 71 -4.51 -24.96 7.22
CA LEU F 71 -3.22 -24.53 7.73
C LEU F 71 -2.18 -25.61 7.63
N ALA F 72 -2.58 -26.79 7.21
CA ALA F 72 -1.69 -27.96 7.32
C ALA F 72 -0.63 -28.01 6.23
N TRP F 73 0.37 -28.85 6.46
CA TRP F 73 1.48 -28.99 5.55
C TRP F 73 2.26 -30.29 5.83
N ASN F 74 2.81 -30.87 4.76
CA ASN F 74 3.62 -32.09 4.84
C ASN F 74 4.89 -31.84 5.65
N SER F 75 4.95 -32.43 6.83
CA SER F 75 6.03 -32.20 7.79
C SER F 75 7.16 -33.26 7.73
N SER F 76 7.32 -33.87 6.56
CA SER F 76 8.36 -34.88 6.35
C SER F 76 9.80 -34.35 6.57
N HIS F 77 10.12 -33.20 5.99
CA HIS F 77 11.47 -32.65 6.12
C HIS F 77 11.42 -31.17 6.52
N SER F 78 10.35 -30.79 7.19
CA SER F 78 10.19 -29.46 7.74
C SER F 78 9.79 -29.61 9.23
N PRO F 79 9.76 -28.51 9.99
CA PRO F 79 9.40 -28.57 11.41
C PRO F 79 7.96 -29.06 11.67
N ASP F 80 7.74 -29.62 12.86
CA ASP F 80 6.44 -30.19 13.23
C ASP F 80 5.45 -29.10 13.62
N GLN F 81 5.95 -28.11 14.34
CA GLN F 81 5.11 -27.02 14.81
C GLN F 81 5.82 -25.70 14.69
N VAL F 82 5.04 -24.63 14.75
CA VAL F 82 5.58 -23.30 14.82
C VAL F 82 4.70 -22.45 15.69
N SER F 83 5.28 -21.35 16.16
CA SER F 83 4.57 -20.36 16.96
C SER F 83 4.14 -19.19 16.07
N VAL F 84 2.91 -18.76 16.24
CA VAL F 84 2.28 -17.77 15.39
C VAL F 84 1.49 -16.80 16.23
N PRO F 85 1.69 -15.49 16.04
CA PRO F 85 0.86 -14.51 16.73
C PRO F 85 -0.60 -14.81 16.46
N ILE F 86 -1.48 -14.75 17.47
CA ILE F 86 -2.88 -15.04 17.23
C ILE F 86 -3.60 -14.04 16.29
N SER F 87 -3.09 -12.82 16.16
CA SER F 87 -3.66 -11.90 15.19
C SER F 87 -3.58 -12.42 13.74
N SER F 88 -2.77 -13.46 13.51
CA SER F 88 -2.63 -14.02 12.18
C SER F 88 -3.54 -15.24 11.99
N LEU F 89 -3.98 -15.83 13.10
CA LEU F 89 -4.86 -16.98 13.02
C LEU F 89 -6.28 -16.60 13.38
N TRP F 90 -7.23 -17.44 12.97
CA TRP F 90 -8.57 -17.37 13.55
C TRP F 90 -8.50 -17.92 14.97
N VAL F 91 -9.37 -17.39 15.81
CA VAL F 91 -9.36 -17.70 17.22
C VAL F 91 -10.80 -17.75 17.69
N PRO F 92 -11.15 -18.78 18.46
CA PRO F 92 -12.51 -18.86 18.98
C PRO F 92 -12.79 -17.66 19.87
N ASP F 93 -13.95 -17.03 19.67
CA ASP F 93 -14.27 -15.84 20.41
C ASP F 93 -14.81 -16.24 21.78
N LEU F 94 -14.03 -17.05 22.48
CA LEU F 94 -14.44 -17.48 23.81
C LEU F 94 -14.64 -16.31 24.79
N ALA F 95 -15.59 -16.47 25.71
CA ALA F 95 -15.76 -15.49 26.78
C ALA F 95 -16.43 -16.14 27.99
N ALA F 96 -16.41 -15.42 29.10
CA ALA F 96 -16.97 -15.89 30.37
C ALA F 96 -18.24 -15.10 30.67
N TYR F 97 -19.36 -15.79 30.79
CA TYR F 97 -20.66 -15.10 30.83
C TYR F 97 -20.90 -14.44 32.18
N ASN F 98 -20.26 -14.97 33.21
CA ASN F 98 -20.35 -14.36 34.52
C ASN F 98 -19.05 -13.67 34.88
N ALA F 99 -18.28 -13.29 33.85
CA ALA F 99 -17.09 -12.50 34.05
C ALA F 99 -17.49 -11.15 34.57
N ILE F 100 -16.76 -10.61 35.55
CA ILE F 100 -17.07 -9.26 35.99
C ILE F 100 -15.89 -8.31 35.87
N SER F 101 -14.85 -8.77 35.19
CA SER F 101 -13.74 -7.91 34.80
C SER F 101 -13.21 -8.41 33.45
N LYS F 102 -12.39 -7.60 32.77
CA LYS F 102 -11.78 -8.03 31.51
C LYS F 102 -10.85 -9.26 31.67
N PRO F 103 -10.92 -10.19 30.74
CA PRO F 103 -9.88 -11.20 30.79
C PRO F 103 -8.50 -10.55 30.62
N GLU F 104 -7.63 -10.67 31.62
CA GLU F 104 -6.32 -10.03 31.57
C GLU F 104 -5.25 -11.04 31.16
N VAL F 105 -4.77 -10.96 29.93
CA VAL F 105 -3.79 -11.94 29.48
C VAL F 105 -2.41 -11.54 29.99
N LEU F 106 -1.72 -12.46 30.65
CA LEU F 106 -0.43 -12.15 31.26
C LEU F 106 0.71 -12.69 30.44
N THR F 107 0.39 -13.27 29.30
CA THR F 107 1.35 -14.03 28.55
C THR F 107 1.45 -13.54 27.09
N PRO F 108 2.55 -13.91 26.41
CA PRO F 108 2.63 -13.56 25.00
C PRO F 108 1.47 -14.19 24.20
N GLN F 109 0.83 -13.37 23.38
CA GLN F 109 -0.30 -13.82 22.62
C GLN F 109 0.11 -14.55 21.31
N LEU F 110 0.89 -15.63 21.50
CA LEU F 110 1.25 -16.55 20.45
C LEU F 110 0.44 -17.83 20.52
N ALA F 111 0.48 -18.61 19.45
CA ALA F 111 -0.22 -19.90 19.40
C ALA F 111 0.75 -20.90 18.76
N ARG F 112 0.54 -22.20 18.94
CA ARG F 112 1.32 -23.14 18.15
C ARG F 112 0.41 -23.71 17.06
N VAL F 113 0.93 -23.80 15.86
CA VAL F 113 0.22 -24.52 14.80
C VAL F 113 0.92 -25.82 14.53
N VAL F 114 0.18 -26.90 14.57
CA VAL F 114 0.77 -28.20 14.31
C VAL F 114 0.57 -28.50 12.84
N SER F 115 1.51 -29.23 12.25
CA SER F 115 1.52 -29.43 10.80
C SER F 115 0.26 -30.09 10.28
N ASP F 116 -0.51 -30.65 11.21
CA ASP F 116 -1.77 -31.30 10.87
C ASP F 116 -2.93 -30.31 10.91
N GLY F 117 -2.63 -29.06 11.26
CA GLY F 117 -3.65 -28.02 11.26
C GLY F 117 -4.28 -27.75 12.61
N GLU F 118 -3.78 -28.42 13.63
CA GLU F 118 -4.30 -28.20 14.97
C GLU F 118 -3.68 -26.92 15.51
N VAL F 119 -4.43 -26.12 16.26
CA VAL F 119 -3.85 -24.98 16.91
C VAL F 119 -3.96 -25.10 18.44
N LEU F 120 -2.82 -24.88 19.11
CA LEU F 120 -2.74 -24.83 20.55
C LEU F 120 -2.59 -23.39 21.06
N TYR F 121 -3.56 -22.96 21.82
CA TYR F 121 -3.60 -21.63 22.38
C TYR F 121 -3.85 -21.77 23.86
N MET F 122 -2.87 -21.35 24.67
CA MET F 122 -2.94 -21.44 26.14
C MET F 122 -2.56 -20.12 26.76
N PRO F 123 -3.51 -19.19 26.83
CA PRO F 123 -3.18 -17.96 27.56
C PRO F 123 -3.30 -18.14 29.08
N SER F 124 -2.42 -17.47 29.81
CA SER F 124 -2.60 -17.25 31.24
C SER F 124 -3.53 -16.04 31.52
N ILE F 125 -4.59 -16.26 32.26
CA ILE F 125 -5.60 -15.21 32.41
C ILE F 125 -5.84 -14.93 33.88
N ARG F 126 -5.99 -13.66 34.23
CA ARG F 126 -6.46 -13.29 35.55
C ARG F 126 -7.80 -12.62 35.34
N GLN F 127 -8.78 -12.93 36.20
CA GLN F 127 -10.13 -12.41 36.02
C GLN F 127 -10.98 -12.47 37.30
N ARG F 128 -11.93 -11.54 37.43
CA ARG F 128 -12.91 -11.58 38.52
C ARG F 128 -14.21 -12.27 38.04
N PHE F 129 -14.83 -13.04 38.92
CA PHE F 129 -16.07 -13.73 38.59
C PHE F 129 -17.12 -13.57 39.69
N SER F 130 -18.38 -13.71 39.32
CA SER F 130 -19.47 -13.74 40.29
C SER F 130 -19.95 -15.16 40.38
N CYS F 131 -19.72 -15.77 41.54
CA CYS F 131 -20.05 -17.18 41.72
C CYS F 131 -20.25 -17.50 43.19
N ASP F 132 -20.82 -18.67 43.48
CA ASP F 132 -21.08 -19.06 44.86
C ASP F 132 -19.78 -19.28 45.63
N VAL F 133 -19.57 -18.48 46.68
CA VAL F 133 -18.34 -18.48 47.46
C VAL F 133 -18.62 -19.14 48.82
N SER F 134 -19.90 -19.31 49.13
CA SER F 134 -20.33 -19.91 50.40
C SER F 134 -19.61 -21.23 50.73
N GLY F 135 -19.21 -21.35 52.00
CA GLY F 135 -18.67 -22.60 52.51
C GLY F 135 -17.20 -22.77 52.25
N VAL F 136 -16.50 -21.66 52.05
CA VAL F 136 -15.10 -21.63 51.65
C VAL F 136 -14.18 -21.88 52.83
N ASP F 137 -14.64 -21.55 54.03
CA ASP F 137 -13.87 -21.81 55.22
C ASP F 137 -14.08 -23.25 55.68
N THR F 138 -15.26 -23.78 55.39
CA THR F 138 -15.58 -25.18 55.67
C THR F 138 -14.71 -26.14 54.89
N GLU F 139 -14.61 -27.38 55.36
CA GLU F 139 -13.92 -28.41 54.63
C GLU F 139 -14.86 -29.06 53.60
N SER F 140 -16.13 -28.63 53.62
CA SER F 140 -17.04 -28.92 52.52
C SER F 140 -16.35 -28.42 51.25
N GLY F 141 -16.01 -27.13 51.31
CA GLY F 141 -15.37 -26.43 50.22
C GLY F 141 -16.36 -25.55 49.51
N ALA F 142 -15.90 -24.39 49.05
CA ALA F 142 -16.71 -23.57 48.18
C ALA F 142 -16.69 -24.20 46.79
N THR F 143 -17.75 -24.00 46.03
CA THR F 143 -17.74 -24.39 44.64
C THR F 143 -18.19 -23.22 43.75
N CYS F 144 -17.22 -22.68 43.01
CA CYS F 144 -17.45 -21.54 42.14
C CYS F 144 -17.49 -21.97 40.67
N ARG F 145 -18.61 -21.66 40.02
CA ARG F 145 -18.83 -22.05 38.62
C ARG F 145 -18.51 -20.92 37.65
N ILE F 146 -17.53 -21.19 36.79
CA ILE F 146 -17.19 -20.31 35.68
C ILE F 146 -17.72 -20.90 34.36
N LYS F 147 -18.67 -20.21 33.73
CA LYS F 147 -19.21 -20.64 32.43
C LYS F 147 -18.49 -19.96 31.25
N ILE F 148 -17.93 -20.77 30.35
CA ILE F 148 -17.19 -20.27 29.18
C ILE F 148 -17.65 -20.92 27.87
N GLY F 149 -17.94 -20.12 26.85
CA GLY F 149 -18.19 -20.62 25.51
C GLY F 149 -17.95 -19.52 24.48
N SER F 150 -18.54 -19.66 23.29
CA SER F 150 -18.44 -18.65 22.25
C SER F 150 -19.48 -17.55 22.45
N TRP F 151 -19.06 -16.30 22.22
CA TRP F 151 -19.93 -15.14 22.36
C TRP F 151 -20.94 -14.98 21.22
N THR F 152 -20.55 -15.35 20.00
CA THR F 152 -21.38 -15.05 18.83
C THR F 152 -21.71 -16.27 17.97
N HIS F 153 -20.96 -17.35 18.11
CA HIS F 153 -21.26 -18.56 17.31
C HIS F 153 -22.06 -19.65 18.03
N HIS F 154 -23.27 -19.94 17.54
CA HIS F 154 -24.08 -21.01 18.12
C HIS F 154 -23.49 -22.41 17.88
N SER F 155 -24.14 -23.40 18.47
CA SER F 155 -23.64 -24.78 18.53
C SER F 155 -23.36 -25.36 17.17
N ARG F 156 -24.12 -24.90 16.18
CA ARG F 156 -23.89 -25.37 14.84
C ARG F 156 -22.59 -24.84 14.23
N GLU F 157 -22.15 -23.67 14.65
CA GLU F 157 -20.86 -23.13 14.21
C GLU F 157 -19.68 -23.59 15.08
N ILE F 158 -19.86 -23.54 16.41
CA ILE F 158 -18.84 -23.97 17.37
C ILE F 158 -19.39 -24.92 18.46
N SER F 159 -18.64 -25.99 18.71
CA SER F 159 -18.94 -26.85 19.85
C SER F 159 -17.75 -26.90 20.78
N VAL F 160 -18.02 -27.19 22.05
CA VAL F 160 -16.96 -27.22 23.04
C VAL F 160 -16.82 -28.61 23.67
N ASP F 161 -15.63 -29.18 23.53
CA ASP F 161 -15.18 -30.38 24.23
C ASP F 161 -14.63 -29.96 25.59
N PRO F 162 -15.15 -30.56 26.67
CA PRO F 162 -14.61 -30.27 28.01
C PRO F 162 -13.75 -31.37 28.58
N THR F 163 -12.99 -32.11 27.74
CA THR F 163 -12.13 -33.18 28.27
C THR F 163 -11.08 -32.59 29.19
N THR F 164 -11.07 -33.06 30.44
CA THR F 164 -10.16 -32.54 31.45
C THR F 164 -9.79 -33.60 32.51
N GLU F 165 -8.54 -33.58 32.93
CA GLU F 165 -8.03 -34.38 34.03
C GLU F 165 -7.73 -33.49 35.26
N ASN F 166 -7.96 -34.04 36.46
CA ASN F 166 -7.63 -33.34 37.71
C ASN F 166 -6.41 -33.97 38.39
N SER F 167 -5.97 -35.07 37.80
CA SER F 167 -4.81 -35.78 38.27
C SER F 167 -3.54 -34.94 38.22
N ASP F 168 -3.47 -33.96 37.34
CA ASP F 168 -2.25 -33.15 37.19
C ASP F 168 -2.38 -31.78 37.84
N ASP F 169 -3.57 -31.50 38.38
CA ASP F 169 -3.89 -30.22 39.04
C ASP F 169 -2.76 -29.68 39.88
N SER F 170 -2.21 -30.56 40.71
CA SER F 170 -1.04 -30.28 41.53
C SER F 170 0.08 -29.55 40.77
N GLU F 171 0.22 -29.85 39.48
CA GLU F 171 1.38 -29.38 38.71
C GLU F 171 1.26 -27.92 38.25
N TYR F 172 0.13 -27.30 38.54
CA TYR F 172 -0.12 -25.96 38.02
C TYR F 172 -0.31 -24.94 39.14
N PHE F 173 -1.00 -25.39 40.18
CA PHE F 173 -1.50 -24.55 41.25
C PHE F 173 -0.41 -24.19 42.26
N SER F 174 -0.35 -22.90 42.61
CA SER F 174 0.66 -22.37 43.51
C SER F 174 0.62 -23.01 44.90
N GLN F 175 1.75 -23.57 45.33
CA GLN F 175 1.83 -24.15 46.67
C GLN F 175 1.74 -23.05 47.73
N TYR F 176 1.86 -21.80 47.30
CA TYR F 176 1.88 -20.69 48.23
C TYR F 176 0.55 -19.93 48.32
N SER F 177 -0.46 -20.39 47.60
CA SER F 177 -1.78 -19.76 47.70
C SER F 177 -2.34 -19.87 49.11
N ARG F 178 -3.09 -18.88 49.53
CA ARG F 178 -3.78 -18.98 50.81
C ARG F 178 -4.79 -20.12 50.77
N PHE F 179 -5.20 -20.53 49.58
CA PHE F 179 -6.20 -21.57 49.40
C PHE F 179 -5.58 -22.85 48.90
N GLU F 180 -6.44 -23.86 48.74
CA GLU F 180 -6.06 -25.14 48.15
C GLU F 180 -7.23 -25.66 47.34
N ILE F 181 -6.92 -26.32 46.23
CA ILE F 181 -7.98 -26.81 45.34
C ILE F 181 -8.41 -28.20 45.79
N LEU F 182 -9.71 -28.44 45.79
CA LEU F 182 -10.23 -29.71 46.22
C LEU F 182 -10.50 -30.53 44.98
N ASP F 183 -11.41 -30.05 44.15
CA ASP F 183 -11.63 -30.65 42.84
C ASP F 183 -11.99 -29.60 41.80
N VAL F 184 -11.73 -29.94 40.54
CA VAL F 184 -12.12 -29.12 39.39
C VAL F 184 -12.94 -29.95 38.38
N THR F 185 -14.25 -29.74 38.34
CA THR F 185 -15.12 -30.41 37.36
C THR F 185 -15.30 -29.55 36.12
N GLN F 186 -15.27 -30.16 34.95
CA GLN F 186 -15.62 -29.46 33.71
C GLN F 186 -16.67 -30.24 32.95
N LYS F 187 -17.67 -29.54 32.44
CA LYS F 187 -18.81 -30.22 31.89
C LYS F 187 -19.41 -29.40 30.74
N LYS F 188 -19.63 -30.05 29.58
CA LYS F 188 -20.31 -29.41 28.46
C LYS F 188 -21.74 -29.05 28.86
N ASN F 189 -22.30 -28.05 28.22
CA ASN F 189 -23.65 -27.61 28.53
C ASN F 189 -24.22 -26.76 27.39
N SER F 190 -25.53 -26.65 27.32
CA SER F 190 -26.13 -25.91 26.22
C SER F 190 -27.14 -24.94 26.77
N VAL F 191 -27.01 -23.67 26.41
CA VAL F 191 -27.87 -22.63 26.93
C VAL F 191 -28.61 -21.91 25.82
N THR F 192 -29.93 -21.92 25.92
CA THR F 192 -30.80 -21.24 24.97
C THR F 192 -31.43 -20.03 25.63
N TYR F 193 -31.93 -19.12 24.82
CA TYR F 193 -32.35 -17.84 25.35
C TYR F 193 -33.70 -17.49 24.78
N SER F 194 -34.59 -16.97 25.61
CA SER F 194 -35.97 -16.76 25.19
C SER F 194 -36.01 -15.94 23.89
N CYS F 195 -35.22 -14.88 23.87
CA CYS F 195 -35.16 -13.93 22.74
C CYS F 195 -34.75 -14.49 21.38
N CYS F 196 -34.10 -15.67 21.37
CA CYS F 196 -33.22 -16.05 20.25
C CYS F 196 -33.14 -17.56 20.07
N PRO F 197 -33.23 -18.02 18.81
CA PRO F 197 -33.44 -19.44 18.51
C PRO F 197 -32.31 -20.38 19.00
N GLU F 198 -31.13 -20.24 18.42
CA GLU F 198 -30.08 -21.26 18.48
C GLU F 198 -29.42 -21.47 19.86
N ALA F 199 -28.82 -22.66 20.03
CA ALA F 199 -28.13 -23.05 21.27
C ALA F 199 -26.61 -22.80 21.20
N TYR F 200 -26.03 -22.33 22.31
CA TYR F 200 -24.59 -22.12 22.38
C TYR F 200 -23.98 -23.11 23.34
N GLU F 201 -23.10 -23.95 22.82
CA GLU F 201 -22.29 -24.81 23.67
C GLU F 201 -21.40 -23.97 24.61
N ASP F 202 -21.23 -24.47 25.84
CA ASP F 202 -20.30 -23.90 26.79
C ASP F 202 -19.78 -24.97 27.72
N VAL F 203 -18.59 -24.75 28.25
CA VAL F 203 -18.10 -25.58 29.32
C VAL F 203 -18.33 -24.93 30.69
N GLU F 204 -19.12 -25.61 31.53
CA GLU F 204 -19.24 -25.34 32.96
C GLU F 204 -18.00 -25.80 33.70
N VAL F 205 -17.21 -24.87 34.20
CA VAL F 205 -16.04 -25.27 34.99
C VAL F 205 -16.37 -25.09 36.47
N SER F 206 -16.44 -26.21 37.18
CA SER F 206 -16.70 -26.14 38.61
C SER F 206 -15.42 -26.25 39.41
N LEU F 207 -15.18 -25.19 40.19
CA LEU F 207 -13.96 -25.10 40.95
C LEU F 207 -14.30 -25.30 42.41
N ASN F 208 -13.77 -26.38 42.99
CA ASN F 208 -13.97 -26.60 44.40
C ASN F 208 -12.71 -26.29 45.18
N PHE F 209 -12.82 -25.37 46.13
CA PHE F 209 -11.65 -24.98 46.91
C PHE F 209 -12.04 -24.51 48.31
N ARG F 210 -11.03 -24.38 49.16
CA ARG F 210 -11.25 -24.01 50.55
C ARG F 210 -10.01 -23.35 51.06
N LYS F 211 -10.15 -22.52 52.10
CA LYS F 211 -9.00 -21.86 52.70
C LYS F 211 -8.14 -22.92 53.41
N LYS F 212 -6.84 -22.69 53.44
CA LYS F 212 -5.92 -23.58 54.12
C LYS F 212 -6.10 -23.47 55.64
N ASP G 1 -31.76 -19.72 5.23
CA ASP G 1 -31.17 -21.05 5.23
C ASP G 1 -30.58 -21.46 6.56
N TYR G 2 -30.57 -22.80 6.73
CA TYR G 2 -29.71 -23.49 7.68
C TYR G 2 -28.75 -24.46 6.95
N LYS G 3 -29.17 -25.15 5.88
CA LYS G 3 -28.29 -26.17 5.21
C LYS G 3 -26.97 -25.65 4.57
N ASP G 4 -26.80 -24.33 4.42
CA ASP G 4 -25.49 -23.79 4.02
C ASP G 4 -24.59 -23.49 5.20
N ASP G 5 -25.21 -22.99 6.29
CA ASP G 5 -24.57 -22.27 7.41
C ASP G 5 -23.05 -22.41 7.45
N ASP G 6 -22.55 -23.65 7.37
CA ASP G 6 -21.15 -23.90 7.65
C ASP G 6 -20.22 -24.29 6.48
N ASP G 7 -20.38 -23.66 5.31
CA ASP G 7 -19.35 -23.79 4.27
C ASP G 7 -18.41 -22.59 4.36
N LYS G 8 -17.15 -22.86 4.66
CA LYS G 8 -16.16 -21.82 4.95
C LYS G 8 -16.04 -20.77 3.84
N LEU G 9 -15.97 -21.24 2.59
CA LEU G 9 -15.71 -20.34 1.48
C LEU G 9 -16.88 -19.40 1.26
N ASP G 10 -18.08 -19.88 1.48
CA ASP G 10 -19.23 -19.00 1.44
C ASP G 10 -19.11 -17.87 2.49
N ARG G 11 -18.77 -18.23 3.73
CA ARG G 11 -18.58 -17.24 4.80
C ARG G 11 -17.44 -16.24 4.48
N ALA G 12 -16.32 -16.78 3.99
CA ALA G 12 -15.26 -15.93 3.48
C ALA G 12 -15.83 -14.84 2.56
N ASP G 13 -16.55 -15.26 1.53
CA ASP G 13 -17.01 -14.35 0.49
C ASP G 13 -18.05 -13.33 1.00
N ILE G 14 -18.82 -13.71 2.02
CA ILE G 14 -19.79 -12.81 2.60
C ILE G 14 -19.05 -11.70 3.33
N LEU G 15 -17.99 -12.08 4.02
CA LEU G 15 -17.17 -11.11 4.73
C LEU G 15 -16.52 -10.13 3.75
N TYR G 16 -16.17 -10.63 2.56
CA TYR G 16 -15.63 -9.79 1.50
C TYR G 16 -16.70 -8.82 0.96
N ASN G 17 -17.93 -9.28 0.77
CA ASN G 17 -19.03 -8.42 0.35
C ASN G 17 -19.34 -7.33 1.37
N ILE G 18 -19.39 -7.71 2.63
CA ILE G 18 -19.60 -6.77 3.69
C ILE G 18 -18.52 -5.70 3.65
N ARG G 19 -17.25 -6.09 3.52
CA ARG G 19 -16.19 -5.08 3.55
C ARG G 19 -16.20 -4.21 2.30
N GLN G 20 -16.51 -4.80 1.16
CA GLN G 20 -16.78 -4.04 -0.08
C GLN G 20 -17.76 -2.88 0.09
N THR G 21 -18.88 -3.18 0.73
CA THR G 21 -20.06 -2.33 0.76
C THR G 21 -20.11 -1.41 1.99
N SER G 22 -19.56 -1.91 3.09
CA SER G 22 -19.72 -1.26 4.39
C SER G 22 -18.93 0.00 4.44
N ARG G 23 -19.55 1.06 4.95
CA ARG G 23 -18.83 2.29 5.21
C ARG G 23 -18.95 2.59 6.69
N PRO G 24 -17.92 2.20 7.47
CA PRO G 24 -18.01 2.20 8.94
C PRO G 24 -18.11 3.59 9.56
N ASP G 25 -17.94 4.64 8.78
CA ASP G 25 -18.02 6.00 9.33
C ASP G 25 -19.26 6.75 8.84
N VAL G 26 -20.03 6.17 7.92
CA VAL G 26 -21.27 6.80 7.45
C VAL G 26 -22.54 6.07 7.93
N ILE G 27 -23.53 6.83 8.39
CA ILE G 27 -24.77 6.22 8.89
C ILE G 27 -25.67 5.73 7.74
N PRO G 28 -26.11 4.47 7.83
CA PRO G 28 -26.91 3.83 6.78
C PRO G 28 -28.33 4.39 6.70
N THR G 29 -28.51 5.54 6.07
CA THR G 29 -29.84 6.13 6.05
C THR G 29 -30.67 5.70 4.85
N GLN G 30 -31.67 4.89 5.18
CA GLN G 30 -32.81 4.53 4.37
C GLN G 30 -33.66 5.74 3.96
N ARG G 31 -33.69 6.06 2.66
CA ARG G 31 -34.64 7.03 2.08
C ARG G 31 -35.04 8.18 3.01
N ASP G 32 -34.06 8.97 3.44
CA ASP G 32 -34.27 10.15 4.30
C ASP G 32 -34.58 9.78 5.78
N ARG G 33 -35.06 8.57 6.02
CA ARG G 33 -35.43 8.21 7.39
C ARG G 33 -34.25 8.00 8.34
N PRO G 34 -34.46 8.29 9.63
CA PRO G 34 -33.51 8.00 10.72
C PRO G 34 -33.09 6.55 10.75
N VAL G 35 -31.90 6.24 11.24
CA VAL G 35 -31.58 4.85 11.48
C VAL G 35 -32.16 4.43 12.81
N ALA G 36 -33.01 3.41 12.76
CA ALA G 36 -33.72 2.95 13.93
C ALA G 36 -32.77 2.06 14.72
N VAL G 37 -32.44 2.49 15.93
CA VAL G 37 -31.53 1.70 16.72
C VAL G 37 -32.29 1.15 17.92
N SER G 38 -32.22 -0.16 18.09
CA SER G 38 -32.98 -0.81 19.16
C SER G 38 -32.02 -1.20 20.28
N VAL G 39 -32.21 -0.61 21.45
CA VAL G 39 -31.31 -0.83 22.57
C VAL G 39 -32.06 -1.42 23.74
N SER G 40 -31.54 -2.54 24.23
CA SER G 40 -32.14 -3.29 25.33
C SER G 40 -31.08 -3.76 26.30
N LEU G 41 -31.08 -3.20 27.51
CA LEU G 41 -30.12 -3.64 28.51
C LEU G 41 -30.65 -4.84 29.30
N LYS G 42 -29.79 -5.85 29.44
CA LYS G 42 -30.10 -6.97 30.32
C LYS G 42 -28.98 -7.04 31.34
N PHE G 43 -29.35 -6.77 32.59
CA PHE G 43 -28.36 -6.71 33.63
C PHE G 43 -27.95 -8.10 34.04
N ILE G 44 -26.69 -8.25 34.42
CA ILE G 44 -26.10 -9.53 34.72
C ILE G 44 -25.52 -9.51 36.12
N ASN G 45 -25.17 -8.31 36.57
CA ASN G 45 -24.45 -8.15 37.82
C ASN G 45 -24.51 -6.72 38.33
N ILE G 46 -24.79 -6.56 39.61
CA ILE G 46 -24.75 -5.27 40.29
C ILE G 46 -23.66 -5.37 41.33
N LEU G 47 -22.47 -4.89 40.99
CA LEU G 47 -21.29 -5.22 41.79
C LEU G 47 -21.07 -4.33 42.98
N GLU G 48 -21.31 -3.03 42.78
CA GLU G 48 -21.02 -2.00 43.79
C GLU G 48 -22.16 -1.03 43.87
N VAL G 49 -22.39 -0.48 45.05
CA VAL G 49 -23.46 0.49 45.25
C VAL G 49 -23.05 1.44 46.36
N ASN G 50 -23.20 2.73 46.12
CA ASN G 50 -22.95 3.72 47.17
C ASN G 50 -24.19 4.54 47.45
N GLU G 51 -24.42 4.88 48.70
CA GLU G 51 -25.64 5.59 49.04
C GLU G 51 -25.36 7.04 49.39
N ILE G 52 -24.12 7.30 49.79
CA ILE G 52 -23.65 8.66 49.99
C ILE G 52 -23.48 9.36 48.64
N THR G 53 -22.60 8.82 47.80
CA THR G 53 -22.25 9.44 46.51
C THR G 53 -23.27 9.24 45.42
N ASN G 54 -24.20 8.33 45.65
CA ASN G 54 -25.20 7.95 44.66
C ASN G 54 -24.55 7.37 43.41
N GLU G 55 -23.84 6.25 43.58
CA GLU G 55 -23.14 5.59 42.47
C GLU G 55 -23.31 4.08 42.46
N VAL G 56 -23.30 3.51 41.26
CA VAL G 56 -23.51 2.09 41.06
C VAL G 56 -22.55 1.56 40.02
N ASP G 57 -21.94 0.42 40.32
CA ASP G 57 -21.03 -0.20 39.39
C ASP G 57 -21.65 -1.54 38.93
N VAL G 58 -22.21 -1.53 37.72
CA VAL G 58 -22.95 -2.67 37.20
C VAL G 58 -22.33 -3.30 35.95
N VAL G 59 -22.74 -4.54 35.70
CA VAL G 59 -22.44 -5.25 34.49
C VAL G 59 -23.74 -5.59 33.80
N PHE G 60 -23.78 -5.45 32.47
CA PHE G 60 -24.97 -5.76 31.70
C PHE G 60 -24.65 -6.06 30.25
N TRP G 61 -25.56 -6.78 29.61
CA TRP G 61 -25.48 -7.01 28.18
C TRP G 61 -26.30 -5.97 27.46
N GLN G 62 -25.64 -5.19 26.60
CA GLN G 62 -26.31 -4.16 25.84
C GLN G 62 -26.80 -4.73 24.51
N GLN G 63 -28.03 -5.23 24.48
CA GLN G 63 -28.58 -5.77 23.24
C GLN G 63 -28.93 -4.65 22.32
N THR G 64 -28.34 -4.67 21.13
CA THR G 64 -28.43 -3.54 20.20
C THR G 64 -28.68 -4.03 18.79
N THR G 65 -29.58 -3.36 18.08
CA THR G 65 -29.99 -3.78 16.73
C THR G 65 -30.33 -2.60 15.86
N TRP G 66 -29.93 -2.71 14.60
CA TRP G 66 -30.30 -1.77 13.55
C TRP G 66 -30.13 -2.48 12.20
N SER G 67 -30.35 -1.74 11.12
CA SER G 67 -30.28 -2.35 9.80
C SER G 67 -29.43 -1.55 8.81
N ASP G 68 -28.77 -2.27 7.91
CA ASP G 68 -28.10 -1.68 6.75
C ASP G 68 -28.38 -2.57 5.58
N ARG G 69 -29.43 -2.25 4.83
CA ARG G 69 -29.89 -3.09 3.74
C ARG G 69 -28.80 -3.33 2.71
N THR G 70 -27.87 -2.38 2.55
CA THR G 70 -26.78 -2.55 1.58
C THR G 70 -25.93 -3.79 1.92
N LEU G 71 -25.85 -4.16 3.19
CA LEU G 71 -25.06 -5.35 3.56
C LEU G 71 -25.82 -6.67 3.32
N ALA G 72 -27.09 -6.59 2.91
CA ALA G 72 -27.91 -7.79 2.63
C ALA G 72 -27.43 -8.68 1.48
N TRP G 73 -27.78 -9.96 1.54
CA TRP G 73 -27.46 -10.92 0.47
C TRP G 73 -28.48 -12.06 0.38
N ASN G 74 -28.57 -12.68 -0.81
CA ASN G 74 -29.45 -13.83 -1.01
C ASN G 74 -28.83 -15.04 -0.34
N SER G 75 -29.45 -15.48 0.76
CA SER G 75 -28.94 -16.59 1.54
C SER G 75 -29.79 -17.85 1.40
N SER G 76 -30.40 -18.04 0.23
CA SER G 76 -31.14 -19.27 -0.02
C SER G 76 -30.13 -20.40 -0.25
N HIS G 77 -28.87 -20.02 -0.51
CA HIS G 77 -27.80 -21.01 -0.61
C HIS G 77 -26.44 -20.54 -0.06
N SER G 78 -26.45 -19.51 0.80
CA SER G 78 -25.27 -19.03 1.55
C SER G 78 -25.68 -18.85 3.02
N PRO G 79 -24.74 -18.90 3.99
CA PRO G 79 -25.09 -18.81 5.42
C PRO G 79 -26.01 -17.64 5.74
N ASP G 80 -26.89 -17.79 6.72
CA ASP G 80 -27.91 -16.78 6.90
C ASP G 80 -27.35 -15.60 7.64
N GLN G 81 -26.41 -15.88 8.53
CA GLN G 81 -25.68 -14.80 9.18
C GLN G 81 -24.26 -15.18 9.50
N VAL G 82 -23.46 -14.15 9.76
CA VAL G 82 -22.04 -14.33 10.04
C VAL G 82 -21.60 -13.40 11.14
N SER G 83 -20.60 -13.85 11.90
CA SER G 83 -19.90 -13.00 12.86
C SER G 83 -18.95 -12.07 12.10
N VAL G 84 -18.93 -10.82 12.49
CA VAL G 84 -18.12 -9.79 11.83
C VAL G 84 -17.56 -8.82 12.88
N PRO G 85 -16.23 -8.55 12.83
CA PRO G 85 -15.53 -7.60 13.72
C PRO G 85 -16.13 -6.20 13.62
N ILE G 86 -16.54 -5.57 14.72
CA ILE G 86 -17.25 -4.30 14.52
C ILE G 86 -16.40 -3.18 13.87
N SER G 87 -15.07 -3.28 13.88
CA SER G 87 -14.27 -2.31 13.11
C SER G 87 -14.65 -2.32 11.62
N SER G 88 -15.34 -3.35 11.16
CA SER G 88 -15.72 -3.43 9.75
C SER G 88 -17.12 -2.84 9.48
N LEU G 89 -17.91 -2.61 10.53
CA LEU G 89 -19.25 -2.09 10.34
C LEU G 89 -19.44 -0.71 10.91
N TRP G 90 -20.44 0.00 10.39
CA TRP G 90 -20.95 1.14 11.11
C TRP G 90 -21.56 0.68 12.45
N VAL G 91 -21.50 1.54 13.45
CA VAL G 91 -21.95 1.25 14.79
C VAL G 91 -22.50 2.54 15.43
N PRO G 92 -23.74 2.50 15.92
CA PRO G 92 -24.29 3.68 16.59
C PRO G 92 -23.32 4.15 17.66
N ASP G 93 -23.09 5.46 17.73
CA ASP G 93 -22.18 6.02 18.69
C ASP G 93 -22.94 6.19 20.02
N LEU G 94 -23.26 5.09 20.67
CA LEU G 94 -24.11 5.18 21.85
C LEU G 94 -23.31 5.68 23.06
N ALA G 95 -23.98 6.39 23.94
CA ALA G 95 -23.31 6.84 25.15
C ALA G 95 -24.27 6.96 26.31
N ALA G 96 -23.85 6.44 27.46
CA ALA G 96 -24.57 6.69 28.69
C ALA G 96 -24.28 8.11 29.21
N TYR G 97 -25.30 8.98 29.16
CA TYR G 97 -25.16 10.38 29.54
C TYR G 97 -24.82 10.56 31.02
N ASN G 98 -25.11 9.57 31.84
CA ASN G 98 -24.90 9.75 33.28
C ASN G 98 -23.82 8.78 33.80
N ALA G 99 -22.93 8.38 32.88
CA ALA G 99 -21.82 7.50 33.18
C ALA G 99 -20.65 8.27 33.78
N ILE G 100 -19.86 7.60 34.62
CA ILE G 100 -18.74 8.25 35.27
C ILE G 100 -17.47 7.39 35.18
N SER G 101 -17.56 6.31 34.41
CA SER G 101 -16.39 5.49 34.09
C SER G 101 -16.46 5.22 32.59
N LYS G 102 -15.32 4.91 31.98
CA LYS G 102 -15.32 4.51 30.58
C LYS G 102 -16.00 3.16 30.54
N PRO G 103 -16.86 2.89 29.52
CA PRO G 103 -17.50 1.57 29.39
C PRO G 103 -16.50 0.44 29.10
N GLU G 104 -16.29 -0.48 30.05
CA GLU G 104 -15.35 -1.57 29.81
C GLU G 104 -16.07 -2.74 29.15
N VAL G 105 -15.66 -3.07 27.94
CA VAL G 105 -16.26 -4.15 27.21
C VAL G 105 -15.58 -5.45 27.59
N LEU G 106 -16.37 -6.44 28.02
CA LEU G 106 -15.81 -7.68 28.56
C LEU G 106 -15.71 -8.78 27.50
N THR G 107 -16.26 -8.49 26.32
CA THR G 107 -16.52 -9.52 25.34
C THR G 107 -15.78 -9.25 24.04
N PRO G 108 -15.58 -10.29 23.22
CA PRO G 108 -15.01 -10.08 21.88
C PRO G 108 -15.89 -9.12 21.11
N GLN G 109 -15.27 -8.12 20.51
CA GLN G 109 -16.04 -7.08 19.84
C GLN G 109 -16.45 -7.54 18.44
N LEU G 110 -17.47 -8.40 18.41
CA LEU G 110 -17.97 -8.93 17.17
C LEU G 110 -19.44 -8.58 17.02
N ALA G 111 -19.92 -8.56 15.78
CA ALA G 111 -21.34 -8.40 15.56
C ALA G 111 -21.82 -9.55 14.71
N ARG G 112 -23.11 -9.84 14.75
CA ARG G 112 -23.63 -10.83 13.85
C ARG G 112 -24.33 -10.05 12.77
N VAL G 113 -23.95 -10.28 11.52
CA VAL G 113 -24.68 -9.67 10.44
C VAL G 113 -25.62 -10.70 9.82
N VAL G 114 -26.93 -10.43 9.90
CA VAL G 114 -27.92 -11.31 9.29
C VAL G 114 -28.00 -11.01 7.79
N SER G 115 -28.54 -11.94 7.01
CA SER G 115 -28.60 -11.78 5.56
C SER G 115 -29.61 -10.73 5.12
N ASP G 116 -30.62 -10.46 5.93
CA ASP G 116 -31.55 -9.39 5.59
C ASP G 116 -30.95 -7.98 5.75
N GLY G 117 -29.76 -7.89 6.35
CA GLY G 117 -29.14 -6.61 6.68
C GLY G 117 -29.26 -6.20 8.14
N GLU G 118 -29.99 -6.95 8.94
CA GLU G 118 -30.08 -6.67 10.36
C GLU G 118 -28.70 -6.94 10.95
N VAL G 119 -28.23 -6.04 11.79
CA VAL G 119 -27.00 -6.26 12.52
C VAL G 119 -27.31 -6.42 14.00
N LEU G 120 -26.81 -7.51 14.57
CA LEU G 120 -27.01 -7.80 15.99
C LEU G 120 -25.71 -7.65 16.78
N TYR G 121 -25.74 -6.77 17.77
CA TYR G 121 -24.55 -6.49 18.53
C TYR G 121 -24.88 -6.37 20.02
N MET G 122 -24.10 -7.05 20.86
CA MET G 122 -24.39 -7.13 22.29
C MET G 122 -23.13 -7.28 23.10
N PRO G 123 -22.44 -6.16 23.37
CA PRO G 123 -21.30 -6.25 24.29
C PRO G 123 -21.74 -6.35 25.73
N SER G 124 -21.03 -7.17 26.50
CA SER G 124 -21.13 -7.13 27.96
C SER G 124 -20.34 -5.92 28.52
N ILE G 125 -21.05 -4.98 29.12
CA ILE G 125 -20.43 -3.74 29.59
C ILE G 125 -20.36 -3.65 31.12
N ARG G 126 -19.18 -3.34 31.63
CA ARG G 126 -19.02 -2.98 33.02
C ARG G 126 -18.78 -1.47 33.11
N GLN G 127 -19.61 -0.76 33.88
CA GLN G 127 -19.57 0.69 33.88
C GLN G 127 -20.22 1.31 35.12
N ARG G 128 -19.62 2.38 35.64
CA ARG G 128 -20.11 3.09 36.83
C ARG G 128 -21.04 4.25 36.49
N PHE G 129 -22.10 4.41 37.28
CA PHE G 129 -23.14 5.39 36.98
C PHE G 129 -23.52 6.20 38.18
N SER G 130 -23.86 7.47 37.93
CA SER G 130 -24.45 8.32 38.95
C SER G 130 -25.96 8.36 38.78
N CYS G 131 -26.68 7.99 39.82
CA CYS G 131 -28.14 7.96 39.78
C CYS G 131 -28.76 7.75 41.17
N ASP G 132 -30.09 7.70 41.22
CA ASP G 132 -30.84 7.60 42.47
C ASP G 132 -30.63 6.25 43.13
N VAL G 133 -30.08 6.26 44.35
CA VAL G 133 -29.80 5.04 45.09
C VAL G 133 -30.63 4.98 46.37
N SER G 134 -31.38 6.02 46.65
CA SER G 134 -32.10 6.10 47.92
C SER G 134 -33.07 4.92 48.07
N GLY G 135 -32.90 4.17 49.15
CA GLY G 135 -33.81 3.11 49.48
C GLY G 135 -33.44 1.78 48.86
N VAL G 136 -32.15 1.63 48.55
CA VAL G 136 -31.65 0.35 48.09
C VAL G 136 -31.80 -0.67 49.22
N ASP G 137 -31.87 -0.15 50.44
CA ASP G 137 -31.87 -1.00 51.63
C ASP G 137 -33.29 -1.36 52.09
N THR G 138 -34.31 -0.73 51.50
CA THR G 138 -35.70 -0.99 51.88
C THR G 138 -36.31 -2.10 51.01
N GLU G 139 -37.62 -2.28 51.13
CA GLU G 139 -38.34 -3.32 50.40
C GLU G 139 -38.72 -2.90 48.98
N SER G 140 -39.00 -1.62 48.82
CA SER G 140 -39.47 -1.06 47.56
C SER G 140 -38.27 -0.76 46.64
N GLY G 141 -37.10 -0.73 47.26
CA GLY G 141 -35.84 -0.58 46.55
C GLY G 141 -35.57 0.80 45.97
N ALA G 142 -34.35 0.99 45.49
CA ALA G 142 -33.99 2.19 44.74
C ALA G 142 -34.26 2.00 43.26
N THR G 143 -34.52 3.10 42.56
CA THR G 143 -34.62 3.05 41.12
C THR G 143 -33.55 3.95 40.49
N CYS G 144 -32.58 3.29 39.86
CA CYS G 144 -31.46 3.94 39.23
C CYS G 144 -31.66 3.99 37.74
N ARG G 145 -31.74 5.19 37.18
CA ARG G 145 -32.05 5.31 35.77
C ARG G 145 -30.83 5.57 34.90
N ILE G 146 -30.72 4.85 33.80
CA ILE G 146 -29.61 5.05 32.89
C ILE G 146 -30.11 5.58 31.55
N LYS G 147 -29.59 6.72 31.13
CA LYS G 147 -29.94 7.33 29.85
C LYS G 147 -28.88 7.03 28.79
N ILE G 148 -29.26 6.29 27.75
CA ILE G 148 -28.33 6.00 26.67
C ILE G 148 -28.87 6.58 25.37
N GLY G 149 -28.04 7.36 24.69
CA GLY G 149 -28.41 7.93 23.42
C GLY G 149 -27.20 8.02 22.51
N SER G 150 -27.45 8.48 21.29
CA SER G 150 -26.37 8.77 20.37
C SER G 150 -25.62 10.00 20.88
N TRP G 151 -24.32 10.02 20.71
CA TRP G 151 -23.57 11.17 21.18
C TRP G 151 -23.57 12.28 20.15
N THR G 152 -23.57 11.93 18.87
CA THR G 152 -23.45 12.98 17.86
C THR G 152 -24.63 13.09 16.90
N HIS G 153 -25.52 12.10 16.87
CA HIS G 153 -26.66 12.13 15.94
C HIS G 153 -28.00 12.49 16.60
N HIS G 154 -28.57 13.60 16.17
CA HIS G 154 -29.93 13.99 16.57
C HIS G 154 -31.00 13.06 15.97
N SER G 155 -32.25 13.31 16.33
CA SER G 155 -33.31 12.32 16.11
C SER G 155 -33.70 12.11 14.64
N ARG G 156 -33.40 13.04 13.77
CA ARG G 156 -33.62 12.80 12.35
C ARG G 156 -32.59 11.84 11.74
N GLU G 157 -31.45 11.66 12.38
CA GLU G 157 -30.42 10.79 11.84
C GLU G 157 -30.47 9.45 12.52
N ILE G 158 -30.79 9.47 13.82
CA ILE G 158 -30.90 8.24 14.61
C ILE G 158 -32.08 8.29 15.57
N SER G 159 -32.95 7.28 15.50
CA SER G 159 -33.97 7.10 16.55
C SER G 159 -33.71 5.86 17.39
N VAL G 160 -34.06 5.96 18.67
CA VAL G 160 -33.70 4.92 19.62
C VAL G 160 -34.94 4.22 20.10
N ASP G 161 -35.07 2.97 19.67
CA ASP G 161 -36.22 2.12 19.94
C ASP G 161 -36.00 1.31 21.21
N PRO G 162 -36.89 1.45 22.20
CA PRO G 162 -36.75 0.59 23.37
C PRO G 162 -37.52 -0.72 23.23
N THR G 163 -37.21 -1.67 24.10
CA THR G 163 -37.82 -2.97 24.06
C THR G 163 -37.94 -3.53 25.47
N THR G 164 -39.07 -3.26 26.12
CA THR G 164 -39.30 -3.86 27.42
C THR G 164 -39.62 -5.35 27.20
N GLU G 165 -38.57 -6.13 26.90
CA GLU G 165 -38.64 -7.57 27.09
C GLU G 165 -38.53 -7.75 28.60
N ASN G 166 -39.64 -7.54 29.29
CA ASN G 166 -39.69 -7.45 30.75
C ASN G 166 -39.41 -8.79 31.40
N SER G 167 -40.01 -9.81 30.80
CA SER G 167 -40.22 -11.12 31.40
C SER G 167 -38.96 -11.99 31.61
N ASP G 168 -37.79 -11.44 31.36
CA ASP G 168 -36.60 -12.28 31.36
C ASP G 168 -35.34 -11.66 31.98
N ASP G 169 -35.52 -10.66 32.84
CA ASP G 169 -34.40 -10.13 33.64
C ASP G 169 -33.80 -11.28 34.45
N SER G 170 -34.63 -12.28 34.74
CA SER G 170 -34.29 -13.46 35.55
C SER G 170 -33.34 -14.46 34.89
N GLU G 171 -33.31 -14.51 33.56
CA GLU G 171 -32.46 -15.49 32.89
C GLU G 171 -31.08 -14.91 32.51
N TYR G 172 -30.81 -13.69 32.96
CA TYR G 172 -29.53 -13.03 32.72
C TYR G 172 -28.84 -12.64 34.02
N PHE G 173 -29.64 -12.26 35.00
CA PHE G 173 -29.07 -11.76 36.25
C PHE G 173 -28.45 -12.90 37.05
N SER G 174 -27.59 -12.54 37.98
CA SER G 174 -26.82 -13.51 38.72
C SER G 174 -27.57 -13.90 39.97
N GLN G 175 -27.71 -15.19 40.19
CA GLN G 175 -28.34 -15.67 41.43
C GLN G 175 -27.44 -15.38 42.62
N TYR G 176 -26.15 -15.19 42.35
CA TYR G 176 -25.15 -15.00 43.40
C TYR G 176 -24.88 -13.53 43.73
N SER G 177 -25.53 -12.62 43.03
CA SER G 177 -25.42 -11.22 43.40
C SER G 177 -26.01 -11.02 44.78
N ARG G 178 -25.58 -9.98 45.47
CA ARG G 178 -26.18 -9.68 46.78
C ARG G 178 -27.28 -8.66 46.62
N PHE G 179 -27.69 -8.44 45.38
CA PHE G 179 -28.87 -7.63 45.10
C PHE G 179 -29.78 -8.49 44.26
N GLU G 180 -31.06 -8.12 44.22
CA GLU G 180 -31.97 -8.78 43.32
C GLU G 180 -32.63 -7.74 42.44
N ILE G 181 -33.19 -8.22 41.34
CA ILE G 181 -33.88 -7.36 40.38
C ILE G 181 -35.37 -7.33 40.71
N LEU G 182 -35.89 -6.15 41.03
CA LEU G 182 -37.32 -6.03 41.27
C LEU G 182 -38.02 -5.89 39.93
N ASP G 183 -37.53 -4.94 39.12
CA ASP G 183 -37.96 -4.83 37.73
C ASP G 183 -37.03 -3.94 36.88
N VAL G 184 -37.03 -4.19 35.58
CA VAL G 184 -36.31 -3.36 34.62
C VAL G 184 -37.31 -2.73 33.64
N THR G 185 -37.40 -1.41 33.67
CA THR G 185 -38.32 -0.65 32.85
C THR G 185 -37.58 0.24 31.87
N GLN G 186 -37.94 0.12 30.59
CA GLN G 186 -37.31 0.94 29.56
C GLN G 186 -38.34 1.83 28.90
N LYS G 187 -37.95 3.07 28.64
CA LYS G 187 -38.81 3.99 27.95
C LYS G 187 -37.99 5.03 27.18
N LYS G 188 -38.51 5.44 26.03
CA LYS G 188 -37.89 6.48 25.24
C LYS G 188 -38.27 7.89 25.69
N ASN G 189 -37.30 8.69 26.10
CA ASN G 189 -37.53 10.13 26.22
C ASN G 189 -36.69 10.86 25.19
N SER G 190 -36.66 12.18 25.28
CA SER G 190 -35.88 12.96 24.35
C SER G 190 -35.07 13.97 25.13
N VAL G 191 -33.97 14.40 24.55
CA VAL G 191 -33.12 15.38 25.20
C VAL G 191 -32.99 16.58 24.28
N THR G 192 -33.24 17.77 24.81
CA THR G 192 -32.87 19.00 24.11
C THR G 192 -32.07 19.91 25.05
N TYR G 193 -31.46 20.95 24.49
CA TYR G 193 -30.64 21.86 25.29
C TYR G 193 -30.89 23.31 24.95
N SER G 194 -30.98 24.14 26.00
CA SER G 194 -31.06 25.58 25.87
C SER G 194 -30.04 26.04 24.87
N CYS G 195 -28.92 25.34 24.89
CA CYS G 195 -27.81 25.43 23.96
C CYS G 195 -28.11 25.13 22.48
N CYS G 196 -28.86 24.07 22.23
CA CYS G 196 -28.90 23.52 20.87
C CYS G 196 -30.28 23.33 20.27
N PRO G 197 -30.37 23.51 18.94
CA PRO G 197 -31.60 23.32 18.18
C PRO G 197 -32.19 21.92 18.37
N GLU G 198 -31.64 20.96 17.64
CA GLU G 198 -32.20 19.62 17.46
C GLU G 198 -32.39 18.80 18.74
N ALA G 199 -33.27 17.80 18.65
CA ALA G 199 -33.52 16.86 19.75
C ALA G 199 -32.77 15.53 19.59
N TYR G 200 -32.41 14.92 20.71
CA TYR G 200 -31.73 13.63 20.65
C TYR G 200 -32.59 12.59 21.31
N GLU G 201 -32.73 11.47 20.62
CA GLU G 201 -33.41 10.32 21.18
C GLU G 201 -32.50 9.54 22.11
N ASP G 202 -32.95 9.31 23.33
CA ASP G 202 -32.30 8.35 24.20
C ASP G 202 -33.34 7.44 24.81
N VAL G 203 -32.89 6.32 25.38
CA VAL G 203 -33.77 5.43 26.09
C VAL G 203 -33.39 5.43 27.58
N GLU G 204 -34.34 5.78 28.44
CA GLU G 204 -34.15 5.70 29.87
C GLU G 204 -34.38 4.29 30.35
N VAL G 205 -33.32 3.65 30.85
CA VAL G 205 -33.48 2.36 31.47
C VAL G 205 -33.61 2.56 32.96
N SER G 206 -34.69 2.03 33.54
CA SER G 206 -34.94 2.18 34.97
C SER G 206 -34.64 0.86 35.66
N LEU G 207 -33.57 0.85 36.45
CA LEU G 207 -33.19 -0.34 37.20
C LEU G 207 -33.69 -0.25 38.66
N ASN G 208 -34.76 -0.99 38.94
CA ASN G 208 -35.38 -1.06 40.26
C ASN G 208 -34.82 -2.25 41.00
N PHE G 209 -34.14 -2.02 42.13
CA PHE G 209 -33.45 -3.13 42.82
C PHE G 209 -33.23 -2.86 44.30
N ARG G 210 -32.76 -3.88 45.02
CA ARG G 210 -32.61 -3.88 46.47
C ARG G 210 -31.59 -4.92 46.96
N LYS G 211 -31.13 -4.81 48.19
CA LYS G 211 -30.28 -5.86 48.75
C LYS G 211 -31.13 -7.03 49.22
N LYS G 212 -30.77 -8.24 48.78
CA LYS G 212 -31.43 -9.49 49.18
C LYS G 212 -31.59 -9.61 50.69
N LYS H 3 -34.02 19.01 4.21
CA LYS H 3 -34.96 17.92 4.36
C LYS H 3 -34.47 16.69 3.59
N ASP H 4 -33.27 16.79 3.02
CA ASP H 4 -32.53 15.62 2.57
C ASP H 4 -31.20 15.59 3.34
N ASP H 5 -31.30 16.01 4.60
CA ASP H 5 -30.35 15.78 5.68
C ASP H 5 -29.83 14.34 5.73
N ASP H 6 -30.63 13.39 5.22
CA ASP H 6 -30.32 11.96 5.38
C ASP H 6 -30.12 11.19 4.08
N ASP H 7 -29.52 11.83 3.09
CA ASP H 7 -29.13 11.13 1.86
C ASP H 7 -27.80 10.41 2.15
N LYS H 8 -27.80 9.08 2.15
CA LYS H 8 -26.61 8.35 2.63
C LYS H 8 -25.35 8.59 1.82
N LEU H 9 -25.48 8.61 0.50
CA LEU H 9 -24.27 8.67 -0.30
C LEU H 9 -23.89 10.14 -0.56
N ASP H 10 -24.85 11.05 -0.40
CA ASP H 10 -24.50 12.43 -0.13
C ASP H 10 -23.52 12.46 1.07
N ARG H 11 -23.90 11.80 2.16
CA ARG H 11 -23.09 11.78 3.37
C ARG H 11 -21.73 11.09 3.18
N ALA H 12 -21.68 10.02 2.39
CA ALA H 12 -20.41 9.33 2.10
C ALA H 12 -19.46 10.22 1.31
N ASP H 13 -20.04 11.02 0.42
CA ASP H 13 -19.23 11.87 -0.43
C ASP H 13 -18.65 13.04 0.34
N ILE H 14 -19.45 13.58 1.27
CA ILE H 14 -18.97 14.63 2.14
C ILE H 14 -17.77 14.15 3.01
N LEU H 15 -17.82 12.92 3.49
CA LEU H 15 -16.74 12.37 4.29
C LEU H 15 -15.46 12.21 3.45
N TYR H 16 -15.65 11.80 2.21
CA TYR H 16 -14.55 11.63 1.26
C TYR H 16 -13.86 12.96 1.00
N ASN H 17 -14.71 13.98 0.84
CA ASN H 17 -14.30 15.36 0.63
C ASN H 17 -13.48 15.91 1.79
N ILE H 18 -14.01 15.70 2.99
CA ILE H 18 -13.32 16.13 4.19
C ILE H 18 -11.98 15.46 4.28
N ARG H 19 -11.91 14.17 3.99
CA ARG H 19 -10.63 13.47 4.10
C ARG H 19 -9.64 13.76 2.96
N GLN H 20 -10.02 14.61 2.02
CA GLN H 20 -9.14 15.01 0.93
C GLN H 20 -8.64 16.45 1.09
N THR H 21 -9.14 17.14 2.11
CA THR H 21 -8.83 18.54 2.33
C THR H 21 -8.29 18.71 3.72
N SER H 22 -8.72 17.81 4.59
CA SER H 22 -8.40 17.88 6.00
C SER H 22 -6.97 17.52 6.24
N ARG H 23 -6.29 18.37 6.99
CA ARG H 23 -4.93 18.08 7.37
C ARG H 23 -4.88 18.00 8.90
N PRO H 24 -5.04 16.77 9.41
CA PRO H 24 -5.16 16.45 10.84
C PRO H 24 -3.98 16.91 11.70
N ASP H 25 -2.81 17.14 11.10
CA ASP H 25 -1.59 17.52 11.83
C ASP H 25 -1.22 19.00 11.67
N VAL H 26 -1.99 19.73 10.88
CA VAL H 26 -1.68 21.13 10.57
C VAL H 26 -2.76 22.06 11.10
N ILE H 27 -2.40 23.25 11.58
CA ILE H 27 -3.42 24.14 12.13
C ILE H 27 -4.14 24.88 11.02
N PRO H 28 -5.46 25.04 11.16
CA PRO H 28 -6.29 25.63 10.09
C PRO H 28 -6.37 27.17 10.14
N THR H 29 -5.26 27.85 9.84
CA THR H 29 -5.22 29.31 9.85
C THR H 29 -5.38 29.89 8.48
N GLN H 30 -6.48 30.56 8.16
CA GLN H 30 -6.51 31.31 6.90
C GLN H 30 -6.36 32.80 7.25
N ARG H 31 -5.89 33.57 6.27
CA ARG H 31 -5.24 34.86 6.51
C ARG H 31 -4.08 34.52 7.45
N ASP H 32 -3.37 35.51 7.98
CA ASP H 32 -2.44 35.21 9.06
C ASP H 32 -2.96 35.69 10.42
N ARG H 33 -4.08 35.13 10.85
CA ARG H 33 -4.57 35.36 12.21
C ARG H 33 -4.86 34.01 12.91
N PRO H 34 -4.81 33.98 14.25
CA PRO H 34 -4.89 32.67 14.92
C PRO H 34 -6.19 31.96 14.72
N VAL H 35 -6.16 30.65 14.87
CA VAL H 35 -7.38 29.88 14.99
C VAL H 35 -8.11 30.24 16.28
N ALA H 36 -9.34 30.71 16.16
CA ALA H 36 -10.09 31.05 17.35
C ALA H 36 -10.72 29.77 17.90
N VAL H 37 -10.39 29.41 19.15
CA VAL H 37 -10.95 28.21 19.73
C VAL H 37 -11.91 28.52 20.87
N SER H 38 -13.17 28.14 20.73
CA SER H 38 -14.09 28.24 21.85
C SER H 38 -13.98 27.01 22.74
N VAL H 39 -14.14 27.23 24.04
CA VAL H 39 -13.97 26.17 25.02
C VAL H 39 -14.97 26.48 26.09
N SER H 40 -15.88 25.56 26.34
CA SER H 40 -16.88 25.78 27.37
C SER H 40 -17.03 24.49 28.15
N LEU H 41 -16.59 24.48 29.39
CA LEU H 41 -16.80 23.33 30.25
C LEU H 41 -18.18 23.39 30.93
N LYS H 42 -18.95 22.31 30.81
CA LYS H 42 -20.22 22.21 31.51
C LYS H 42 -20.18 20.99 32.42
N PHE H 43 -20.04 21.24 33.72
CA PHE H 43 -19.89 20.17 34.68
C PHE H 43 -21.12 19.30 34.86
N ILE H 44 -20.87 18.01 34.77
CA ILE H 44 -21.89 17.01 34.94
C ILE H 44 -21.96 16.48 36.36
N ASN H 45 -20.80 16.43 37.02
CA ASN H 45 -20.73 15.83 38.37
C ASN H 45 -19.44 16.13 39.11
N ILE H 46 -19.53 16.24 40.43
CA ILE H 46 -18.32 16.33 41.26
C ILE H 46 -18.23 15.13 42.18
N LEU H 47 -17.23 14.27 41.94
CA LEU H 47 -17.26 12.90 42.46
C LEU H 47 -16.46 12.76 43.75
N GLU H 48 -15.29 13.37 43.79
CA GLU H 48 -14.50 13.35 44.99
C GLU H 48 -13.93 14.73 45.25
N VAL H 49 -13.77 15.03 46.52
CA VAL H 49 -13.22 16.28 46.95
C VAL H 49 -12.36 15.95 48.16
N ASN H 50 -11.20 16.60 48.27
CA ASN H 50 -10.30 16.35 49.38
C ASN H 50 -9.70 17.65 49.85
N GLU H 51 -10.11 18.16 51.00
CA GLU H 51 -9.69 19.52 51.34
C GLU H 51 -8.30 19.54 51.95
N ILE H 52 -7.82 18.38 52.38
CA ILE H 52 -6.51 18.34 52.98
C ILE H 52 -5.44 18.19 51.90
N THR H 53 -5.65 17.29 50.95
CA THR H 53 -4.69 17.12 49.85
C THR H 53 -4.95 18.07 48.68
N ASN H 54 -6.01 18.88 48.81
CA ASN H 54 -6.41 19.83 47.78
C ASN H 54 -6.53 19.25 46.35
N GLU H 55 -7.35 18.21 46.20
CA GLU H 55 -7.63 17.68 44.87
C GLU H 55 -9.11 17.40 44.69
N VAL H 56 -9.59 17.60 43.46
CA VAL H 56 -10.96 17.23 43.08
C VAL H 56 -10.98 16.32 41.84
N ASP H 57 -11.89 15.36 41.86
CA ASP H 57 -12.13 14.47 40.73
C ASP H 57 -13.49 14.85 40.16
N VAL H 58 -13.53 15.32 38.91
CA VAL H 58 -14.80 15.77 38.34
C VAL H 58 -15.07 15.22 36.94
N VAL H 59 -16.33 15.34 36.52
CA VAL H 59 -16.77 14.95 35.18
C VAL H 59 -17.35 16.15 34.46
N PHE H 60 -16.84 16.45 33.27
CA PHE H 60 -17.39 17.57 32.51
C PHE H 60 -17.50 17.35 31.00
N TRP H 61 -18.43 18.08 30.40
CA TRP H 61 -18.56 18.15 28.96
C TRP H 61 -17.76 19.32 28.37
N GLN H 62 -16.64 19.04 27.71
CA GLN H 62 -15.81 20.10 27.12
C GLN H 62 -16.36 20.55 25.76
N GLN H 63 -17.24 21.54 25.80
CA GLN H 63 -17.76 22.14 24.59
C GLN H 63 -16.70 22.95 23.87
N THR H 64 -16.33 22.45 22.69
CA THR H 64 -15.23 23.02 21.94
C THR H 64 -15.63 23.28 20.53
N THR H 65 -15.37 24.48 20.04
CA THR H 65 -15.62 24.74 18.63
C THR H 65 -14.55 25.59 18.00
N TRP H 66 -14.40 25.39 16.71
CA TRP H 66 -13.49 26.19 15.93
C TRP H 66 -13.95 26.05 14.51
N SER H 67 -13.45 26.88 13.61
CA SER H 67 -13.84 26.69 12.23
C SER H 67 -12.64 26.23 11.39
N ASP H 68 -12.92 25.48 10.33
CA ASP H 68 -11.94 25.18 9.29
C ASP H 68 -12.72 25.32 8.00
N ARG H 69 -12.54 26.45 7.33
CA ARG H 69 -13.36 26.87 6.19
C ARG H 69 -13.04 26.10 4.92
N THR H 70 -11.86 25.48 4.88
CA THR H 70 -11.48 24.66 3.74
C THR H 70 -12.31 23.39 3.75
N LEU H 71 -12.97 23.12 4.87
CA LEU H 71 -13.80 21.94 5.02
C LEU H 71 -15.22 22.15 4.48
N ALA H 72 -15.51 23.36 4.00
CA ALA H 72 -16.89 23.73 3.67
C ALA H 72 -17.45 23.15 2.36
N TRP H 73 -18.78 22.99 2.34
CA TRP H 73 -19.49 22.59 1.14
C TRP H 73 -20.79 23.36 1.01
N ASN H 74 -21.30 23.43 -0.22
CA ASN H 74 -22.63 23.99 -0.52
C ASN H 74 -23.70 22.99 -0.08
N SER H 75 -24.56 23.40 0.85
CA SER H 75 -25.48 22.48 1.53
C SER H 75 -26.97 22.61 1.11
N SER H 76 -27.20 23.19 -0.07
CA SER H 76 -28.56 23.35 -0.59
C SER H 76 -29.35 22.03 -0.59
N HIS H 77 -28.80 21.01 -1.23
CA HIS H 77 -29.44 19.71 -1.33
C HIS H 77 -28.42 18.65 -1.02
N SER H 78 -27.92 18.76 0.20
CA SER H 78 -27.02 17.80 0.80
C SER H 78 -27.08 18.16 2.28
N PRO H 79 -26.77 17.21 3.16
CA PRO H 79 -26.88 17.47 4.61
C PRO H 79 -26.12 18.71 5.07
N ASP H 80 -26.57 19.30 6.18
CA ASP H 80 -25.94 20.50 6.76
C ASP H 80 -24.72 20.16 7.62
N GLN H 81 -24.74 19.03 8.30
CA GLN H 81 -23.61 18.55 9.08
C GLN H 81 -23.48 17.04 8.98
N VAL H 82 -22.35 16.54 9.46
CA VAL H 82 -22.08 15.12 9.50
C VAL H 82 -21.22 14.83 10.74
N SER H 83 -21.23 13.58 11.20
CA SER H 83 -20.32 13.16 12.25
C SER H 83 -19.04 12.64 11.62
N VAL H 84 -17.92 13.04 12.21
CA VAL H 84 -16.59 12.69 11.69
C VAL H 84 -15.73 12.26 12.84
N PRO H 85 -15.11 11.06 12.73
CA PRO H 85 -14.14 10.63 13.75
C PRO H 85 -13.03 11.66 13.85
N ILE H 86 -12.67 12.05 15.07
CA ILE H 86 -11.81 13.22 15.23
C ILE H 86 -10.44 13.04 14.66
N SER H 87 -9.99 11.81 14.50
CA SER H 87 -8.70 11.53 13.90
C SER H 87 -8.64 11.82 12.41
N SER H 88 -9.77 12.13 11.78
CA SER H 88 -9.74 12.58 10.39
C SER H 88 -9.70 14.10 10.33
N LEU H 89 -9.50 14.72 11.48
CA LEU H 89 -9.56 16.18 11.58
C LEU H 89 -8.44 16.73 12.43
N TRP H 90 -8.16 18.01 12.23
CA TRP H 90 -7.37 18.75 13.17
C TRP H 90 -8.21 19.06 14.42
N VAL H 91 -7.63 18.86 15.59
CA VAL H 91 -8.27 19.22 16.85
C VAL H 91 -7.30 20.10 17.63
N PRO H 92 -7.80 21.06 18.40
CA PRO H 92 -6.84 21.83 19.21
C PRO H 92 -6.13 20.94 20.26
N ASP H 93 -4.85 21.20 20.51
CA ASP H 93 -4.08 20.40 21.50
C ASP H 93 -4.27 20.94 22.94
N LEU H 94 -5.52 20.97 23.38
CA LEU H 94 -5.86 21.52 24.68
C LEU H 94 -5.32 20.66 25.83
N ALA H 95 -4.83 21.34 26.87
CA ALA H 95 -4.38 20.63 28.07
C ALA H 95 -4.76 21.38 29.35
N ALA H 96 -5.13 20.62 30.37
CA ALA H 96 -5.33 21.19 31.70
C ALA H 96 -4.02 21.24 32.48
N TYR H 97 -3.50 22.44 32.68
CA TYR H 97 -2.20 22.66 33.34
C TYR H 97 -2.16 22.12 34.77
N ASN H 98 -3.22 22.30 35.54
CA ASN H 98 -3.16 21.83 36.91
C ASN H 98 -3.79 20.42 37.05
N ALA H 99 -3.88 19.71 35.92
CA ALA H 99 -4.39 18.35 35.88
C ALA H 99 -3.38 17.41 36.49
N ILE H 100 -3.84 16.40 37.21
CA ILE H 100 -2.91 15.46 37.83
C ILE H 100 -3.19 14.04 37.40
N SER H 101 -4.20 13.85 36.56
CA SER H 101 -4.44 12.54 35.95
C SER H 101 -4.70 12.73 34.47
N LYS H 102 -4.49 11.68 33.67
CA LYS H 102 -4.83 11.75 32.24
C LYS H 102 -6.33 11.98 32.10
N PRO H 103 -6.73 12.80 31.11
CA PRO H 103 -8.16 13.01 30.84
C PRO H 103 -8.82 11.77 30.21
N GLU H 104 -9.64 11.04 30.97
CA GLU H 104 -10.33 9.86 30.45
C GLU H 104 -11.60 10.23 29.69
N VAL H 105 -11.59 10.05 28.38
CA VAL H 105 -12.75 10.38 27.58
C VAL H 105 -13.77 9.24 27.67
N LEU H 106 -15.00 9.60 27.99
CA LEU H 106 -16.01 8.59 28.28
C LEU H 106 -16.99 8.46 27.13
N THR H 107 -16.79 9.29 26.10
CA THR H 107 -17.74 9.29 24.99
C THR H 107 -17.06 8.97 23.67
N PRO H 108 -17.86 8.56 22.66
CA PRO H 108 -17.35 8.34 21.29
C PRO H 108 -16.57 9.54 20.82
N GLN H 109 -15.40 9.31 20.23
CA GLN H 109 -14.58 10.42 19.79
C GLN H 109 -14.94 10.85 18.36
N LEU H 110 -16.12 11.45 18.23
CA LEU H 110 -16.58 11.95 16.96
C LEU H 110 -16.84 13.42 17.12
N ALA H 111 -16.71 14.14 16.01
CA ALA H 111 -17.01 15.56 15.99
C ALA H 111 -18.11 15.79 14.96
N ARG H 112 -18.69 17.00 14.98
CA ARG H 112 -19.58 17.37 13.90
C ARG H 112 -18.92 18.45 13.06
N VAL H 113 -18.84 18.20 11.77
CA VAL H 113 -18.45 19.25 10.84
C VAL H 113 -19.70 19.91 10.24
N VAL H 114 -19.87 21.19 10.50
CA VAL H 114 -20.97 21.93 9.86
C VAL H 114 -20.54 22.40 8.45
N SER H 115 -21.52 22.71 7.59
CA SER H 115 -21.24 22.91 6.17
C SER H 115 -20.49 24.23 5.90
N ASP H 116 -20.61 25.18 6.82
CA ASP H 116 -19.80 26.39 6.76
C ASP H 116 -18.37 26.16 7.27
N GLY H 117 -18.09 24.95 7.74
CA GLY H 117 -16.75 24.59 8.14
C GLY H 117 -16.55 24.72 9.63
N GLU H 118 -17.63 24.61 10.38
CA GLU H 118 -17.50 24.66 11.82
C GLU H 118 -17.30 23.26 12.32
N VAL H 119 -16.39 23.12 13.27
CA VAL H 119 -16.27 21.86 13.95
C VAL H 119 -16.82 22.00 15.39
N LEU H 120 -17.72 21.09 15.71
CA LEU H 120 -18.32 20.99 16.99
C LEU H 120 -17.83 19.72 17.66
N TYR H 121 -17.08 19.85 18.75
CA TYR H 121 -16.54 18.69 19.43
C TYR H 121 -16.73 18.83 20.94
N MET H 122 -17.23 17.79 21.58
CA MET H 122 -17.66 17.86 22.99
C MET H 122 -17.48 16.52 23.65
N PRO H 123 -16.26 16.26 24.13
CA PRO H 123 -16.02 15.00 24.84
C PRO H 123 -16.46 15.11 26.27
N SER H 124 -17.01 14.03 26.80
CA SER H 124 -17.19 13.93 28.23
C SER H 124 -15.85 13.45 28.80
N ILE H 125 -15.34 14.18 29.78
CA ILE H 125 -14.05 13.91 30.38
C ILE H 125 -14.09 13.76 31.91
N ARG H 126 -13.54 12.67 32.43
CA ARG H 126 -13.29 12.57 33.86
C ARG H 126 -11.80 12.80 34.15
N GLN H 127 -11.52 13.77 35.00
CA GLN H 127 -10.15 14.12 35.31
C GLN H 127 -9.97 14.57 36.78
N ARG H 128 -8.77 14.36 37.33
CA ARG H 128 -8.42 14.83 38.68
C ARG H 128 -7.53 16.07 38.63
N PHE H 129 -7.88 17.06 39.43
CA PHE H 129 -7.15 18.32 39.43
C PHE H 129 -6.65 18.67 40.79
N SER H 130 -5.55 19.40 40.81
CA SER H 130 -5.07 20.04 42.01
C SER H 130 -5.66 21.44 42.01
N CYS H 131 -6.49 21.74 43.00
CA CYS H 131 -6.98 23.11 43.14
C CYS H 131 -7.43 23.45 44.55
N ASP H 132 -7.95 24.66 44.70
CA ASP H 132 -8.41 25.17 45.99
C ASP H 132 -9.72 24.53 46.40
N VAL H 133 -9.63 23.66 47.39
CA VAL H 133 -10.80 23.00 47.96
C VAL H 133 -11.31 23.74 49.21
N SER H 134 -10.59 24.78 49.62
CA SER H 134 -10.89 25.53 50.83
C SER H 134 -12.39 25.84 50.97
N GLY H 135 -12.97 25.41 52.09
CA GLY H 135 -14.35 25.70 52.38
C GLY H 135 -15.40 24.95 51.58
N VAL H 136 -15.17 23.68 51.30
CA VAL H 136 -16.18 22.89 50.62
C VAL H 136 -17.40 22.71 51.56
N ASP H 137 -17.20 23.02 52.84
CA ASP H 137 -18.24 22.79 53.85
C ASP H 137 -18.91 24.05 54.37
N THR H 138 -18.35 25.22 54.08
CA THR H 138 -19.12 26.44 54.20
C THR H 138 -20.13 26.52 53.05
N GLU H 139 -20.64 27.71 52.77
CA GLU H 139 -21.35 27.92 51.52
C GLU H 139 -21.11 29.31 50.87
N SER H 140 -20.06 29.98 51.30
CA SER H 140 -19.30 30.80 50.37
C SER H 140 -18.72 29.76 49.39
N GLY H 141 -18.38 28.61 49.96
CA GLY H 141 -18.15 27.38 49.23
C GLY H 141 -16.67 27.19 48.99
N ALA H 142 -16.37 26.29 48.06
CA ALA H 142 -15.00 26.08 47.60
C ALA H 142 -14.93 26.59 46.18
N THR H 143 -13.82 27.23 45.79
CA THR H 143 -13.70 27.66 44.40
C THR H 143 -12.50 27.00 43.73
N CYS H 144 -12.79 26.11 42.79
CA CYS H 144 -11.75 25.32 42.16
C CYS H 144 -11.47 25.80 40.74
N ARG H 145 -10.30 26.42 40.52
CA ARG H 145 -9.96 26.95 39.20
C ARG H 145 -9.23 25.93 38.33
N ILE H 146 -9.71 25.77 37.10
CA ILE H 146 -9.05 24.89 36.14
C ILE H 146 -8.50 25.73 35.01
N LYS H 147 -7.26 25.46 34.61
CA LYS H 147 -6.68 26.25 33.56
C LYS H 147 -6.54 25.38 32.31
N ILE H 148 -7.03 25.87 31.18
CA ILE H 148 -7.01 25.09 29.96
C ILE H 148 -6.52 25.90 28.79
N GLY H 149 -5.53 25.38 28.07
CA GLY H 149 -5.15 25.97 26.80
C GLY H 149 -4.30 25.06 25.94
N SER H 150 -3.87 25.64 24.83
CA SER H 150 -3.03 24.97 23.86
C SER H 150 -1.71 24.61 24.50
N TRP H 151 -1.24 23.39 24.23
CA TRP H 151 -0.05 22.93 24.92
C TRP H 151 1.19 23.37 24.18
N THR H 152 1.08 23.65 22.89
CA THR H 152 2.27 23.98 22.08
C THR H 152 2.08 25.16 21.15
N HIS H 153 0.89 25.74 21.13
CA HIS H 153 0.63 26.86 20.20
C HIS H 153 0.45 28.16 20.95
N HIS H 154 1.25 29.14 20.60
CA HIS H 154 1.17 30.42 21.26
C HIS H 154 0.03 31.26 20.66
N SER H 155 -0.28 32.38 21.29
CA SER H 155 -1.47 33.18 20.98
C SER H 155 -1.60 33.64 19.53
N ARG H 156 -0.47 33.73 18.82
CA ARG H 156 -0.50 34.08 17.40
C ARG H 156 -1.10 32.96 16.56
N GLU H 157 -0.98 31.75 17.10
CA GLU H 157 -1.39 30.55 16.42
C GLU H 157 -2.74 30.08 16.91
N ILE H 158 -2.97 30.11 18.22
CA ILE H 158 -4.27 29.72 18.73
C ILE H 158 -4.75 30.73 19.75
N SER H 159 -5.92 31.32 19.51
CA SER H 159 -6.55 32.13 20.54
C SER H 159 -7.66 31.31 21.18
N VAL H 160 -7.99 31.62 22.44
CA VAL H 160 -9.00 30.83 23.15
C VAL H 160 -10.22 31.62 23.63
N ASP H 161 -11.29 31.57 22.85
CA ASP H 161 -12.57 32.24 23.18
C ASP H 161 -13.30 31.58 24.38
N PRO H 162 -13.38 32.29 25.53
CA PRO H 162 -14.03 31.78 26.74
C PRO H 162 -15.53 32.01 26.85
N THR H 163 -16.15 32.68 25.88
CA THR H 163 -17.58 33.04 25.96
C THR H 163 -18.42 31.90 26.51
N THR H 164 -19.19 32.20 27.55
CA THR H 164 -19.93 31.16 28.24
C THR H 164 -21.28 31.63 28.75
N GLU H 165 -21.90 30.76 29.53
CA GLU H 165 -23.22 30.96 30.09
C GLU H 165 -23.40 29.91 31.18
N ASN H 166 -24.13 30.22 32.23
CA ASN H 166 -24.33 29.19 33.25
C ASN H 166 -25.77 29.12 33.75
N SER H 167 -26.67 29.86 33.10
CA SER H 167 -28.08 29.79 33.46
C SER H 167 -28.58 28.36 33.31
N ASP H 168 -28.00 27.63 32.35
CA ASP H 168 -28.45 26.28 32.06
C ASP H 168 -27.59 25.21 32.72
N ASP H 169 -26.78 25.62 33.69
CA ASP H 169 -26.00 24.70 34.51
C ASP H 169 -26.76 23.42 34.89
N SER H 170 -27.97 23.60 35.40
CA SER H 170 -28.73 22.48 35.92
C SER H 170 -29.23 21.56 34.82
N GLU H 171 -29.13 22.00 33.57
CA GLU H 171 -29.46 21.10 32.45
C GLU H 171 -28.41 19.99 32.32
N TYR H 172 -27.25 20.22 32.91
CA TYR H 172 -26.09 19.37 32.74
C TYR H 172 -25.73 18.73 34.05
N PHE H 173 -25.82 19.47 35.13
CA PHE H 173 -25.31 18.95 36.39
C PHE H 173 -26.24 17.87 36.91
N SER H 174 -25.70 16.96 37.72
CA SER H 174 -26.47 15.82 38.21
C SER H 174 -27.17 16.17 39.52
N GLN H 175 -28.45 15.83 39.61
CA GLN H 175 -29.19 16.07 40.84
C GLN H 175 -28.72 15.13 41.96
N TYR H 176 -28.03 14.07 41.60
CA TYR H 176 -27.67 13.05 42.57
C TYR H 176 -26.24 13.20 43.11
N SER H 177 -25.64 14.36 42.84
CA SER H 177 -24.29 14.66 43.29
C SER H 177 -24.33 15.07 44.74
N ARG H 178 -23.37 14.59 45.52
CA ARG H 178 -23.21 15.04 46.91
C ARG H 178 -22.96 16.53 47.00
N PHE H 179 -22.58 17.13 45.89
CA PHE H 179 -22.24 18.52 45.88
C PHE H 179 -23.25 19.25 45.05
N GLU H 180 -23.26 20.58 45.16
CA GLU H 180 -24.09 21.39 44.29
C GLU H 180 -23.30 22.60 43.87
N ILE H 181 -23.55 23.05 42.65
CA ILE H 181 -22.76 24.09 42.03
C ILE H 181 -23.36 25.42 42.40
N LEU H 182 -22.51 26.42 42.56
CA LEU H 182 -22.97 27.78 42.84
C LEU H 182 -22.81 28.63 41.61
N ASP H 183 -21.67 28.46 40.93
CA ASP H 183 -21.33 29.31 39.81
C ASP H 183 -20.14 28.74 39.04
N VAL H 184 -20.01 29.12 37.77
CA VAL H 184 -18.85 28.77 36.95
C VAL H 184 -18.42 29.95 36.06
N THR H 185 -17.36 30.62 36.46
CA THR H 185 -16.87 31.76 35.74
C THR H 185 -15.76 31.33 34.80
N GLN H 186 -15.77 31.88 33.60
CA GLN H 186 -14.70 31.60 32.66
C GLN H 186 -14.13 32.93 32.20
N LYS H 187 -12.81 32.99 32.04
CA LYS H 187 -12.12 34.22 31.72
C LYS H 187 -10.83 33.95 30.94
N LYS H 188 -10.59 34.72 29.88
CA LYS H 188 -9.35 34.62 29.14
C LYS H 188 -8.18 34.98 30.06
N ASN H 189 -6.94 34.69 29.64
CA ASN H 189 -5.78 34.95 30.48
C ASN H 189 -4.47 34.67 29.77
N SER H 190 -3.86 35.68 29.16
CA SER H 190 -2.64 35.45 28.38
C SER H 190 -1.43 35.34 29.28
N VAL H 191 -0.60 34.33 29.04
CA VAL H 191 0.52 34.03 29.91
C VAL H 191 1.86 33.99 29.17
N THR H 192 2.83 34.76 29.67
CA THR H 192 4.20 34.71 29.15
C THR H 192 5.06 33.68 29.89
N TYR H 193 6.11 33.20 29.23
CA TYR H 193 6.98 32.18 29.81
C TYR H 193 8.45 32.46 29.57
N SER H 194 9.22 32.46 30.66
CA SER H 194 10.68 32.70 30.65
C SER H 194 11.33 31.97 29.49
N CYS H 195 11.00 30.69 29.37
CA CYS H 195 11.22 29.93 28.15
C CYS H 195 11.23 30.74 26.84
N CYS H 196 10.14 31.47 26.58
CA CYS H 196 9.80 31.83 25.20
C CYS H 196 9.39 33.27 24.91
N PRO H 197 9.73 33.72 23.71
CA PRO H 197 8.99 34.82 23.09
C PRO H 197 7.58 34.30 22.78
N GLU H 198 6.60 35.20 22.72
CA GLU H 198 5.20 34.88 22.46
C GLU H 198 4.52 34.30 23.69
N ALA H 199 3.45 34.95 24.12
CA ALA H 199 2.62 34.45 25.21
C ALA H 199 1.54 33.45 24.74
N TYR H 200 1.04 32.66 25.69
CA TYR H 200 0.10 31.57 25.37
C TYR H 200 -1.24 31.82 26.05
N GLU H 201 -2.32 31.66 25.29
CA GLU H 201 -3.64 31.92 25.85
C GLU H 201 -4.27 30.68 26.44
N ASP H 202 -4.93 30.87 27.56
CA ASP H 202 -5.70 29.82 28.18
C ASP H 202 -7.04 30.39 28.66
N VAL H 203 -7.79 29.56 29.36
CA VAL H 203 -9.01 30.00 29.98
C VAL H 203 -9.03 29.48 31.40
N GLU H 204 -9.26 30.35 32.36
CA GLU H 204 -9.42 29.83 33.69
C GLU H 204 -10.89 29.67 33.86
N VAL H 205 -11.26 28.46 34.30
CA VAL H 205 -12.63 28.08 34.61
C VAL H 205 -12.76 28.01 36.11
N SER H 206 -13.65 28.81 36.68
CA SER H 206 -13.77 28.84 38.15
C SER H 206 -14.95 28.04 38.70
N LEU H 207 -14.68 26.89 39.29
CA LEU H 207 -15.76 26.05 39.81
C LEU H 207 -16.03 26.37 41.27
N ASN H 208 -17.12 27.09 41.50
CA ASN H 208 -17.57 27.43 42.84
C ASN H 208 -18.69 26.49 43.31
N PHE H 209 -18.46 25.75 44.37
CA PHE H 209 -19.38 24.70 44.78
C PHE H 209 -19.25 24.36 46.27
N ARG H 210 -20.01 23.35 46.70
CA ARG H 210 -20.18 23.06 48.11
C ARG H 210 -21.01 21.82 48.28
N LYS H 211 -20.89 21.19 49.44
CA LYS H 211 -21.75 20.06 49.77
C LYS H 211 -23.17 20.56 50.03
N LYS H 212 -24.15 19.68 49.98
CA LYS H 212 -25.50 20.13 50.19
C LYS H 212 -25.89 20.06 51.67
N ASP I 5 3.74 33.36 9.68
CA ASP I 5 3.63 32.27 10.64
C ASP I 5 2.24 31.59 10.55
N ASP I 6 1.30 32.22 9.84
CA ASP I 6 0.01 31.56 9.63
C ASP I 6 -0.34 31.30 8.16
N ASP I 7 0.67 31.12 7.30
CA ASP I 7 0.34 30.58 5.99
C ASP I 7 0.20 29.07 6.20
N LYS I 8 -1.04 28.60 6.20
CA LYS I 8 -1.36 27.19 6.39
C LYS I 8 -0.59 26.35 5.39
N LEU I 9 -0.58 26.78 4.13
CA LEU I 9 0.18 26.06 3.09
C LEU I 9 1.65 25.91 3.50
N ASP I 10 2.26 27.01 3.91
CA ASP I 10 3.65 27.01 4.40
C ASP I 10 3.86 26.01 5.53
N ARG I 11 2.88 25.90 6.43
CA ARG I 11 2.99 24.99 7.56
C ARG I 11 2.90 23.54 7.07
N ALA I 12 1.94 23.25 6.20
CA ALA I 12 1.85 21.93 5.59
C ALA I 12 3.14 21.52 4.90
N ASP I 13 3.75 22.44 4.16
CA ASP I 13 4.96 22.09 3.43
C ASP I 13 6.13 21.87 4.41
N ILE I 14 6.22 22.70 5.44
CA ILE I 14 7.30 22.49 6.41
C ILE I 14 7.14 21.07 6.99
N LEU I 15 5.89 20.70 7.25
CA LEU I 15 5.57 19.40 7.82
C LEU I 15 5.84 18.27 6.85
N TYR I 16 5.52 18.50 5.58
CA TYR I 16 5.88 17.58 4.51
C TYR I 16 7.40 17.43 4.45
N ASN I 17 8.12 18.56 4.38
CA ASN I 17 9.58 18.56 4.41
C ASN I 17 10.15 17.81 5.60
N ILE I 18 9.53 17.99 6.76
CA ILE I 18 10.01 17.34 7.97
C ILE I 18 9.87 15.81 7.86
N ARG I 19 8.71 15.35 7.40
CA ARG I 19 8.50 13.91 7.24
C ARG I 19 9.44 13.26 6.22
N GLN I 20 9.78 13.98 5.15
CA GLN I 20 10.73 13.49 4.15
C GLN I 20 12.13 13.19 4.72
N THR I 21 12.60 14.06 5.61
CA THR I 21 13.98 14.03 6.06
C THR I 21 14.12 13.32 7.41
N SER I 22 13.08 13.41 8.24
CA SER I 22 13.12 12.83 9.57
C SER I 22 13.31 11.34 9.54
N ARG I 23 14.12 10.87 10.48
CA ARG I 23 14.31 9.45 10.72
C ARG I 23 13.99 9.17 12.18
N PRO I 24 12.74 8.78 12.46
CA PRO I 24 12.23 8.67 13.83
C PRO I 24 12.97 7.66 14.70
N ASP I 25 13.71 6.74 14.06
CA ASP I 25 14.38 5.63 14.75
C ASP I 25 15.88 5.66 14.56
N VAL I 26 16.42 6.81 14.18
CA VAL I 26 17.86 6.97 14.01
C VAL I 26 18.36 8.22 14.73
N ILE I 27 19.41 8.07 15.55
CA ILE I 27 19.92 9.22 16.28
C ILE I 27 20.47 10.27 15.32
N PRO I 28 20.06 11.51 15.52
CA PRO I 28 20.45 12.61 14.66
C PRO I 28 21.86 13.13 14.95
N THR I 29 22.85 12.24 14.89
CA THR I 29 24.23 12.63 14.98
C THR I 29 24.82 13.01 13.62
N GLN I 30 24.35 14.13 13.05
CA GLN I 30 25.11 15.10 12.23
C GLN I 30 26.65 14.90 12.31
N ARG I 31 27.40 15.99 12.35
CA ARG I 31 28.34 16.11 13.45
C ARG I 31 29.50 15.12 13.61
N ASP I 32 29.20 13.83 13.60
CA ASP I 32 30.01 12.81 14.29
C ASP I 32 30.44 13.23 15.73
N ARG I 33 29.48 13.54 16.61
CA ARG I 33 29.72 13.47 18.06
C ARG I 33 28.54 12.67 18.70
N PRO I 34 28.33 12.76 20.04
CA PRO I 34 27.09 12.28 20.70
C PRO I 34 25.92 13.26 20.83
N VAL I 35 24.74 13.01 20.28
CA VAL I 35 23.68 14.02 20.27
C VAL I 35 23.49 14.70 21.64
N ALA I 36 23.45 16.03 21.67
CA ALA I 36 23.35 16.71 22.95
C ALA I 36 21.90 16.90 23.35
N VAL I 37 21.49 16.25 24.43
CA VAL I 37 20.13 16.36 24.90
C VAL I 37 20.08 17.15 26.18
N SER I 38 19.40 18.29 26.14
CA SER I 38 19.17 19.05 27.37
C SER I 38 17.87 18.62 28.01
N VAL I 39 17.93 18.30 29.30
CA VAL I 39 16.79 17.85 30.07
C VAL I 39 16.68 18.68 31.33
N SER I 40 15.45 19.03 31.71
CA SER I 40 15.24 20.06 32.70
C SER I 40 13.85 19.92 33.27
N LEU I 41 13.75 19.56 34.55
CA LEU I 41 12.47 19.31 35.17
C LEU I 41 11.94 20.52 35.94
N LYS I 42 10.75 20.97 35.59
CA LYS I 42 10.07 21.94 36.41
C LYS I 42 8.92 21.23 37.11
N PHE I 43 9.12 20.88 38.38
CA PHE I 43 8.08 20.22 39.17
C PHE I 43 6.81 21.04 39.26
N ILE I 44 5.69 20.32 39.34
CA ILE I 44 4.38 20.94 39.29
C ILE I 44 3.58 20.62 40.51
N ASN I 45 3.81 19.44 41.08
CA ASN I 45 3.07 19.02 42.25
C ASN I 45 3.71 17.83 42.92
N ILE I 46 3.43 17.66 44.20
CA ILE I 46 3.83 16.47 44.92
C ILE I 46 2.62 15.99 45.67
N LEU I 47 2.12 14.81 45.33
CA LEU I 47 0.76 14.47 45.75
C LEU I 47 0.74 13.45 46.88
N GLU I 48 1.44 12.34 46.66
CA GLU I 48 1.46 11.27 47.61
C GLU I 48 2.89 10.98 48.00
N VAL I 49 3.24 11.24 49.25
CA VAL I 49 4.52 10.77 49.74
C VAL I 49 4.23 9.78 50.83
N ASN I 50 5.04 8.72 50.86
CA ASN I 50 4.83 7.63 51.79
C ASN I 50 6.14 7.31 52.47
N GLU I 51 6.34 7.89 53.66
CA GLU I 51 7.60 7.77 54.38
C GLU I 51 7.89 6.33 54.77
N ILE I 52 6.83 5.56 54.99
CA ILE I 52 7.01 4.14 55.27
C ILE I 52 7.71 3.46 54.10
N THR I 53 7.12 3.51 52.90
CA THR I 53 7.68 2.83 51.73
C THR I 53 8.85 3.58 51.10
N ASN I 54 9.00 4.85 51.46
CA ASN I 54 10.04 5.71 50.91
C ASN I 54 9.77 6.01 49.44
N GLU I 55 8.53 6.35 49.14
CA GLU I 55 8.11 6.58 47.77
C GLU I 55 7.37 7.89 47.62
N VAL I 56 7.58 8.54 46.48
CA VAL I 56 6.86 9.78 46.23
C VAL I 56 6.17 9.70 44.89
N ASP I 57 5.10 10.48 44.79
CA ASP I 57 4.33 10.61 43.58
C ASP I 57 4.40 12.05 43.11
N VAL I 58 5.09 12.29 41.99
CA VAL I 58 5.23 13.68 41.52
C VAL I 58 4.65 13.95 40.12
N VAL I 59 4.44 15.23 39.83
CA VAL I 59 4.07 15.68 38.50
C VAL I 59 5.06 16.72 38.04
N PHE I 60 5.64 16.54 36.86
CA PHE I 60 6.65 17.51 36.40
C PHE I 60 6.68 17.68 34.88
N TRP I 61 7.11 18.87 34.46
CA TRP I 61 7.27 19.09 33.04
C TRP I 61 8.70 18.77 32.69
N GLN I 62 8.86 17.81 31.79
CA GLN I 62 10.19 17.45 31.33
C GLN I 62 10.56 18.33 30.16
N GLN I 63 11.21 19.44 30.38
CA GLN I 63 11.43 20.28 29.23
C GLN I 63 12.64 19.62 28.59
N THR I 64 12.56 19.24 27.31
CA THR I 64 13.60 18.42 26.66
C THR I 64 14.01 19.07 25.34
N THR I 65 15.30 19.14 25.03
CA THR I 65 15.76 19.88 23.85
C THR I 65 16.98 19.27 23.18
N TRP I 66 16.92 19.16 21.86
CA TRP I 66 18.05 18.68 21.12
C TRP I 66 17.98 19.28 19.75
N SER I 67 18.83 18.84 18.87
CA SER I 67 18.90 19.48 17.58
C SER I 67 19.12 18.49 16.43
N ASP I 68 18.48 18.77 15.30
CA ASP I 68 18.67 18.00 14.09
C ASP I 68 18.73 19.01 12.94
N ARG I 69 19.93 19.33 12.49
CA ARG I 69 20.12 20.36 11.50
C ARG I 69 19.44 20.00 10.16
N THR I 70 19.30 18.71 9.89
CA THR I 70 18.64 18.27 8.66
C THR I 70 17.15 18.69 8.58
N LEU I 71 16.54 19.01 9.72
CA LEU I 71 15.15 19.47 9.74
C LEU I 71 15.00 20.98 9.51
N ALA I 72 16.12 21.67 9.34
CA ALA I 72 16.15 23.13 9.25
C ALA I 72 15.66 23.67 7.90
N TRP I 73 14.92 24.75 7.96
CA TRP I 73 14.50 25.43 6.76
C TRP I 73 14.75 26.94 6.91
N ASN I 74 14.76 27.64 5.78
CA ASN I 74 14.75 29.10 5.70
C ASN I 74 13.47 29.74 6.17
N SER I 75 13.45 30.33 7.36
CA SER I 75 12.20 30.94 7.85
C SER I 75 12.14 32.45 7.63
N SER I 76 12.77 32.91 6.56
CA SER I 76 12.72 34.32 6.16
C SER I 76 11.28 34.78 5.94
N HIS I 77 10.53 33.96 5.19
CA HIS I 77 9.15 34.27 4.82
C HIS I 77 8.21 33.11 5.13
N SER I 78 8.69 32.19 5.96
CA SER I 78 7.89 31.05 6.34
C SER I 78 7.99 30.95 7.86
N PRO I 79 7.03 30.25 8.51
CA PRO I 79 6.96 30.22 9.98
C PRO I 79 8.26 29.84 10.67
N ASP I 80 8.47 30.32 11.90
CA ASP I 80 9.70 30.08 12.66
C ASP I 80 9.75 28.69 13.22
N GLN I 81 8.57 28.18 13.56
CA GLN I 81 8.38 26.92 14.27
C GLN I 81 7.12 26.23 13.81
N VAL I 82 7.00 24.93 14.08
CA VAL I 82 5.72 24.24 13.95
C VAL I 82 5.62 23.17 15.01
N SER I 83 4.37 22.93 15.44
CA SER I 83 4.02 21.76 16.22
C SER I 83 4.11 20.52 15.32
N VAL I 84 4.65 19.44 15.86
CA VAL I 84 4.78 18.20 15.09
C VAL I 84 4.50 17.04 16.03
N PRO I 85 3.73 16.04 15.58
CA PRO I 85 3.59 14.78 16.32
C PRO I 85 4.96 14.15 16.53
N ILE I 86 5.20 13.60 17.71
CA ILE I 86 6.53 13.07 17.99
C ILE I 86 6.74 11.75 17.26
N SER I 87 5.66 11.08 16.88
CA SER I 87 5.78 9.87 16.07
C SER I 87 6.52 10.16 14.78
N SER I 88 6.59 11.42 14.39
CA SER I 88 7.24 11.77 13.14
C SER I 88 8.70 12.14 13.39
N LEU I 89 9.06 12.36 14.66
CA LEU I 89 10.42 12.78 14.98
C LEU I 89 11.18 11.76 15.78
N TRP I 90 12.51 11.71 15.58
CA TRP I 90 13.35 11.04 16.56
C TRP I 90 13.20 11.73 17.91
N VAL I 91 13.24 10.95 18.97
CA VAL I 91 13.08 11.43 20.33
C VAL I 91 14.02 10.60 21.20
N PRO I 92 14.71 11.26 22.14
CA PRO I 92 15.59 10.55 23.07
C PRO I 92 14.87 9.51 23.89
N ASP I 93 15.44 8.32 23.96
CA ASP I 93 14.85 7.25 24.76
C ASP I 93 15.15 7.46 26.24
N LEU I 94 14.69 8.60 26.77
CA LEU I 94 14.90 8.93 28.19
C LEU I 94 14.06 8.05 29.11
N ALA I 95 14.66 7.70 30.24
CA ALA I 95 13.99 6.87 31.23
C ALA I 95 14.47 7.25 32.63
N ALA I 96 13.53 7.49 33.55
CA ALA I 96 13.89 7.73 34.94
C ALA I 96 14.36 6.44 35.55
N TYR I 97 15.66 6.32 35.80
CA TYR I 97 16.25 5.05 36.20
C TYR I 97 15.71 4.51 37.52
N ASN I 98 15.20 5.38 38.40
CA ASN I 98 14.61 4.86 39.63
C ASN I 98 13.11 5.10 39.73
N ALA I 99 12.43 5.11 38.59
CA ALA I 99 10.98 5.20 38.58
C ALA I 99 10.39 3.82 38.89
N ILE I 100 9.25 3.80 39.57
CA ILE I 100 8.66 2.51 39.90
C ILE I 100 7.28 2.33 39.27
N SER I 101 6.84 3.35 38.55
CA SER I 101 5.63 3.28 37.76
C SER I 101 5.96 3.70 36.31
N LYS I 102 5.11 3.38 35.34
CA LYS I 102 5.38 3.92 33.99
C LYS I 102 5.20 5.43 33.99
N PRO I 103 5.97 6.16 33.19
CA PRO I 103 5.63 7.59 33.12
C PRO I 103 4.22 7.78 32.50
N GLU I 104 3.34 8.48 33.21
CA GLU I 104 2.01 8.81 32.71
C GLU I 104 1.99 10.20 32.06
N VAL I 105 1.96 10.26 30.73
CA VAL I 105 2.01 11.54 30.01
C VAL I 105 0.66 12.25 30.01
N LEU I 106 0.60 13.47 30.53
CA LEU I 106 -0.72 14.10 30.71
C LEU I 106 -1.08 15.09 29.62
N THR I 107 -0.24 15.15 28.59
CA THR I 107 -0.37 16.21 27.60
C THR I 107 -0.33 15.68 26.17
N PRO I 108 -0.77 16.50 25.20
CA PRO I 108 -0.64 16.05 23.81
C PRO I 108 0.81 15.79 23.46
N GLN I 109 1.07 14.64 22.88
CA GLN I 109 2.41 14.26 22.51
C GLN I 109 2.92 14.97 21.24
N LEU I 110 3.00 16.29 21.31
CA LEU I 110 3.54 17.11 20.23
C LEU I 110 4.90 17.74 20.64
N ALA I 111 5.66 18.15 19.65
CA ALA I 111 6.90 18.86 19.89
C ALA I 111 6.94 20.09 18.97
N ARG I 112 7.77 21.07 19.29
CA ARG I 112 7.95 22.22 18.39
C ARG I 112 9.24 22.04 17.66
N VAL I 113 9.22 22.20 16.35
CA VAL I 113 10.46 22.17 15.59
C VAL I 113 10.71 23.59 15.09
N VAL I 114 11.86 24.13 15.49
CA VAL I 114 12.24 25.48 15.13
C VAL I 114 12.97 25.40 13.78
N SER I 115 13.00 26.50 13.03
CA SER I 115 13.56 26.45 11.67
C SER I 115 15.08 26.19 11.59
N ASP I 116 15.81 26.30 12.71
CA ASP I 116 17.24 25.98 12.75
C ASP I 116 17.52 24.50 13.06
N GLY I 117 16.48 23.77 13.48
CA GLY I 117 16.59 22.33 13.64
C GLY I 117 16.48 21.96 15.10
N GLU I 118 16.27 22.97 15.91
CA GLU I 118 16.13 22.76 17.34
C GLU I 118 14.72 22.21 17.59
N VAL I 119 14.67 21.13 18.39
CA VAL I 119 13.40 20.52 18.73
C VAL I 119 13.10 20.73 20.19
N LEU I 120 11.96 21.35 20.47
CA LEU I 120 11.46 21.55 21.84
C LEU I 120 10.39 20.51 22.18
N TYR I 121 10.63 19.73 23.21
CA TYR I 121 9.67 18.71 23.59
C TYR I 121 9.50 18.78 25.11
N MET I 122 8.27 19.02 25.57
CA MET I 122 7.99 19.17 27.00
C MET I 122 6.72 18.46 27.41
N PRO I 123 6.80 17.17 27.67
CA PRO I 123 5.69 16.43 28.25
C PRO I 123 5.48 16.73 29.72
N SER I 124 4.23 16.91 30.14
CA SER I 124 3.94 16.83 31.55
C SER I 124 3.80 15.36 31.93
N ILE I 125 4.45 14.99 33.03
CA ILE I 125 4.56 13.60 33.40
C ILE I 125 4.19 13.44 34.85
N ARG I 126 3.46 12.37 35.16
CA ARG I 126 3.18 12.03 36.54
C ARG I 126 3.72 10.64 36.79
N GLN I 127 4.66 10.54 37.72
CA GLN I 127 5.38 9.29 37.91
C GLN I 127 5.67 9.02 39.39
N ARG I 128 5.94 7.77 39.70
CA ARG I 128 6.19 7.40 41.07
C ARG I 128 7.64 6.96 41.25
N PHE I 129 8.20 7.33 42.39
CA PHE I 129 9.63 7.09 42.61
C PHE I 129 9.92 6.47 43.95
N SER I 130 10.97 5.66 43.98
CA SER I 130 11.54 5.19 45.22
C SER I 130 12.72 6.06 45.58
N CYS I 131 12.57 6.91 46.58
CA CYS I 131 13.63 7.85 46.88
C CYS I 131 13.70 8.19 48.37
N ASP I 132 14.84 8.76 48.77
CA ASP I 132 15.03 9.26 50.13
C ASP I 132 13.87 10.20 50.52
N VAL I 133 12.96 9.72 51.38
CA VAL I 133 11.82 10.54 51.82
C VAL I 133 12.07 10.97 53.26
N SER I 134 13.21 10.52 53.79
CA SER I 134 13.56 10.74 55.19
C SER I 134 13.48 12.20 55.58
N GLY I 135 12.74 12.47 56.66
CA GLY I 135 12.69 13.80 57.24
C GLY I 135 11.78 14.81 56.55
N VAL I 136 10.81 14.31 55.78
CA VAL I 136 9.88 15.15 55.03
C VAL I 136 9.03 16.03 55.96
N ASP I 137 8.98 15.66 57.24
CA ASP I 137 8.14 16.37 58.22
C ASP I 137 8.94 17.37 59.05
N THR I 138 10.26 17.32 58.90
CA THR I 138 11.13 18.26 59.59
C THR I 138 11.47 19.45 58.69
N GLU I 139 11.96 20.52 59.30
CA GLU I 139 12.33 21.75 58.60
C GLU I 139 13.50 21.54 57.61
N SER I 140 14.20 20.42 57.73
CA SER I 140 15.24 20.10 56.75
C SER I 140 14.59 19.49 55.49
N GLY I 141 13.48 18.79 55.69
CA GLY I 141 12.75 18.25 54.58
C GLY I 141 13.18 16.85 54.19
N ALA I 142 12.67 16.38 53.06
CA ALA I 142 13.15 15.15 52.46
C ALA I 142 13.94 15.52 51.23
N THR I 143 14.76 14.60 50.75
CA THR I 143 15.52 14.89 49.56
C THR I 143 15.48 13.69 48.64
N CYS I 144 14.56 13.76 47.66
CA CYS I 144 14.41 12.72 46.66
C CYS I 144 15.27 12.97 45.42
N ARG I 145 16.13 12.02 45.06
CA ARG I 145 17.01 12.15 43.87
C ARG I 145 16.47 11.36 42.66
N ILE I 146 16.28 12.03 41.52
CA ILE I 146 15.77 11.33 40.36
C ILE I 146 16.75 11.32 39.20
N LYS I 147 17.19 10.11 38.86
CA LYS I 147 18.07 9.85 37.72
C LYS I 147 17.33 9.79 36.40
N ILE I 148 17.67 10.69 35.49
CA ILE I 148 17.08 10.65 34.17
C ILE I 148 18.15 10.53 33.10
N GLY I 149 18.14 9.41 32.37
CA GLY I 149 19.06 9.22 31.26
C GLY I 149 18.49 8.52 30.01
N SER I 150 19.31 8.52 28.97
CA SER I 150 19.12 7.66 27.81
C SER I 150 19.08 6.20 28.26
N TRP I 151 18.18 5.41 27.70
CA TRP I 151 18.07 4.03 28.14
C TRP I 151 19.02 3.11 27.37
N THR I 152 19.47 3.52 26.19
CA THR I 152 20.15 2.58 25.29
C THR I 152 21.35 3.19 24.61
N HIS I 153 21.46 4.51 24.66
CA HIS I 153 22.57 5.20 24.01
C HIS I 153 23.60 5.64 25.03
N HIS I 154 24.84 5.20 24.83
CA HIS I 154 25.95 5.63 25.70
C HIS I 154 26.51 6.98 25.29
N SER I 155 27.47 7.43 26.07
CA SER I 155 27.96 8.81 26.05
C SER I 155 28.36 9.33 24.69
N ARG I 156 28.81 8.44 23.80
CA ARG I 156 29.30 8.90 22.51
C ARG I 156 28.18 8.97 21.50
N GLU I 157 26.98 8.55 21.92
CA GLU I 157 25.79 8.69 21.08
C GLU I 157 24.88 9.79 21.61
N ILE I 158 24.61 9.80 22.92
CA ILE I 158 23.88 10.89 23.53
C ILE I 158 24.55 11.37 24.80
N SER I 159 24.85 12.66 24.85
CA SER I 159 25.30 13.26 26.08
C SER I 159 24.14 14.03 26.69
N VAL I 160 23.91 13.82 27.99
CA VAL I 160 22.82 14.48 28.67
C VAL I 160 23.33 15.69 29.44
N ASP I 161 22.62 16.82 29.33
CA ASP I 161 23.03 18.08 29.96
C ASP I 161 21.88 18.78 30.68
N PRO I 162 22.15 19.32 31.89
CA PRO I 162 21.18 20.21 32.54
C PRO I 162 21.47 21.69 32.29
N SER I 170 11.11 27.10 40.58
CA SER I 170 9.94 26.73 41.37
C SER I 170 8.69 27.52 40.95
N GLU I 171 8.77 28.18 39.80
CA GLU I 171 7.67 29.06 39.35
C GLU I 171 6.39 28.36 38.88
N TYR I 172 6.40 27.03 38.83
CA TYR I 172 5.29 26.27 38.26
C TYR I 172 4.63 25.33 39.26
N PHE I 173 5.19 25.30 40.48
CA PHE I 173 4.76 24.33 41.47
C PHE I 173 3.46 24.76 42.11
N SER I 174 2.53 23.82 42.19
CA SER I 174 1.18 24.10 42.66
C SER I 174 1.16 24.61 44.10
N GLN I 175 0.46 25.70 44.34
CA GLN I 175 0.39 26.25 45.70
C GLN I 175 -0.55 25.47 46.60
N TYR I 176 -1.47 24.70 46.03
CA TYR I 176 -2.40 23.97 46.89
C TYR I 176 -1.79 22.62 47.26
N SER I 177 -0.54 22.42 46.85
CA SER I 177 0.19 21.24 47.29
C SER I 177 0.30 21.15 48.81
N ARG I 178 0.21 19.95 49.37
CA ARG I 178 0.51 19.75 50.79
C ARG I 178 2.00 19.86 51.08
N PHE I 179 2.76 20.39 50.13
CA PHE I 179 4.20 20.42 50.26
C PHE I 179 4.69 21.72 49.68
N GLU I 180 5.90 22.11 50.06
CA GLU I 180 6.58 23.23 49.43
C GLU I 180 7.94 22.74 48.99
N ILE I 181 8.51 23.44 48.01
CA ILE I 181 9.83 23.13 47.50
C ILE I 181 10.87 24.00 48.17
N LEU I 182 11.90 23.38 48.75
CA LEU I 182 12.97 24.12 49.40
C LEU I 182 14.02 24.44 48.36
N ASP I 183 14.58 23.39 47.75
CA ASP I 183 15.52 23.58 46.66
C ASP I 183 15.32 22.52 45.57
N VAL I 184 15.76 22.82 44.36
CA VAL I 184 15.88 21.83 43.30
C VAL I 184 17.20 22.04 42.56
N THR I 185 18.10 21.06 42.61
CA THR I 185 19.37 21.15 41.90
C THR I 185 19.47 20.01 40.91
N GLN I 186 20.21 20.26 39.84
CA GLN I 186 20.36 19.30 38.76
C GLN I 186 21.84 19.21 38.47
N LYS I 187 22.38 17.99 38.42
CA LYS I 187 23.77 17.88 38.07
C LYS I 187 24.01 16.74 37.09
N LYS I 188 24.96 16.97 36.18
CA LYS I 188 25.47 15.93 35.30
C LYS I 188 26.04 14.80 36.14
N ASN I 189 26.20 13.64 35.53
CA ASN I 189 26.69 12.46 36.20
C ASN I 189 26.88 11.46 35.10
N SER I 190 27.86 10.57 35.25
CA SER I 190 28.14 9.57 34.25
C SER I 190 28.42 8.28 34.97
N VAL I 191 27.59 7.29 34.68
CA VAL I 191 27.53 6.07 35.44
C VAL I 191 28.04 4.90 34.59
N THR I 192 28.69 3.93 35.23
CA THR I 192 29.24 2.78 34.51
C THR I 192 28.98 1.49 35.28
N TYR I 193 28.61 0.43 34.57
CA TYR I 193 28.25 -0.83 35.19
C TYR I 193 29.27 -1.94 34.96
N SER I 194 29.32 -2.89 35.90
CA SER I 194 30.03 -4.15 35.73
C SER I 194 29.74 -4.76 34.36
N CYS I 195 28.48 -4.65 33.95
CA CYS I 195 28.04 -4.88 32.57
C CYS I 195 29.02 -4.55 31.41
N CYS I 196 29.25 -3.27 31.15
CA CYS I 196 29.85 -2.87 29.88
C CYS I 196 30.91 -1.77 29.98
N PRO I 197 31.78 -1.67 28.96
CA PRO I 197 32.89 -0.72 29.05
C PRO I 197 32.44 0.74 28.94
N GLU I 198 31.33 0.98 28.27
CA GLU I 198 30.86 2.34 28.04
C GLU I 198 30.19 2.97 29.26
N ALA I 199 30.31 4.29 29.34
CA ALA I 199 29.68 5.07 30.40
C ALA I 199 28.41 5.74 29.87
N TYR I 200 27.32 5.62 30.62
CA TYR I 200 26.04 6.20 30.19
C TYR I 200 25.76 7.47 31.00
N GLU I 201 25.69 8.61 30.31
CA GLU I 201 25.43 9.90 30.97
C GLU I 201 23.98 9.99 31.46
N ASP I 202 23.77 10.80 32.50
CA ASP I 202 22.44 11.04 33.04
C ASP I 202 22.37 12.40 33.72
N VAL I 203 21.16 12.84 34.01
CA VAL I 203 20.95 14.02 34.83
C VAL I 203 20.28 13.64 36.13
N GLU I 204 20.89 14.01 37.24
CA GLU I 204 20.27 13.75 38.51
C GLU I 204 19.60 14.99 39.02
N VAL I 205 18.38 14.84 39.50
CA VAL I 205 17.61 15.98 39.93
C VAL I 205 17.34 15.80 41.38
N SER I 206 17.78 16.76 42.17
CA SER I 206 17.66 16.65 43.62
C SER I 206 16.59 17.58 44.12
N LEU I 207 15.54 16.98 44.66
CA LEU I 207 14.36 17.67 45.10
C LEU I 207 14.27 17.67 46.61
N ASN I 208 14.51 18.82 47.24
CA ASN I 208 14.38 18.97 48.68
C ASN I 208 13.05 19.67 48.98
N PHE I 209 12.23 19.02 49.79
CA PHE I 209 10.85 19.44 50.00
C PHE I 209 10.36 19.02 51.39
N ARG I 210 9.31 19.66 51.88
CA ARG I 210 8.75 19.29 53.17
C ARG I 210 7.27 19.63 53.23
N LYS I 211 6.54 18.94 54.12
CA LYS I 211 5.16 19.26 54.39
C LYS I 211 5.07 20.70 54.90
N LYS I 212 4.09 21.44 54.41
CA LYS I 212 3.92 22.84 54.76
C LYS I 212 3.39 22.94 56.18
N GLY I 213 3.35 24.16 56.72
CA GLY I 213 2.86 24.40 58.08
C GLY I 213 3.89 24.10 59.16
N ASP J 7 28.41 8.61 12.85
CA ASP J 7 28.04 8.53 11.44
C ASP J 7 26.56 8.16 11.31
N LYS J 8 25.74 9.16 11.00
CA LYS J 8 24.29 9.01 10.97
C LYS J 8 23.76 8.20 9.78
N LEU J 9 24.35 8.43 8.62
CA LEU J 9 23.83 7.82 7.42
C LEU J 9 24.35 6.38 7.35
N ASP J 10 25.44 6.13 8.06
CA ASP J 10 25.86 4.75 8.26
C ASP J 10 24.78 4.07 9.08
N ARG J 11 24.18 4.83 10.00
CA ARG J 11 23.26 4.25 10.97
C ARG J 11 21.89 3.98 10.36
N ALA J 12 21.45 4.82 9.43
CA ALA J 12 20.15 4.64 8.82
C ALA J 12 20.20 3.40 7.94
N ASP J 13 21.37 3.17 7.34
CA ASP J 13 21.58 2.04 6.46
C ASP J 13 21.70 0.74 7.21
N ILE J 14 22.13 0.81 8.45
CA ILE J 14 22.24 -0.39 9.26
C ILE J 14 20.81 -0.83 9.60
N LEU J 15 20.00 0.14 10.02
CA LEU J 15 18.65 -0.12 10.45
C LEU J 15 17.81 -0.61 9.27
N TYR J 16 18.11 -0.09 8.07
CA TYR J 16 17.53 -0.55 6.83
C TYR J 16 17.94 -1.98 6.50
N ASN J 17 19.23 -2.29 6.66
CA ASN J 17 19.67 -3.68 6.53
C ASN J 17 18.93 -4.60 7.51
N ILE J 18 18.81 -4.15 8.76
CA ILE J 18 18.18 -4.99 9.77
C ILE J 18 16.72 -5.21 9.39
N ARG J 19 16.04 -4.16 8.97
CA ARG J 19 14.62 -4.31 8.69
C ARG J 19 14.35 -5.21 7.47
N GLN J 20 15.35 -5.40 6.62
CA GLN J 20 15.16 -6.27 5.47
C GLN J 20 15.56 -7.72 5.75
N THR J 21 16.39 -7.93 6.75
CA THR J 21 16.83 -9.27 7.11
C THR J 21 16.04 -9.81 8.28
N SER J 22 15.56 -8.90 9.11
CA SER J 22 14.82 -9.26 10.32
C SER J 22 13.50 -9.96 9.99
N ARG J 23 13.28 -11.09 10.65
CA ARG J 23 12.00 -11.73 10.58
C ARG J 23 11.48 -11.75 12.02
N PRO J 24 10.70 -10.72 12.36
CA PRO J 24 10.21 -10.47 13.71
C PRO J 24 9.37 -11.59 14.32
N ASP J 25 8.83 -12.51 13.52
CA ASP J 25 8.04 -13.61 14.09
C ASP J 25 8.67 -14.99 13.94
N VAL J 26 9.85 -15.06 13.34
CA VAL J 26 10.49 -16.35 13.12
C VAL J 26 11.73 -16.48 13.99
N ILE J 27 11.86 -17.60 14.70
CA ILE J 27 13.00 -17.74 15.60
C ILE J 27 14.28 -17.83 14.78
N PRO J 28 15.34 -17.16 15.24
CA PRO J 28 16.65 -17.13 14.59
C PRO J 28 17.46 -18.38 14.87
N THR J 29 16.82 -19.53 14.74
CA THR J 29 17.51 -20.80 14.73
C THR J 29 18.37 -20.92 13.47
N GLN J 30 19.63 -20.60 13.74
CA GLN J 30 20.82 -20.81 12.94
C GLN J 30 21.04 -22.33 13.00
N ARG J 31 22.19 -22.85 12.58
CA ARG J 31 22.61 -24.15 13.14
C ARG J 31 21.71 -25.40 12.89
N ASP J 32 20.40 -25.19 12.74
CA ASP J 32 19.37 -26.20 12.98
C ASP J 32 19.59 -26.66 14.45
N ARG J 33 19.91 -25.69 15.30
CA ARG J 33 20.06 -25.88 16.75
C ARG J 33 19.26 -24.78 17.44
N PRO J 34 18.99 -24.91 18.74
CA PRO J 34 18.10 -23.93 19.38
C PRO J 34 18.67 -22.50 19.48
N VAL J 35 17.82 -21.54 19.82
CA VAL J 35 18.30 -20.21 20.07
C VAL J 35 18.66 -20.08 21.55
N ALA J 36 19.93 -19.80 21.78
CA ALA J 36 20.45 -19.61 23.12
C ALA J 36 19.96 -18.28 23.65
N VAL J 37 19.10 -18.33 24.64
CA VAL J 37 18.60 -17.13 25.28
C VAL J 37 19.19 -17.04 26.67
N SER J 38 19.84 -15.92 26.97
CA SER J 38 20.43 -15.77 28.28
C SER J 38 19.60 -14.75 29.05
N VAL J 39 19.15 -15.12 30.23
CA VAL J 39 18.35 -14.20 31.02
C VAL J 39 18.90 -14.03 32.42
N SER J 40 18.91 -12.78 32.89
CA SER J 40 19.48 -12.44 34.17
C SER J 40 18.78 -11.22 34.75
N LEU J 41 18.12 -11.40 35.90
CA LEU J 41 17.36 -10.32 36.52
C LEU J 41 18.21 -9.53 37.50
N LYS J 42 18.19 -8.21 37.37
CA LYS J 42 18.85 -7.35 38.34
C LYS J 42 17.79 -6.53 39.05
N PHE J 43 17.49 -6.89 40.29
CA PHE J 43 16.41 -6.25 41.03
C PHE J 43 16.75 -4.81 41.36
N ILE J 44 15.72 -3.97 41.41
CA ILE J 44 15.91 -2.53 41.56
C ILE J 44 15.11 -2.04 42.74
N ASN J 45 14.19 -2.87 43.21
CA ASN J 45 13.36 -2.55 44.38
C ASN J 45 12.32 -3.60 44.69
N ILE J 46 11.92 -3.63 45.97
CA ILE J 46 10.87 -4.51 46.45
C ILE J 46 9.85 -3.64 47.16
N LEU J 47 8.79 -3.26 46.47
CA LEU J 47 7.89 -2.23 46.96
C LEU J 47 6.88 -2.73 47.98
N GLU J 48 6.35 -3.93 47.76
CA GLU J 48 5.29 -4.45 48.61
C GLU J 48 5.44 -5.95 48.80
N VAL J 49 5.33 -6.34 50.06
CA VAL J 49 5.40 -7.72 50.46
C VAL J 49 4.12 -8.04 51.20
N ASN J 50 3.47 -9.16 50.88
CA ASN J 50 2.28 -9.55 51.64
C ASN J 50 2.35 -10.99 52.15
N GLU J 51 2.53 -11.13 53.47
CA GLU J 51 2.88 -12.41 54.07
C GLU J 51 1.68 -13.34 54.22
N ILE J 52 0.49 -12.75 54.28
CA ILE J 52 -0.72 -13.56 54.41
C ILE J 52 -1.18 -14.11 53.04
N THR J 53 -0.81 -13.42 51.95
CA THR J 53 -1.26 -13.85 50.62
C THR J 53 -0.13 -14.47 49.81
N ASN J 54 1.09 -14.36 50.33
CA ASN J 54 2.29 -14.80 49.60
C ASN J 54 2.46 -14.08 48.25
N GLU J 55 2.51 -12.76 48.27
CA GLU J 55 2.69 -11.98 47.05
C GLU J 55 3.75 -10.91 47.22
N VAL J 56 4.60 -10.75 46.22
CA VAL J 56 5.55 -9.65 46.26
C VAL J 56 5.41 -8.78 45.02
N ASP J 57 5.58 -7.49 45.22
CA ASP J 57 5.47 -6.51 44.16
C ASP J 57 6.85 -5.95 43.91
N VAL J 58 7.54 -6.50 42.91
CA VAL J 58 8.94 -6.14 42.67
C VAL J 58 9.25 -5.53 41.31
N VAL J 59 10.32 -4.74 41.28
CA VAL J 59 10.74 -4.04 40.09
C VAL J 59 12.12 -4.47 39.72
N PHE J 60 12.31 -4.95 38.50
CA PHE J 60 13.61 -5.44 38.13
C PHE J 60 13.99 -5.13 36.68
N TRP J 61 15.29 -5.20 36.41
CA TRP J 61 15.85 -5.01 35.10
C TRP J 61 16.12 -6.36 34.47
N GLN J 62 15.54 -6.65 33.31
CA GLN J 62 15.68 -7.98 32.77
C GLN J 62 16.67 -8.04 31.62
N GLN J 63 17.94 -8.28 31.95
CA GLN J 63 18.99 -8.43 30.93
C GLN J 63 18.73 -9.64 30.07
N THR J 64 18.41 -9.41 28.82
CA THR J 64 18.07 -10.48 27.91
C THR J 64 19.01 -10.37 26.74
N THR J 65 19.65 -11.48 26.40
CA THR J 65 20.54 -11.50 25.26
C THR J 65 20.40 -12.78 24.49
N TRP J 66 20.57 -12.65 23.19
CA TRP J 66 20.56 -13.80 22.31
C TRP J 66 21.20 -13.34 21.01
N SER J 67 21.48 -14.27 20.13
CA SER J 67 22.10 -13.90 18.87
C SER J 67 21.17 -14.15 17.68
N ASP J 68 21.44 -13.44 16.59
CA ASP J 68 20.86 -13.69 15.27
C ASP J 68 21.90 -13.22 14.25
N ARG J 69 22.76 -14.15 13.84
CA ARG J 69 23.94 -13.79 13.07
C ARG J 69 23.59 -13.30 11.64
N THR J 70 22.35 -13.52 11.19
CA THR J 70 21.96 -12.92 9.91
C THR J 70 21.91 -11.40 10.01
N LEU J 71 21.67 -10.87 11.22
CA LEU J 71 21.53 -9.43 11.42
C LEU J 71 22.86 -8.72 11.33
N ALA J 72 23.92 -9.50 11.26
CA ALA J 72 25.28 -8.98 11.37
C ALA J 72 25.74 -8.12 10.15
N TRP J 73 26.74 -7.29 10.42
CA TRP J 73 27.41 -6.49 9.40
C TRP J 73 28.88 -6.34 9.73
N ASN J 74 29.66 -5.80 8.80
CA ASN J 74 31.10 -5.68 9.01
C ASN J 74 31.37 -4.23 9.47
N SER J 75 31.73 -4.10 10.75
CA SER J 75 31.78 -2.82 11.44
C SER J 75 33.09 -2.02 11.30
N SER J 76 33.98 -2.49 10.42
CA SER J 76 35.31 -1.91 10.28
C SER J 76 35.31 -0.39 10.11
N HIS J 77 34.34 0.12 9.37
CA HIS J 77 34.23 1.55 9.15
C HIS J 77 32.80 2.00 9.39
N SER J 78 32.17 1.35 10.34
CA SER J 78 30.74 1.52 10.62
C SER J 78 30.50 1.45 12.13
N PRO J 79 29.40 2.05 12.61
CA PRO J 79 29.10 1.95 14.03
C PRO J 79 28.94 0.48 14.42
N ASP J 80 29.34 0.11 15.64
CA ASP J 80 29.45 -1.30 15.99
C ASP J 80 28.20 -1.81 16.69
N GLN J 81 27.39 -0.89 17.20
CA GLN J 81 26.08 -1.20 17.77
C GLN J 81 25.07 -0.14 17.36
N VAL J 82 23.78 -0.50 17.31
CA VAL J 82 22.73 0.52 17.19
C VAL J 82 21.51 0.20 18.05
N SER J 83 20.74 1.22 18.38
CA SER J 83 19.43 1.03 19.01
C SER J 83 18.37 0.69 17.95
N VAL J 84 17.51 -0.27 18.26
CA VAL J 84 16.50 -0.72 17.31
C VAL J 84 15.20 -1.05 18.04
N PRO J 85 14.09 -0.40 17.64
CA PRO J 85 12.75 -0.71 18.16
C PRO J 85 12.46 -2.20 18.08
N ILE J 86 11.93 -2.79 19.14
CA ILE J 86 11.81 -4.25 19.16
C ILE J 86 10.71 -4.79 18.26
N SER J 87 9.84 -3.92 17.75
CA SER J 87 8.85 -4.38 16.80
C SER J 87 9.52 -4.81 15.50
N SER J 88 10.73 -4.31 15.26
CA SER J 88 11.55 -4.71 14.12
C SER J 88 12.35 -5.99 14.38
N LEU J 89 12.37 -6.49 15.61
CA LEU J 89 13.18 -7.66 15.89
C LEU J 89 12.34 -8.82 16.41
N TRP J 90 12.80 -10.04 16.19
CA TRP J 90 12.32 -11.17 16.94
C TRP J 90 12.80 -10.99 18.37
N VAL J 91 11.97 -11.36 19.34
CA VAL J 91 12.38 -11.42 20.74
C VAL J 91 11.84 -12.68 21.37
N PRO J 92 12.55 -13.20 22.39
CA PRO J 92 11.98 -14.39 23.05
C PRO J 92 10.62 -14.08 23.71
N ASP J 93 9.68 -15.00 23.55
CA ASP J 93 8.39 -14.87 24.23
C ASP J 93 8.52 -15.31 25.68
N LEU J 94 9.36 -14.60 26.43
CA LEU J 94 9.56 -14.91 27.84
C LEU J 94 8.29 -14.65 28.65
N ALA J 95 8.04 -15.51 29.62
CA ALA J 95 6.99 -15.21 30.59
C ALA J 95 7.38 -15.69 31.98
N ALA J 96 6.88 -15.02 33.00
CA ALA J 96 7.03 -15.54 34.36
C ALA J 96 5.85 -16.45 34.66
N TYR J 97 6.12 -17.71 34.99
CA TYR J 97 5.07 -18.73 35.17
C TYR J 97 4.25 -18.49 36.43
N ASN J 98 4.82 -17.77 37.40
CA ASN J 98 4.06 -17.52 38.64
C ASN J 98 3.77 -16.04 38.86
N ALA J 99 3.80 -15.27 37.78
CA ALA J 99 3.26 -13.90 37.79
C ALA J 99 1.77 -13.87 38.11
N ILE J 100 1.31 -12.73 38.62
CA ILE J 100 -0.11 -12.53 38.90
C ILE J 100 -0.54 -11.15 38.48
N SER J 101 0.36 -10.46 37.80
CA SER J 101 0.08 -9.18 37.15
C SER J 101 0.70 -9.25 35.76
N LYS J 102 0.33 -8.37 34.81
CA LYS J 102 1.07 -8.39 33.54
C LYS J 102 2.34 -7.58 33.71
N PRO J 103 3.38 -7.93 32.92
CA PRO J 103 4.63 -7.19 33.08
C PRO J 103 4.49 -5.75 32.62
N GLU J 104 4.24 -4.84 33.55
CA GLU J 104 4.33 -3.40 33.35
C GLU J 104 5.76 -2.98 32.93
N VAL J 105 5.93 -2.46 31.71
CA VAL J 105 7.25 -2.06 31.22
C VAL J 105 7.49 -0.54 31.29
N LEU J 106 8.51 -0.16 32.04
CA LEU J 106 8.67 1.25 32.42
C LEU J 106 9.64 2.02 31.54
N THR J 107 10.18 1.34 30.50
CA THR J 107 11.28 1.89 29.73
C THR J 107 10.99 1.92 28.24
N PRO J 108 11.69 2.77 27.49
CA PRO J 108 11.67 2.70 26.01
C PRO J 108 11.92 1.28 25.53
N GLN J 109 11.00 0.75 24.76
CA GLN J 109 11.15 -0.61 24.25
C GLN J 109 12.11 -0.62 23.07
N LEU J 110 13.41 -0.45 23.36
CA LEU J 110 14.46 -0.58 22.35
C LEU J 110 15.40 -1.73 22.71
N ALA J 111 16.15 -2.17 21.71
CA ALA J 111 17.18 -3.19 21.88
C ALA J 111 18.46 -2.69 21.25
N ARG J 112 19.59 -3.24 21.67
CA ARG J 112 20.86 -2.95 21.00
C ARG J 112 21.23 -4.10 20.08
N VAL J 113 21.49 -3.80 18.81
CA VAL J 113 21.92 -4.85 17.92
C VAL J 113 23.40 -4.60 17.64
N VAL J 114 24.21 -5.58 18.03
CA VAL J 114 25.66 -5.48 17.97
C VAL J 114 26.05 -6.01 16.60
N SER J 115 27.10 -5.42 16.01
CA SER J 115 27.48 -5.71 14.64
C SER J 115 27.76 -7.19 14.42
N ASP J 116 28.08 -7.90 15.52
CA ASP J 116 28.34 -9.33 15.45
C ASP J 116 27.04 -10.13 15.53
N GLY J 117 25.91 -9.43 15.61
CA GLY J 117 24.62 -10.09 15.57
C GLY J 117 24.00 -10.46 16.92
N GLU J 118 24.67 -10.11 18.02
CA GLU J 118 24.03 -10.31 19.31
C GLU J 118 23.05 -9.19 19.57
N VAL J 119 21.90 -9.56 20.12
CA VAL J 119 20.88 -8.61 20.53
C VAL J 119 20.85 -8.48 22.07
N LEU J 120 20.86 -7.24 22.54
CA LEU J 120 20.83 -6.95 23.96
C LEU J 120 19.55 -6.21 24.29
N TYR J 121 18.69 -6.84 25.06
CA TYR J 121 17.44 -6.23 25.47
C TYR J 121 17.32 -6.27 27.01
N MET J 122 16.92 -5.15 27.60
CA MET J 122 16.86 -5.02 29.06
C MET J 122 15.82 -4.01 29.51
N PRO J 123 14.54 -4.45 29.53
CA PRO J 123 13.41 -3.66 30.00
C PRO J 123 13.32 -3.64 31.53
N SER J 124 12.92 -2.49 32.08
CA SER J 124 12.60 -2.41 33.50
C SER J 124 11.15 -2.84 33.71
N ILE J 125 10.98 -3.97 34.38
CA ILE J 125 9.66 -4.55 34.60
C ILE J 125 9.19 -4.46 36.04
N ARG J 126 7.99 -3.91 36.26
CA ARG J 126 7.31 -4.06 37.54
C ARG J 126 6.20 -5.11 37.44
N GLN J 127 6.32 -6.17 38.23
CA GLN J 127 5.36 -7.28 38.16
C GLN J 127 5.07 -7.85 39.55
N ARG J 128 3.83 -8.26 39.78
CA ARG J 128 3.44 -8.88 41.04
CA ARG J 128 3.47 -8.89 41.06
C ARG J 128 3.54 -10.41 40.92
N PHE J 129 3.88 -11.09 42.01
CA PHE J 129 4.10 -12.54 41.94
C PHE J 129 3.48 -13.30 43.06
N SER J 130 3.43 -14.62 42.90
CA SER J 130 3.05 -15.50 43.98
C SER J 130 4.27 -16.32 44.37
N CYS J 131 4.93 -15.90 45.43
CA CYS J 131 6.10 -16.63 45.93
C CYS J 131 6.11 -16.67 47.45
N ASP J 132 7.08 -17.41 47.99
CA ASP J 132 7.13 -17.66 49.41
C ASP J 132 7.68 -16.45 50.20
N VAL J 133 6.89 -15.98 51.15
CA VAL J 133 7.26 -14.78 51.86
C VAL J 133 7.68 -15.14 53.29
N SER J 134 7.32 -16.34 53.73
CA SER J 134 7.66 -16.80 55.09
C SER J 134 9.13 -16.49 55.43
N GLY J 135 9.33 -15.88 56.59
CA GLY J 135 10.67 -15.59 57.07
C GLY J 135 11.13 -14.20 56.70
N VAL J 136 10.24 -13.42 56.08
CA VAL J 136 10.55 -12.05 55.66
C VAL J 136 11.02 -11.20 56.85
N ASP J 137 10.52 -11.54 58.03
CA ASP J 137 10.84 -10.81 59.25
C ASP J 137 11.91 -11.48 60.10
N THR J 138 12.65 -12.43 59.54
CA THR J 138 13.74 -13.05 60.28
C THR J 138 15.10 -12.63 59.74
N GLU J 139 16.17 -13.13 60.33
CA GLU J 139 17.52 -12.84 59.84
C GLU J 139 17.80 -13.65 58.57
N SER J 140 17.33 -14.88 58.53
CA SER J 140 17.57 -15.74 57.38
C SER J 140 16.74 -15.26 56.17
N GLY J 141 15.69 -14.48 56.43
CA GLY J 141 14.92 -13.82 55.38
C GLY J 141 14.03 -14.74 54.54
N ALA J 142 13.16 -14.13 53.75
CA ALA J 142 12.30 -14.86 52.83
C ALA J 142 13.07 -15.32 51.59
N THR J 143 12.70 -16.46 51.02
CA THR J 143 13.20 -16.83 49.71
C THR J 143 12.04 -16.92 48.72
N CYS J 144 12.12 -16.11 47.68
CA CYS J 144 11.04 -16.00 46.71
C CYS J 144 11.52 -16.41 45.33
N ARG J 145 10.89 -17.43 44.76
CA ARG J 145 11.33 -18.02 43.51
C ARG J 145 10.48 -17.52 42.35
N ILE J 146 11.16 -16.98 41.33
CA ILE J 146 10.48 -16.58 40.12
C ILE J 146 11.00 -17.40 38.94
N LYS J 147 10.11 -18.13 38.31
CA LYS J 147 10.50 -19.05 37.26
C LYS J 147 10.15 -18.42 35.90
N ILE J 148 11.17 -18.18 35.09
CA ILE J 148 11.01 -17.50 33.82
C ILE J 148 11.48 -18.33 32.63
N GLY J 149 10.63 -18.47 31.61
CA GLY J 149 10.95 -19.25 30.42
C GLY J 149 10.14 -18.89 29.18
N SER J 150 10.40 -19.56 28.07
CA SER J 150 9.66 -19.32 26.81
C SER J 150 8.28 -19.88 26.90
N TRP J 151 7.30 -19.11 26.45
CA TRP J 151 5.91 -19.48 26.66
C TRP J 151 5.45 -20.57 25.70
N THR J 152 5.97 -20.55 24.48
CA THR J 152 5.46 -21.42 23.42
C THR J 152 6.56 -22.25 22.80
N HIS J 153 7.82 -21.90 23.08
CA HIS J 153 8.93 -22.67 22.52
C HIS J 153 9.54 -23.63 23.52
N HIS J 154 9.51 -24.92 23.20
CA HIS J 154 10.16 -25.90 24.06
C HIS J 154 11.68 -25.81 23.88
N SER J 155 12.37 -26.88 24.26
CA SER J 155 13.80 -26.88 24.53
C SER J 155 14.69 -26.95 23.30
N ARG J 156 14.21 -27.58 22.23
CA ARG J 156 15.06 -27.71 21.04
C ARG J 156 14.99 -26.47 20.17
N GLU J 157 14.09 -25.56 20.52
CA GLU J 157 13.94 -24.30 19.81
C GLU J 157 14.52 -23.13 20.58
N ILE J 158 14.33 -23.16 21.91
CA ILE J 158 14.79 -22.09 22.78
C ILE J 158 15.40 -22.67 24.05
N SER J 159 16.66 -22.33 24.31
CA SER J 159 17.25 -22.66 25.61
C SER J 159 17.43 -21.40 26.45
N VAL J 160 17.03 -21.46 27.70
CA VAL J 160 17.17 -20.30 28.57
C VAL J 160 18.20 -20.62 29.63
N ASP J 161 19.35 -19.97 29.57
CA ASP J 161 20.42 -20.22 30.52
C ASP J 161 20.87 -18.93 31.17
N PRO J 162 21.18 -18.98 32.48
CA PRO J 162 21.59 -17.79 33.24
C PRO J 162 23.08 -17.55 33.14
N THR J 163 23.52 -16.34 33.45
CA THR J 163 24.94 -16.01 33.43
C THR J 163 25.37 -15.34 34.73
N SER J 167 24.83 -13.56 42.85
CA SER J 167 25.05 -12.14 43.13
C SER J 167 24.17 -11.65 44.26
N ASP J 168 24.34 -10.40 44.64
CA ASP J 168 23.51 -9.77 45.66
C ASP J 168 22.81 -8.50 45.14
N ASP J 169 23.00 -8.22 43.86
CA ASP J 169 22.38 -7.07 43.21
C ASP J 169 22.73 -5.77 43.91
N SER J 170 23.96 -5.72 44.41
CA SER J 170 24.46 -4.56 45.14
C SER J 170 24.53 -3.30 44.29
N GLU J 171 24.78 -3.45 42.99
CA GLU J 171 24.97 -2.30 42.11
C GLU J 171 23.67 -1.79 41.50
N TYR J 172 22.59 -2.57 41.66
CA TYR J 172 21.33 -2.21 41.03
C TYR J 172 20.20 -1.94 42.03
N PHE J 173 20.26 -2.56 43.20
CA PHE J 173 19.15 -2.44 44.14
C PHE J 173 19.03 -1.04 44.77
N SER J 174 17.81 -0.66 45.11
CA SER J 174 17.55 0.67 45.66
C SER J 174 17.89 0.73 47.13
N GLN J 175 18.63 1.74 47.56
CA GLN J 175 18.97 1.85 48.96
C GLN J 175 17.77 2.27 49.84
N TYR J 176 16.70 2.79 49.24
CA TYR J 176 15.56 3.30 50.02
C TYR J 176 14.43 2.32 50.18
N SER J 177 14.64 1.10 49.68
CA SER J 177 13.69 0.03 49.89
C SER J 177 13.56 -0.28 51.37
N ARG J 178 12.34 -0.57 51.82
CA ARG J 178 12.11 -1.09 53.17
C ARG J 178 12.82 -2.43 53.40
N PHE J 179 13.29 -3.04 52.32
CA PHE J 179 13.81 -4.40 52.37
C PHE J 179 15.25 -4.45 51.88
N GLU J 180 15.92 -5.56 52.15
CA GLU J 180 17.31 -5.67 51.79
C GLU J 180 17.56 -7.04 51.19
N ILE J 181 18.51 -7.09 50.27
CA ILE J 181 18.82 -8.31 49.57
C ILE J 181 19.91 -9.08 50.29
N LEU J 182 19.66 -10.36 50.55
CA LEU J 182 20.65 -11.23 51.14
C LEU J 182 21.41 -11.90 50.03
N ASP J 183 20.66 -12.39 49.04
CA ASP J 183 21.27 -13.13 47.94
C ASP J 183 20.31 -13.31 46.76
N VAL J 184 20.89 -13.52 45.58
CA VAL J 184 20.11 -13.91 44.41
C VAL J 184 20.82 -15.06 43.72
N THR J 185 20.10 -16.14 43.41
CA THR J 185 20.70 -17.22 42.65
C THR J 185 19.77 -17.63 41.50
N GLN J 186 20.34 -17.64 40.31
CA GLN J 186 19.61 -17.96 39.10
C GLN J 186 20.15 -19.27 38.54
N LYS J 187 19.48 -20.36 38.83
CA LYS J 187 19.87 -21.66 38.32
C LYS J 187 18.92 -22.11 37.22
N LYS J 188 19.47 -22.73 36.19
CA LYS J 188 18.67 -23.25 35.10
C LYS J 188 17.82 -24.40 35.63
N ASN J 189 16.64 -24.60 35.05
CA ASN J 189 15.77 -25.68 35.48
C ASN J 189 14.92 -26.20 34.32
N SER J 190 14.55 -27.47 34.37
CA SER J 190 13.73 -28.06 33.31
C SER J 190 12.30 -28.33 33.76
N VAL J 191 11.37 -27.97 32.87
CA VAL J 191 9.96 -28.16 33.15
C VAL J 191 9.30 -29.07 32.11
N THR J 192 8.73 -30.18 32.58
CA THR J 192 7.92 -31.05 31.73
C THR J 192 6.54 -31.10 32.37
N TYR J 193 5.51 -31.29 31.56
CA TYR J 193 4.17 -31.43 32.09
C TYR J 193 3.58 -32.80 31.76
N SER J 194 2.64 -33.23 32.59
CA SER J 194 2.01 -34.56 32.51
C SER J 194 1.03 -34.69 31.35
N CYS J 195 1.14 -33.81 30.37
CA CYS J 195 0.12 -33.64 29.35
C CYS J 195 0.75 -33.50 27.97
N CYS J 196 1.99 -33.04 27.98
CA CYS J 196 2.67 -32.59 26.78
C CYS J 196 4.10 -33.10 26.81
N PRO J 197 4.61 -33.53 25.64
CA PRO J 197 5.85 -34.30 25.59
C PRO J 197 7.05 -33.45 25.98
N GLU J 198 7.33 -32.47 25.13
CA GLU J 198 8.51 -31.63 25.15
C GLU J 198 8.69 -30.81 26.41
N ALA J 199 9.81 -31.03 27.10
CA ALA J 199 10.16 -30.23 28.27
C ALA J 199 10.59 -28.82 27.90
N TYR J 200 10.41 -27.89 28.83
CA TYR J 200 10.72 -26.47 28.64
C TYR J 200 11.89 -25.98 29.49
N GLU J 201 12.73 -25.12 28.90
CA GLU J 201 13.88 -24.56 29.61
C GLU J 201 13.58 -23.17 30.14
N ASP J 202 13.75 -23.03 31.45
CA ASP J 202 13.51 -21.78 32.13
C ASP J 202 14.67 -21.44 33.06
N VAL J 203 14.57 -20.29 33.72
CA VAL J 203 15.51 -20.00 34.79
C VAL J 203 14.78 -19.63 36.08
N GLU J 204 14.80 -20.55 37.03
CA GLU J 204 14.29 -20.28 38.37
C GLU J 204 15.23 -19.29 39.02
N VAL J 205 14.68 -18.14 39.42
CA VAL J 205 15.44 -17.11 40.11
C VAL J 205 15.08 -17.04 41.59
N SER J 206 16.10 -17.13 42.44
CA SER J 206 15.91 -17.23 43.88
C SER J 206 16.26 -15.92 44.54
N LEU J 207 15.25 -15.27 45.08
CA LEU J 207 15.41 -13.97 45.71
C LEU J 207 15.29 -14.11 47.22
N ASN J 208 16.42 -14.07 47.90
CA ASN J 208 16.47 -14.07 49.36
C ASN J 208 16.58 -12.65 49.89
N PHE J 209 15.62 -12.28 50.72
CA PHE J 209 15.48 -10.91 51.18
C PHE J 209 14.74 -10.90 52.51
N ARG J 210 14.97 -9.85 53.29
CA ARG J 210 14.24 -9.66 54.54
C ARG J 210 13.94 -8.19 54.70
N LYS J 211 13.09 -7.86 55.67
CA LYS J 211 12.86 -6.46 56.03
C LYS J 211 14.02 -5.93 56.85
N LYS J 212 14.32 -4.64 56.69
CA LYS J 212 15.35 -3.95 57.46
C LYS J 212 14.96 -3.83 58.94
N GLY J 213 15.93 -4.01 59.83
CA GLY J 213 15.72 -3.72 61.25
C GLY J 213 15.29 -4.90 62.11
N ARG J 214 16.21 -5.40 62.92
CA ARG J 214 16.01 -6.74 63.55
C ARG J 214 14.89 -6.77 64.60
C10 6GK K . -14.07 -20.80 -28.44
C13 6GK K . -15.49 -18.19 -29.59
C15 6GK K . -15.94 -16.53 -31.31
C17 6GK K . -13.85 -16.51 -30.12
C20 6GK K . -12.06 -17.11 -26.33
C21 6GK K . -11.43 -17.56 -25.15
C22 6GK K . -11.98 -18.62 -24.46
C01 6GK K . -11.28 -26.49 -28.58
O01 6GK K . -11.84 -25.17 -28.43
C02 6GK K . -11.15 -24.44 -27.50
C07 6GK K . -10.20 -25.03 -26.67
C06 6GK K . -9.51 -24.29 -25.72
C05 6GK K . -9.79 -22.93 -25.62
C04 6GK K . -10.74 -22.33 -26.44
C03 6GK K . -11.44 -23.08 -27.38
C08 6GK K . -12.35 -22.42 -28.19
C11 6GK K . -13.19 -21.46 -27.62
N01 6GK K . -12.42 -22.64 -29.51
C09 6GK K . -13.28 -21.96 -30.28
N02 6GK K . -13.34 -22.19 -31.58
N03 6GK K . -14.10 -21.06 -29.75
N04 6GK K . -14.91 -19.88 -27.97
C18 6GK K . -14.91 -19.45 -26.55
C19 6GK K . -13.74 -18.79 -26.11
N06 6GK K . -13.22 -17.75 -26.78
C23 6GK K . -13.13 -19.24 -24.94
C12 6GK K . -15.94 -19.30 -28.85
N05 6GK K . -14.27 -17.64 -29.38
C16 6GK K . -14.68 -15.96 -31.10
C14 6GK K . -16.33 -17.63 -30.56
C1 NAG L . -22.12 -28.19 -3.75
C2 NAG L . -21.87 -29.55 -3.09
C3 NAG L . -23.16 -30.38 -3.12
C4 NAG L . -24.32 -29.60 -2.51
C5 NAG L . -24.43 -28.20 -3.11
C6 NAG L . -25.41 -27.32 -2.37
C7 NAG L . -20.72 -30.67 -4.98
C8 NAG L . -19.47 -31.39 -5.39
N2 NAG L . -20.76 -30.25 -3.70
O3 NAG L . -22.94 -31.60 -2.41
O4 NAG L . -25.54 -30.30 -2.71
O5 NAG L . -23.18 -27.52 -3.07
O6 NAG L . -24.80 -26.09 -2.01
O7 NAG L . -21.65 -30.48 -5.75
P PO4 M . -16.54 -11.71 -15.74
O1 PO4 M . -15.47 -11.86 -14.68
O2 PO4 M . -17.88 -11.55 -15.07
O3 PO4 M . -16.55 -12.96 -16.59
O4 PO4 M . -16.23 -10.49 -16.58
P PO4 N . 7.66 -22.03 -11.89
O1 PO4 N . 8.57 -23.25 -12.10
O2 PO4 N . 8.35 -21.09 -10.92
O3 PO4 N . 6.31 -22.46 -11.33
O4 PO4 N . 7.42 -21.37 -13.22
C10 6GK O . 18.23 -24.33 -23.01
C13 6GK O . 15.24 -25.20 -24.04
C15 6GK O . 13.39 -25.53 -25.56
C17 6GK O . 14.19 -23.33 -25.10
C20 6GK O . 15.27 -21.05 -21.67
C21 6GK O . 15.71 -20.36 -20.53
C22 6GK O . 16.47 -21.04 -19.58
C01 6GK O . 24.06 -24.26 -22.55
O01 6GK O . 23.22 -23.35 -23.26
C02 6GK O . 22.67 -22.44 -22.40
C07 6GK O . 23.50 -21.59 -21.69
C06 6GK O . 22.91 -20.66 -20.83
C05 6GK O . 21.53 -20.59 -20.67
C04 6GK O . 20.71 -21.45 -21.39
C03 6GK O . 21.26 -22.40 -22.26
C08 6GK O . 20.35 -23.20 -22.93
C11 6GK O . 19.15 -23.56 -22.31
N01 6GK O . 20.57 -23.61 -24.20
C09 6GK O . 19.67 -24.38 -24.85
N02 6GK O . 19.91 -24.78 -26.10
N03 6GK O . 18.53 -24.73 -24.27
N04 6GK O . 17.06 -24.75 -22.47
C18 6GK O . 16.67 -24.40 -21.09
C19 6GK O . 16.34 -23.06 -20.92
N06 6GK O . 15.61 -22.41 -21.84
C23 6GK O . 16.78 -22.38 -19.78
C12 6GK O . 16.20 -25.75 -23.16
N05 6GK O . 15.16 -23.88 -24.25
C16 6GK O . 13.31 -24.16 -25.78
C14 6GK O . 14.37 -26.03 -24.70
C1 NAG P . 20.26 -30.04 3.13
C2 NAG P . 21.56 -30.13 3.94
C3 NAG P . 21.85 -31.58 4.35
C4 NAG P . 20.64 -32.18 5.06
C5 NAG P . 19.38 -32.00 4.21
C6 NAG P . 18.12 -32.47 4.90
C7 NAG P . 23.19 -28.37 3.42
C8 NAG P . 24.36 -27.97 2.56
N2 NAG P . 22.68 -29.59 3.19
O3 NAG P . 22.99 -31.62 5.19
O4 NAG P . 20.84 -33.56 5.31
O5 NAG P . 19.20 -30.61 3.89
O6 NAG P . 17.95 -33.86 4.78
O7 NAG P . 22.74 -27.63 4.28
C10 6GK Q . 31.38 5.61 -21.21
C13 6GK Q . 31.35 2.39 -21.83
C15 6GK Q . 31.35 0.38 -23.21
C17 6GK Q . 29.33 1.60 -22.77
C20 6GK Q . 27.15 3.86 -20.09
C21 6GK Q . 26.55 4.70 -19.18
C22 6GK Q . 27.34 5.41 -18.29
C01 6GK Q . 32.67 11.87 -21.70
O01 6GK Q . 32.23 10.50 -21.71
C02 6GK Q . 31.01 10.39 -21.09
C07 6GK Q . 30.35 11.51 -20.59
C06 6GK Q . 29.13 11.36 -19.98
C05 6GK Q . 28.54 10.11 -19.88
C04 6GK Q . 29.20 9.00 -20.38
C03 6GK Q . 30.45 9.13 -20.96
C08 6GK Q . 30.98 7.95 -21.45
C11 6GK Q . 30.88 6.80 -20.69
N01 6GK Q . 31.52 7.90 -22.68
C09 6GK Q . 32.00 6.74 -23.16
N02 6GK Q . 32.55 6.71 -24.36
N03 6GK Q . 31.94 5.63 -22.43
N04 6GK Q . 31.34 4.46 -20.53
C18 6GK Q . 30.72 4.30 -19.19
C19 6GK Q . 29.32 4.42 -19.18
N06 6GK Q . 28.55 3.73 -20.06
C23 6GK Q . 28.73 5.28 -18.27
C12 6GK Q . 32.10 3.28 -21.04
N05 6GK Q . 30.03 2.52 -21.99
C16 6GK Q . 29.98 0.53 -23.39
C14 6GK Q . 32.01 1.32 -22.43
C1 NAG R . 34.95 9.96 4.97
C2 NAG R . 35.56 11.20 5.64
C3 NAG R . 36.90 10.84 6.29
C4 NAG R . 36.75 9.64 7.21
C5 NAG R . 36.14 8.48 6.42
C6 NAG R . 35.91 7.24 7.27
C7 NAG R . 36.46 12.27 3.60
C8 NAG R . 36.47 13.51 2.77
N2 NAG R . 35.70 12.30 4.71
O3 NAG R . 37.41 11.96 7.01
O4 NAG R . 38.01 9.22 7.72
O5 NAG R . 34.86 8.89 5.92
O6 NAG R . 34.94 6.38 6.67
O7 NAG R . 37.11 11.28 3.28
P PO4 S . 24.56 -1.76 -9.38
O1 PO4 S . 24.75 -3.03 -8.59
O2 PO4 S . 25.86 -1.00 -9.47
O3 PO4 S . 24.04 -2.08 -10.77
O4 PO4 S . 23.52 -0.92 -8.69
P PO4 T . 10.84 20.86 -11.86
O1 PO4 T . 9.56 20.49 -11.16
O2 PO4 T . 11.29 19.76 -12.80
O3 PO4 T . 11.87 21.06 -10.78
O4 PO4 T . 10.66 22.14 -12.63
C10 6GK U . 7.34 27.38 -25.46
C13 6GK U . 10.25 26.34 -25.61
C15 6GK U . 11.79 25.73 -27.35
C17 6GK U . 10.39 24.06 -26.40
C20 6GK U . 7.30 23.05 -23.88
C21 6GK U . 6.19 22.79 -23.10
C22 6GK U . 5.66 23.83 -22.34
C01 6GK U . 2.45 30.60 -27.28
O01 6GK U . 3.45 29.67 -26.87
C02 6GK U . 2.87 28.60 -26.24
C07 6GK U . 1.51 28.52 -25.94
C06 6GK U . 1.00 27.40 -25.30
C05 6GK U . 1.85 26.35 -24.94
C04 6GK U . 3.21 26.43 -25.24
C03 6GK U . 3.73 27.56 -25.89
C08 6GK U . 5.08 27.62 -26.17
C11 6GK U . 5.99 27.34 -25.16
N01 6GK U . 5.51 27.92 -27.40
C09 6GK U . 6.82 27.94 -27.65
N02 6GK U . 7.25 28.22 -28.87
N03 6GK U . 7.73 27.69 -26.70
N04 6GK U . 8.26 27.11 -24.51
C18 6GK U . 7.91 26.62 -23.16
C19 6GK U . 7.34 25.34 -23.16
N06 6GK U . 7.85 24.33 -23.88
C23 6GK U . 6.23 25.10 -22.37
C12 6GK U . 9.70 27.31 -24.77
N05 6GK U . 9.85 25.05 -25.57
C16 6GK U . 11.37 24.40 -27.30
C14 6GK U . 11.24 26.69 -26.51
C10 6GK V . -20.75 10.87 -29.87
C13 6GK V . -18.66 13.22 -30.17
C15 6GK V . -16.74 14.58 -30.80
C17 6GK V . -16.68 12.20 -30.97
C20 6GK V . -16.94 10.15 -27.48
C21 6GK V . -17.15 9.23 -26.47
C22 6GK V . -18.38 9.15 -25.82
C01 6GK V . -25.29 6.93 -31.26
O01 6GK V . -24.09 7.64 -30.96
C02 6GK V . -23.31 6.92 -30.09
C07 6GK V . -23.71 5.69 -29.60
C06 6GK V . -22.91 4.98 -28.72
C05 6GK V . -21.68 5.51 -28.35
C04 6GK V . -21.28 6.74 -28.84
C03 6GK V . -22.10 7.46 -29.71
C08 6GK V . -21.64 8.69 -30.20
C11 6GK V . -21.22 9.68 -29.32
N01 6GK V . -21.57 8.91 -31.54
C09 6GK V . -21.10 10.07 -32.05
N02 6GK V . -21.04 10.27 -33.37
N03 6GK V . -20.72 11.04 -31.21
N04 6GK V . -20.34 11.88 -29.09
C18 6GK V . -20.23 11.80 -27.63
C19 6GK V . -19.17 10.94 -27.25
N06 6GK V . -17.98 11.01 -27.86
C23 6GK V . -19.40 10.01 -26.23
C12 6GK V . -19.98 13.18 -29.69
N05 6GK V . -17.98 12.12 -30.49
C16 6GK V . -16.04 13.43 -31.13
C14 6GK V . -18.04 14.48 -30.32
C1 NAG W . 1.42 37.09 -1.50
C2 NAG W . 0.06 37.77 -1.17
C3 NAG W . 0.32 39.02 -0.29
C4 NAG W . 1.20 38.70 0.90
C5 NAG W . 2.51 38.11 0.41
C6 NAG W . 3.42 37.69 1.53
C7 NAG W . -0.31 39.02 -3.26
C8 NAG W . -1.25 39.23 -4.41
N2 NAG W . -0.69 38.11 -2.34
O3 NAG W . -0.95 39.53 0.15
O4 NAG W . 1.47 39.87 1.66
O5 NAG W . 2.22 36.91 -0.35
O6 NAG W . 3.16 36.33 1.84
O7 NAG W . 0.75 39.66 -3.17
P PO4 X . -14.66 14.63 -16.02
O1 PO4 X . -14.99 13.58 -14.98
O2 PO4 X . -13.39 14.25 -16.72
O3 PO4 X . -14.51 15.96 -15.31
O4 PO4 X . -15.78 14.72 -17.05
C1 NAG Y . -33.45 12.13 -6.06
C2 NAG Y . -34.30 13.35 -6.42
C3 NAG Y . -35.68 13.25 -5.74
C4 NAG Y . -36.29 11.87 -5.87
C5 NAG Y . -35.29 10.75 -5.61
C6 NAG Y . -35.83 9.37 -5.95
C7 NAG Y . -33.28 14.95 -4.83
C8 NAG Y . -32.60 16.27 -4.70
N2 NAG Y . -33.63 14.59 -6.08
O3 NAG Y . -36.55 14.23 -6.30
O4 NAG Y . -37.34 11.73 -4.92
O5 NAG Y . -34.12 10.95 -6.42
O6 NAG Y . -35.19 8.83 -7.10
O7 NAG Y . -33.50 14.22 -3.86
C10 6GK Z . 1.43 -26.53 27.11
C13 6GK Z . 4.14 -25.14 28.14
C15 6GK Z . 5.47 -24.14 29.88
C17 6GK Z . 3.70 -22.90 28.89
C20 6GK Z . 1.54 -22.30 25.18
C21 6GK Z . 0.81 -22.20 24.00
C22 6GK Z . 0.73 -23.34 23.18
C01 6GK Z . -3.20 -30.44 27.01
O01 6GK Z . -2.78 -29.15 27.44
C02 6GK Z . -3.01 -28.22 26.47
C07 6GK Z . -4.16 -28.25 25.69
C06 6GK Z . -4.36 -27.28 24.71
C05 6GK Z . -3.41 -26.28 24.51
C04 6GK Z . -2.26 -26.25 25.29
C03 6GK Z . -2.04 -27.22 26.26
C08 6GK Z . -0.87 -27.11 27.01
C11 6GK Z . 0.28 -26.67 26.37
N01 6GK Z . -0.83 -27.36 28.32
C09 6GK Z . 0.30 -27.23 29.02
N02 6GK Z . 0.32 -27.50 30.31
N03 6GK Z . 1.41 -26.83 28.41
N04 6GK Z . 2.58 -26.14 26.55
C18 6GK Z . 2.68 -25.78 25.13
C19 6GK Z . 2.06 -24.59 24.78
N06 6GK Z . 2.16 -23.51 25.55
C23 6GK Z . 1.35 -24.52 23.57
C12 6GK Z . 3.87 -26.23 27.30
N05 6GK Z . 3.43 -24.00 28.07
C16 6GK Z . 4.74 -22.97 29.82
C14 6GK Z . 5.18 -25.23 29.05
C1 NAG AA . 4.83 -36.05 2.08
C2 NAG AA . 4.10 -36.83 0.99
C3 NAG AA . 4.85 -38.11 0.64
C4 NAG AA . 6.30 -37.80 0.28
C5 NAG AA . 6.95 -37.03 1.43
C6 NAG AA . 8.36 -36.58 1.12
C7 NAG AA . 1.66 -36.48 0.92
C8 NAG AA . 0.33 -36.93 1.44
N2 NAG AA . 2.73 -37.13 1.39
O3 NAG AA . 4.22 -38.80 -0.43
O4 NAG AA . 7.04 -39.00 0.05
O5 NAG AA . 6.20 -35.83 1.68
O6 NAG AA . 9.04 -37.49 0.26
O7 NAG AA . 1.77 -35.55 0.12
P PO4 BA . 8.40 -19.53 15.11
O1 PO4 BA . 8.28 -20.80 15.92
O2 PO4 BA . 8.14 -18.32 15.99
O3 PO4 BA . 7.39 -19.56 13.98
O4 PO4 BA . 9.81 -19.40 14.57
P PO4 CA . -17.51 -15.90 10.73
O1 PO4 CA . -16.85 -15.55 12.05
O2 PO4 CA . -16.72 -16.95 10.01
O3 PO4 CA . -18.93 -16.41 10.90
O4 PO4 CA . -17.57 -14.66 9.89
P PO4 DA . -12.07 -16.25 29.08
O1 PO4 DA . -11.93 -17.56 29.81
O2 PO4 DA . -11.46 -15.13 29.91
O3 PO4 DA . -13.54 -15.92 28.97
O4 PO4 DA . -11.42 -16.28 27.71
C10 6GK EA . -28.03 -13.14 21.72
C13 6GK EA . -25.97 -15.37 22.78
C15 6GK EA . -24.70 -16.67 24.38
C17 6GK EA . -24.23 -14.35 24.04
C20 6GK EA . -23.60 -11.87 20.77
C21 6GK EA . -23.55 -10.94 19.72
C22 6GK EA . -24.51 -11.00 18.72
C01 6GK EA . -33.07 -9.21 21.86
O01 6GK EA . -31.91 -10.06 21.69
C02 6GK EA . -30.93 -9.37 21.08
C07 6GK EA . -31.18 -8.15 20.45
C06 6GK EA . -30.15 -7.47 19.83
C05 6GK EA . -28.87 -8.00 19.85
C04 6GK EA . -28.61 -9.21 20.48
C03 6GK EA . -29.65 -9.92 21.09
C08 6GK EA . -29.28 -11.11 21.70
C11 6GK EA . -28.41 -11.98 21.06
N01 6GK EA . -29.70 -11.39 22.95
C09 6GK EA . -29.31 -12.51 23.56
N02 6GK EA . -29.73 -12.77 24.77
N03 6GK EA . -28.51 -13.39 22.95
N04 6GK EA . -27.21 -14.04 21.16
C18 6GK EA . -26.55 -13.87 19.85
C19 6GK EA . -25.54 -12.91 19.82
N06 6GK EA . -24.60 -12.85 20.80
C23 6GK EA . -25.50 -11.99 18.78
C12 6GK EA . -26.99 -15.34 21.82
N05 6GK EA . -25.25 -14.28 23.09
C16 6GK EA . -23.96 -15.54 24.68
C14 6GK EA . -25.70 -16.56 23.42
C10 6GK FA . -24.30 19.33 21.70
C13 6GK FA . -25.76 16.62 22.13
C15 6GK FA . -26.61 15.42 24.03
C17 6GK FA . -24.43 14.93 23.19
C20 6GK FA . -21.24 16.03 20.45
C21 6GK FA . -20.22 16.56 19.67
C22 6GK FA . -20.52 17.63 18.84
C01 6GK FA . -22.75 25.22 22.82
O01 6GK FA . -22.89 23.81 22.61
C02 6GK FA . -21.76 23.28 22.05
C07 6GK FA . -20.64 24.02 21.66
C06 6GK FA . -19.53 23.40 21.11
C05 6GK FA . -19.51 22.02 20.91
C04 6GK FA . -20.63 21.28 21.31
C03 6GK FA . -21.76 21.91 21.87
C08 6GK FA . -22.84 21.11 22.23
C11 6GK FA . -23.27 20.15 21.33
N01 6GK FA . -23.45 21.24 23.41
C09 6GK FA . -24.47 20.42 23.74
N02 6GK FA . -25.07 20.54 24.92
N03 6GK FA . -24.89 19.50 22.90
N04 6GK FA . -24.73 18.38 20.86
C18 6GK FA . -24.09 18.17 19.54
C19 6GK FA . -22.81 17.62 19.60
N06 6GK FA . -22.54 16.58 20.39
C23 6GK FA . -21.81 18.17 18.81
C12 6GK FA . -25.94 17.58 21.13
N05 6GK FA . -24.63 15.91 22.19
C16 6GK FA . -25.42 14.69 24.11
C14 6GK FA . -26.77 16.38 23.04
C1 NAG GA . -31.96 -16.40 -4.53
C2 NAG GA . -33.36 -15.88 -4.83
C3 NAG GA . -34.26 -17.02 -5.30
C4 NAG GA . -33.63 -17.77 -6.46
C5 NAG GA . -32.23 -18.23 -6.06
C6 NAG GA . -31.48 -18.93 -7.17
C7 NAG GA . -34.45 -14.00 -3.69
C8 NAG GA . -34.40 -13.28 -4.99
N2 NAG GA . -33.93 -15.24 -3.66
O3 NAG GA . -35.53 -16.49 -5.70
O4 NAG GA . -34.42 -18.89 -6.80
O5 NAG GA . -31.45 -17.09 -5.68
O6 NAG GA . -31.23 -20.28 -6.84
O7 NAG GA . -34.93 -13.49 -2.67
C1 NAG HA . -24.83 26.83 -4.04
C2 NAG HA . -24.21 28.05 -4.75
C3 NAG HA . -25.30 28.84 -5.49
C4 NAG HA . -26.04 27.93 -6.45
C5 NAG HA . -26.68 26.79 -5.65
C6 NAG HA . -27.42 25.80 -6.52
C7 NAG HA . -22.56 29.80 -4.23
C8 NAG HA . -21.89 30.57 -3.14
N2 NAG HA . -23.48 28.90 -3.84
O3 NAG HA . -24.69 29.92 -6.21
O4 NAG HA . -27.06 28.63 -7.16
O5 NAG HA . -25.64 26.06 -4.97
O6 NAG HA . -26.59 24.70 -6.84
O7 NAG HA . -22.31 29.99 -5.42
P PO4 IA . -21.92 10.37 9.31
O1 PO4 IA . -21.58 9.31 10.32
O2 PO4 IA . -22.62 11.54 9.97
O3 PO4 IA . -22.82 9.77 8.26
O4 PO4 IA . -20.67 10.86 8.63
C10 6GK JA . 7.45 26.04 26.83
C13 6GK JA . 4.52 26.34 27.29
C15 6GK JA . 3.69 25.83 29.52
C17 6GK JA . 3.03 24.50 27.63
C20 6GK JA . 5.32 22.55 24.97
C21 6GK JA . 6.12 21.91 24.03
C22 6GK JA . 7.03 22.62 23.26
C01 6GK JA . 13.44 26.13 28.58
O01 6GK JA . 12.10 25.95 28.09
C02 6GK JA . 11.97 24.77 27.40
C07 6GK JA . 13.07 24.01 27.05
C06 6GK JA . 12.91 22.83 26.34
C05 6GK JA . 11.63 22.40 26.00
C04 6GK JA . 10.53 23.16 26.35
C03 6GK JA . 10.70 24.34 27.05
C08 6GK JA . 9.54 25.05 27.39
C11 6GK JA . 8.60 25.37 26.42
N01 6GK JA . 9.33 25.37 28.68
C09 6GK JA . 8.22 26.01 29.05
N02 6GK JA . 8.02 26.33 30.34
N03 6GK JA . 7.32 26.34 28.13
N04 6GK JA . 6.48 26.40 25.98
C18 6GK JA . 6.47 26.03 24.54
C19 6GK JA . 6.33 24.64 24.36
N06 6GK JA . 5.46 23.94 25.12
C23 6GK JA . 7.13 24.00 23.43
C12 6GK JA . 5.30 27.14 26.45
N05 6GK JA . 3.82 25.30 26.80
C16 6GK JA . 2.95 24.76 28.99
C14 6GK JA . 4.44 26.62 28.66
C1 NAG KA . 17.59 31.58 2.47
C2 NAG KA . 17.42 33.10 2.47
C3 NAG KA . 18.57 33.76 1.70
C4 NAG KA . 19.91 33.23 2.17
C5 NAG KA . 19.91 31.70 2.21
C6 NAG KA . 21.17 31.09 2.77
C7 NAG KA . 15.75 33.32 0.65
C8 NAG KA . 14.37 33.80 0.31
N2 NAG KA . 16.13 33.50 1.94
O3 NAG KA . 18.52 35.18 1.85
O4 NAG KA . 20.93 33.65 1.26
O5 NAG KA . 18.84 31.24 3.03
O6 NAG KA . 21.02 29.69 2.93
O7 NAG KA . 16.49 32.79 -0.17
P PO4 LA . 1.14 22.94 13.05
O1 PO4 LA . 0.45 21.90 13.90
O2 PO4 LA . 2.31 22.30 12.34
O3 PO4 LA . 1.62 24.08 13.93
O4 PO4 LA . 0.20 23.49 12.01
C10 6GK MA . 23.15 -2.18 30.23
C13 6GK MA . 22.57 0.90 30.93
C15 6GK MA . 21.77 2.79 32.21
C17 6GK MA . 20.22 1.18 31.33
C20 6GK MA . 19.37 -0.90 27.64
C21 6GK MA . 19.24 -1.83 26.62
C22 6GK MA . 20.39 -2.42 26.11
C01 6GK MA . 24.74 -8.20 31.26
O01 6GK MA . 24.24 -6.88 30.97
C02 6GK MA . 23.33 -6.94 29.96
C07 6GK MA . 23.05 -8.13 29.28
C06 6GK MA . 22.12 -8.14 28.25
C05 6GK MA . 21.46 -6.97 27.90
C04 6GK MA . 21.74 -5.78 28.59
C03 6GK MA . 22.69 -5.75 29.61
C08 6GK MA . 22.89 -4.55 30.27
C11 6GK MA . 22.99 -3.36 29.53
N01 6GK MA . 22.94 -4.50 31.62
C09 6GK MA . 23.10 -3.34 32.27
N02 6GK MA . 23.16 -3.32 33.60
N03 6GK MA . 23.21 -2.19 31.58
N04 6GK MA . 23.25 -1.01 29.61
C18 6GK MA . 23.03 -0.82 28.16
C19 6GK MA . 21.74 -1.14 27.68
N06 6GK MA . 20.63 -0.55 28.16
C23 6GK MA . 21.63 -2.06 26.64
C12 6GK MA . 23.66 0.20 30.37
N05 6GK MA . 21.30 0.46 30.78
C16 6GK MA . 20.45 2.35 32.06
C14 6GK MA . 22.81 2.07 31.64
C1 NAG NA . 35.32 -5.48 6.48
C2 NAG NA . 36.32 -6.59 6.19
C3 NAG NA . 37.74 -6.01 6.12
C4 NAG NA . 37.78 -4.89 5.08
C5 NAG NA . 36.73 -3.84 5.41
C6 NAG NA . 36.60 -2.78 4.35
C7 NAG NA . 35.57 -8.80 6.96
C8 NAG NA . 34.83 -8.91 5.66
N2 NAG NA . 36.26 -7.67 7.16
O3 NAG NA . 38.68 -7.03 5.84
O4 NAG NA . 39.07 -4.28 5.05
O5 NAG NA . 35.43 -4.45 5.50
O6 NAG NA . 35.28 -2.72 3.83
O7 NAG NA . 35.53 -9.69 7.80
P PO4 OA . 19.88 4.34 16.47
O1 PO4 OA . 20.74 3.47 17.38
O2 PO4 OA . 18.76 5.02 17.25
O3 PO4 OA . 19.23 3.48 15.41
O4 PO4 OA . 20.81 5.36 15.85
#